data_5IXU
# 
_entry.id   5IXU 
# 
_audit_conform.dict_name       mmcif_pdbx.dic 
_audit_conform.dict_version    5.379 
_audit_conform.dict_location   http://mmcif.pdb.org/dictionaries/ascii/mmcif_pdbx.dic 
# 
loop_
_database_2.database_id 
_database_2.database_code 
_database_2.pdbx_database_accession 
_database_2.pdbx_DOI 
PDB   5IXU         pdb_00005ixu 10.2210/pdb5ixu/pdb 
WWPDB D_1000219633 ?            ?                   
# 
_pdbx_database_related.content_type   unspecified 
_pdbx_database_related.db_id          SSGCID-BuxeA.00127.a 
_pdbx_database_related.db_name        TargetTrack 
_pdbx_database_related.details        . 
# 
_pdbx_database_status.status_code                     REL 
_pdbx_database_status.status_code_sf                  REL 
_pdbx_database_status.status_code_mr                  ? 
_pdbx_database_status.entry_id                        5IXU 
_pdbx_database_status.recvd_initial_deposition_date   2016-03-23 
_pdbx_database_status.SG_entry                        Y 
_pdbx_database_status.deposit_site                    RCSB 
_pdbx_database_status.process_site                    RCSB 
_pdbx_database_status.status_code_cs                  ? 
_pdbx_database_status.methods_development_category    ? 
_pdbx_database_status.pdb_format_compatible           Y 
_pdbx_database_status.status_code_nmr_data            ? 
# 
_audit_author.name           'Seattle Structural Genomics Center for Infectious Disease (SSGCID)' 
_audit_author.pdbx_ordinal   1 
# 
_citation.abstract                  ? 
_citation.abstract_id_CAS           ? 
_citation.book_id_ISBN              ? 
_citation.book_publisher            ? 
_citation.book_publisher_city       ? 
_citation.book_title                ? 
_citation.coordinate_linkage        ? 
_citation.country                   ? 
_citation.database_id_Medline       ? 
_citation.details                   ? 
_citation.id                        primary 
_citation.journal_abbrev            'to be published' 
_citation.journal_id_ASTM           ? 
_citation.journal_id_CSD            0353 
_citation.journal_id_ISSN           ? 
_citation.journal_full              ? 
_citation.journal_issue             ? 
_citation.journal_volume            ? 
_citation.language                  ? 
_citation.page_first                ? 
_citation.page_last                 ? 
_citation.title                     'Crystal structure of an uncharacterized protein from Burkholderia xenovorans' 
_citation.year                      ? 
_citation.database_id_CSD           ? 
_citation.pdbx_database_id_DOI      ? 
_citation.pdbx_database_id_PubMed   ? 
_citation.unpublished_flag          ? 
# 
loop_
_citation_author.citation_id 
_citation_author.name 
_citation_author.ordinal 
_citation_author.identifier_ORCID 
primary 'Mayclin, S.J.' 1 ? 
primary 'Delker, S.L.'  2 ? 
primary 'Lorimer, D.D.' 3 ? 
primary 'Edwards, T.E.' 4 ? 
# 
_cell.angle_alpha                  90.000 
_cell.angle_alpha_esd              ? 
_cell.angle_beta                   90.000 
_cell.angle_beta_esd               ? 
_cell.angle_gamma                  90.000 
_cell.angle_gamma_esd              ? 
_cell.entry_id                     5IXU 
_cell.details                      ? 
_cell.formula_units_Z              ? 
_cell.length_a                     94.620 
_cell.length_a_esd                 ? 
_cell.length_b                     94.620 
_cell.length_b_esd                 ? 
_cell.length_c                     94.620 
_cell.length_c_esd                 ? 
_cell.volume                       ? 
_cell.volume_esd                   ? 
_cell.Z_PDB                        24 
_cell.reciprocal_angle_alpha       ? 
_cell.reciprocal_angle_beta        ? 
_cell.reciprocal_angle_gamma       ? 
_cell.reciprocal_angle_alpha_esd   ? 
_cell.reciprocal_angle_beta_esd    ? 
_cell.reciprocal_angle_gamma_esd   ? 
_cell.reciprocal_length_a          ? 
_cell.reciprocal_length_b          ? 
_cell.reciprocal_length_c          ? 
_cell.reciprocal_length_a_esd      ? 
_cell.reciprocal_length_b_esd      ? 
_cell.reciprocal_length_c_esd      ? 
_cell.pdbx_unique_axis             ? 
# 
_symmetry.entry_id                         5IXU 
_symmetry.cell_setting                     ? 
_symmetry.Int_Tables_number                207 
_symmetry.space_group_name_Hall            ? 
_symmetry.space_group_name_H-M             'P 4 3 2' 
_symmetry.pdbx_full_space_group_name_H-M   ? 
# 
loop_
_entity.id 
_entity.type 
_entity.src_method 
_entity.pdbx_description 
_entity.formula_weight 
_entity.pdbx_number_of_molecules 
_entity.pdbx_ec 
_entity.pdbx_mutation 
_entity.pdbx_fragment 
_entity.details 
1 polymer     man 'Uncharacterized protein' 13747.516 1  ? ? ? ? 
2 non-polymer syn 'SULFATE ION'             96.063    1  ? ? ? ? 
3 water       nat water                     18.015    16 ? ? ? ? 
# 
_entity_poly.entity_id                      1 
_entity_poly.type                           'polypeptide(L)' 
_entity_poly.nstd_linkage                   no 
_entity_poly.nstd_monomer                   no 
_entity_poly.pdbx_seq_one_letter_code       
;MAHHHHHHMRGEDNMLVEMRTYRITAGKVPEFLKIYQDEGLGIITQYARLRGCWTQDSGTLNSVVFWWAYDDYSHRAAQR
ERLAADPQWQAFTPRIVPYLEHQESVFLVPAAFCPDV
;
_entity_poly.pdbx_seq_one_letter_code_can   
;MAHHHHHHMRGEDNMLVEMRTYRITAGKVPEFLKIYQDEGLGIITQYARLRGCWTQDSGTLNSVVFWWAYDDYSHRAAQR
ERLAADPQWQAFTPRIVPYLEHQESVFLVPAAFCPDV
;
_entity_poly.pdbx_strand_id                 A 
_entity_poly.pdbx_target_identifier         SSGCID-BuxeA.00127.a 
# 
loop_
_entity_poly_seq.entity_id 
_entity_poly_seq.num 
_entity_poly_seq.mon_id 
_entity_poly_seq.hetero 
1 1   MET n 
1 2   ALA n 
1 3   HIS n 
1 4   HIS n 
1 5   HIS n 
1 6   HIS n 
1 7   HIS n 
1 8   HIS n 
1 9   MET n 
1 10  ARG n 
1 11  GLY n 
1 12  GLU n 
1 13  ASP n 
1 14  ASN n 
1 15  MET n 
1 16  LEU n 
1 17  VAL n 
1 18  GLU n 
1 19  MET n 
1 20  ARG n 
1 21  THR n 
1 22  TYR n 
1 23  ARG n 
1 24  ILE n 
1 25  THR n 
1 26  ALA n 
1 27  GLY n 
1 28  LYS n 
1 29  VAL n 
1 30  PRO n 
1 31  GLU n 
1 32  PHE n 
1 33  LEU n 
1 34  LYS n 
1 35  ILE n 
1 36  TYR n 
1 37  GLN n 
1 38  ASP n 
1 39  GLU n 
1 40  GLY n 
1 41  LEU n 
1 42  GLY n 
1 43  ILE n 
1 44  ILE n 
1 45  THR n 
1 46  GLN n 
1 47  TYR n 
1 48  ALA n 
1 49  ARG n 
1 50  LEU n 
1 51  ARG n 
1 52  GLY n 
1 53  CYS n 
1 54  TRP n 
1 55  THR n 
1 56  GLN n 
1 57  ASP n 
1 58  SER n 
1 59  GLY n 
1 60  THR n 
1 61  LEU n 
1 62  ASN n 
1 63  SER n 
1 64  VAL n 
1 65  VAL n 
1 66  PHE n 
1 67  TRP n 
1 68  TRP n 
1 69  ALA n 
1 70  TYR n 
1 71  ASP n 
1 72  ASP n 
1 73  TYR n 
1 74  SER n 
1 75  HIS n 
1 76  ARG n 
1 77  ALA n 
1 78  ALA n 
1 79  GLN n 
1 80  ARG n 
1 81  GLU n 
1 82  ARG n 
1 83  LEU n 
1 84  ALA n 
1 85  ALA n 
1 86  ASP n 
1 87  PRO n 
1 88  GLN n 
1 89  TRP n 
1 90  GLN n 
1 91  ALA n 
1 92  PHE n 
1 93  THR n 
1 94  PRO n 
1 95  ARG n 
1 96  ILE n 
1 97  VAL n 
1 98  PRO n 
1 99  TYR n 
1 100 LEU n 
1 101 GLU n 
1 102 HIS n 
1 103 GLN n 
1 104 GLU n 
1 105 SER n 
1 106 VAL n 
1 107 PHE n 
1 108 LEU n 
1 109 VAL n 
1 110 PRO n 
1 111 ALA n 
1 112 ALA n 
1 113 PHE n 
1 114 CYS n 
1 115 PRO n 
1 116 ASP n 
1 117 VAL n 
# 
_entity_src_gen.entity_id                          1 
_entity_src_gen.pdbx_src_id                        1 
_entity_src_gen.pdbx_alt_source_flag               sample 
_entity_src_gen.pdbx_seq_type                      'Biological sequence' 
_entity_src_gen.pdbx_beg_seq_num                   1 
_entity_src_gen.pdbx_end_seq_num                   117 
_entity_src_gen.gene_src_common_name               ? 
_entity_src_gen.gene_src_genus                     ? 
_entity_src_gen.pdbx_gene_src_gene                 Bxe_B0070 
_entity_src_gen.gene_src_species                   ? 
_entity_src_gen.gene_src_strain                    LB400 
_entity_src_gen.gene_src_tissue                    ? 
_entity_src_gen.gene_src_tissue_fraction           ? 
_entity_src_gen.gene_src_details                   ? 
_entity_src_gen.pdbx_gene_src_fragment             ? 
_entity_src_gen.pdbx_gene_src_scientific_name      'Burkholderia xenovorans (strain LB400)' 
_entity_src_gen.pdbx_gene_src_ncbi_taxonomy_id     266265 
_entity_src_gen.pdbx_gene_src_variant              ? 
_entity_src_gen.pdbx_gene_src_cell_line            ? 
_entity_src_gen.pdbx_gene_src_atcc                 ? 
_entity_src_gen.pdbx_gene_src_organ                ? 
_entity_src_gen.pdbx_gene_src_organelle            ? 
_entity_src_gen.pdbx_gene_src_cell                 ? 
_entity_src_gen.pdbx_gene_src_cellular_location    ? 
_entity_src_gen.host_org_common_name               ? 
_entity_src_gen.pdbx_host_org_scientific_name      'Escherichia coli' 
_entity_src_gen.pdbx_host_org_ncbi_taxonomy_id     469008 
_entity_src_gen.host_org_genus                     ? 
_entity_src_gen.pdbx_host_org_gene                 ? 
_entity_src_gen.pdbx_host_org_organ                ? 
_entity_src_gen.host_org_species                   ? 
_entity_src_gen.pdbx_host_org_tissue               ? 
_entity_src_gen.pdbx_host_org_tissue_fraction      ? 
_entity_src_gen.pdbx_host_org_strain               'BL21(DE3)' 
_entity_src_gen.pdbx_host_org_variant              ? 
_entity_src_gen.pdbx_host_org_cell_line            ? 
_entity_src_gen.pdbx_host_org_atcc                 ? 
_entity_src_gen.pdbx_host_org_culture_collection   ? 
_entity_src_gen.pdbx_host_org_cell                 ? 
_entity_src_gen.pdbx_host_org_organelle            ? 
_entity_src_gen.pdbx_host_org_cellular_location    ? 
_entity_src_gen.pdbx_host_org_vector_type          plasmid 
_entity_src_gen.pdbx_host_org_vector               ? 
_entity_src_gen.host_org_details                   ? 
_entity_src_gen.expression_system_id               ? 
_entity_src_gen.plasmid_name                       BuxeA.00127.a.B1 
_entity_src_gen.plasmid_details                    ? 
_entity_src_gen.pdbx_description                   ? 
# 
_struct_ref.id                         1 
_struct_ref.db_name                    UNP 
_struct_ref.db_code                    Q13J81_BURXL 
_struct_ref.pdbx_db_accession          Q13J81 
_struct_ref.pdbx_db_isoform            ? 
_struct_ref.entity_id                  1 
_struct_ref.pdbx_seq_one_letter_code   
;MRGEDNMLVEMRTYRITAGKVPEFLKIYQDEGLGIITQYARLRGCWTQDSGTLNSVVFWWAYDDYSHRAAQRERLAADPQ
WQAFTPRIVPYLEHQESVFLVPAAFCPDV
;
_struct_ref.pdbx_align_begin           1 
# 
_struct_ref_seq.align_id                      1 
_struct_ref_seq.ref_id                        1 
_struct_ref_seq.pdbx_PDB_id_code              5IXU 
_struct_ref_seq.pdbx_strand_id                A 
_struct_ref_seq.seq_align_beg                 9 
_struct_ref_seq.pdbx_seq_align_beg_ins_code   ? 
_struct_ref_seq.seq_align_end                 117 
_struct_ref_seq.pdbx_seq_align_end_ins_code   ? 
_struct_ref_seq.pdbx_db_accession             Q13J81 
_struct_ref_seq.db_align_beg                  1 
_struct_ref_seq.pdbx_db_align_beg_ins_code    ? 
_struct_ref_seq.db_align_end                  109 
_struct_ref_seq.pdbx_db_align_end_ins_code    ? 
_struct_ref_seq.pdbx_auth_seq_align_beg       1 
_struct_ref_seq.pdbx_auth_seq_align_end       109 
# 
loop_
_struct_ref_seq_dif.align_id 
_struct_ref_seq_dif.pdbx_pdb_id_code 
_struct_ref_seq_dif.mon_id 
_struct_ref_seq_dif.pdbx_pdb_strand_id 
_struct_ref_seq_dif.seq_num 
_struct_ref_seq_dif.pdbx_pdb_ins_code 
_struct_ref_seq_dif.pdbx_seq_db_name 
_struct_ref_seq_dif.pdbx_seq_db_accession_code 
_struct_ref_seq_dif.db_mon_id 
_struct_ref_seq_dif.pdbx_seq_db_seq_num 
_struct_ref_seq_dif.details 
_struct_ref_seq_dif.pdbx_auth_seq_num 
_struct_ref_seq_dif.pdbx_ordinal 
1 5IXU MET A 1 ? UNP Q13J81 ? ? 'expression tag' -7 1 
1 5IXU ALA A 2 ? UNP Q13J81 ? ? 'expression tag' -6 2 
1 5IXU HIS A 3 ? UNP Q13J81 ? ? 'expression tag' -5 3 
1 5IXU HIS A 4 ? UNP Q13J81 ? ? 'expression tag' -4 4 
1 5IXU HIS A 5 ? UNP Q13J81 ? ? 'expression tag' -3 5 
1 5IXU HIS A 6 ? UNP Q13J81 ? ? 'expression tag' -2 6 
1 5IXU HIS A 7 ? UNP Q13J81 ? ? 'expression tag' -1 7 
1 5IXU HIS A 8 ? UNP Q13J81 ? ? 'expression tag' 0  8 
# 
loop_
_chem_comp.id 
_chem_comp.type 
_chem_comp.mon_nstd_flag 
_chem_comp.name 
_chem_comp.pdbx_synonyms 
_chem_comp.formula 
_chem_comp.formula_weight 
ALA 'L-peptide linking' y ALANINE         ? 'C3 H7 N O2'     89.093  
ARG 'L-peptide linking' y ARGININE        ? 'C6 H15 N4 O2 1' 175.209 
ASN 'L-peptide linking' y ASPARAGINE      ? 'C4 H8 N2 O3'    132.118 
ASP 'L-peptide linking' y 'ASPARTIC ACID' ? 'C4 H7 N O4'     133.103 
CYS 'L-peptide linking' y CYSTEINE        ? 'C3 H7 N O2 S'   121.158 
GLN 'L-peptide linking' y GLUTAMINE       ? 'C5 H10 N2 O3'   146.144 
GLU 'L-peptide linking' y 'GLUTAMIC ACID' ? 'C5 H9 N O4'     147.129 
GLY 'peptide linking'   y GLYCINE         ? 'C2 H5 N O2'     75.067  
HIS 'L-peptide linking' y HISTIDINE       ? 'C6 H10 N3 O2 1' 156.162 
HOH non-polymer         . WATER           ? 'H2 O'           18.015  
ILE 'L-peptide linking' y ISOLEUCINE      ? 'C6 H13 N O2'    131.173 
LEU 'L-peptide linking' y LEUCINE         ? 'C6 H13 N O2'    131.173 
LYS 'L-peptide linking' y LYSINE          ? 'C6 H15 N2 O2 1' 147.195 
MET 'L-peptide linking' y METHIONINE      ? 'C5 H11 N O2 S'  149.211 
PHE 'L-peptide linking' y PHENYLALANINE   ? 'C9 H11 N O2'    165.189 
PRO 'L-peptide linking' y PROLINE         ? 'C5 H9 N O2'     115.130 
SER 'L-peptide linking' y SERINE          ? 'C3 H7 N O3'     105.093 
SO4 non-polymer         . 'SULFATE ION'   ? 'O4 S -2'        96.063  
THR 'L-peptide linking' y THREONINE       ? 'C4 H9 N O3'     119.119 
TRP 'L-peptide linking' y TRYPTOPHAN      ? 'C11 H12 N2 O2'  204.225 
TYR 'L-peptide linking' y TYROSINE        ? 'C9 H11 N O3'    181.189 
VAL 'L-peptide linking' y VALINE          ? 'C5 H11 N O2'    117.146 
# 
_exptl.absorpt_coefficient_mu     ? 
_exptl.absorpt_correction_T_max   ? 
_exptl.absorpt_correction_T_min   ? 
_exptl.absorpt_correction_type    ? 
_exptl.absorpt_process_details    ? 
_exptl.entry_id                   5IXU 
_exptl.crystals_number            1 
_exptl.details                    ? 
_exptl.method                     'X-RAY DIFFRACTION' 
_exptl.method_details             ? 
# 
_exptl_crystal.colour                      ? 
_exptl_crystal.density_diffrn              ? 
_exptl_crystal.density_Matthews            2.57 
_exptl_crystal.density_method              ? 
_exptl_crystal.density_percent_sol         52 
_exptl_crystal.description                 ? 
_exptl_crystal.F_000                       ? 
_exptl_crystal.id                          1 
_exptl_crystal.preparation                 ? 
_exptl_crystal.size_max                    ? 
_exptl_crystal.size_mid                    ? 
_exptl_crystal.size_min                    ? 
_exptl_crystal.size_rad                    ? 
_exptl_crystal.colour_lustre               ? 
_exptl_crystal.colour_modifier             ? 
_exptl_crystal.colour_primary              ? 
_exptl_crystal.density_meas                ? 
_exptl_crystal.density_meas_esd            ? 
_exptl_crystal.density_meas_gt             ? 
_exptl_crystal.density_meas_lt             ? 
_exptl_crystal.density_meas_temp           ? 
_exptl_crystal.density_meas_temp_esd       ? 
_exptl_crystal.density_meas_temp_gt        ? 
_exptl_crystal.density_meas_temp_lt        ? 
_exptl_crystal.pdbx_crystal_image_url      ? 
_exptl_crystal.pdbx_crystal_image_format   ? 
_exptl_crystal.pdbx_mosaicity              0.27 
_exptl_crystal.pdbx_mosaicity_esd          ? 
# 
_exptl_crystal_grow.apparatus       ? 
_exptl_crystal_grow.atmosphere      ? 
_exptl_crystal_grow.crystal_id      1 
_exptl_crystal_grow.details         ? 
_exptl_crystal_grow.method          'VAPOR DIFFUSION, SITTING DROP' 
_exptl_crystal_grow.method_ref      ? 
_exptl_crystal_grow.pH              7.5 
_exptl_crystal_grow.pressure        ? 
_exptl_crystal_grow.pressure_esd    ? 
_exptl_crystal_grow.seeding         ? 
_exptl_crystal_grow.seeding_ref     ? 
_exptl_crystal_grow.temp            290 
_exptl_crystal_grow.temp_details    ? 
_exptl_crystal_grow.temp_esd        ? 
_exptl_crystal_grow.time            ? 
_exptl_crystal_grow.pdbx_details    
'JCSG+ E4: 1.26 M Ammonium sulfate, 0.1 M Tris pH 8.5; protein conc. 19.1mg/mL; 20% EG cryo; puck bbt8-3' 
_exptl_crystal_grow.pdbx_pH_range   ? 
# 
_diffrn.ambient_environment    ? 
_diffrn.ambient_temp           100 
_diffrn.ambient_temp_details   ? 
_diffrn.ambient_temp_esd       ? 
_diffrn.crystal_id             1 
_diffrn.crystal_support        ? 
_diffrn.crystal_treatment      ? 
_diffrn.details                ? 
_diffrn.id                     1 
_diffrn.ambient_pressure       ? 
_diffrn.ambient_pressure_esd   ? 
_diffrn.ambient_pressure_gt    ? 
_diffrn.ambient_pressure_lt    ? 
_diffrn.ambient_temp_gt        ? 
_diffrn.ambient_temp_lt        ? 
# 
_diffrn_detector.details                      ? 
_diffrn_detector.detector                     CCD 
_diffrn_detector.diffrn_id                    1 
_diffrn_detector.type                         'RAYONIX MX-300' 
_diffrn_detector.area_resol_mean              ? 
_diffrn_detector.dtime                        ? 
_diffrn_detector.pdbx_frames_total            ? 
_diffrn_detector.pdbx_collection_time_total   ? 
_diffrn_detector.pdbx_collection_date         2016-03-16 
# 
_diffrn_radiation.collimation                      ? 
_diffrn_radiation.diffrn_id                        1 
_diffrn_radiation.filter_edge                      ? 
_diffrn_radiation.inhomogeneity                    ? 
_diffrn_radiation.monochromator                    'Diamond [111]' 
_diffrn_radiation.polarisn_norm                    ? 
_diffrn_radiation.polarisn_ratio                   ? 
_diffrn_radiation.probe                            ? 
_diffrn_radiation.type                             ? 
_diffrn_radiation.xray_symbol                      ? 
_diffrn_radiation.wavelength_id                    1 
_diffrn_radiation.pdbx_monochromatic_or_laue_m_l   M 
_diffrn_radiation.pdbx_wavelength_list             ? 
_diffrn_radiation.pdbx_wavelength                  ? 
_diffrn_radiation.pdbx_diffrn_protocol             'SINGLE WAVELENGTH' 
_diffrn_radiation.pdbx_analyzer                    ? 
_diffrn_radiation.pdbx_scattering_type             x-ray 
# 
_diffrn_radiation_wavelength.id           1 
_diffrn_radiation_wavelength.wavelength   0.97857 
_diffrn_radiation_wavelength.wt           1.0 
# 
_diffrn_source.current                     ? 
_diffrn_source.details                     ? 
_diffrn_source.diffrn_id                   1 
_diffrn_source.power                       ? 
_diffrn_source.size                        ? 
_diffrn_source.source                      SYNCHROTRON 
_diffrn_source.target                      ? 
_diffrn_source.type                        'APS BEAMLINE 21-ID-G' 
_diffrn_source.voltage                     ? 
_diffrn_source.take-off_angle              ? 
_diffrn_source.pdbx_wavelength_list        0.97857 
_diffrn_source.pdbx_wavelength             ? 
_diffrn_source.pdbx_synchrotron_beamline   21-ID-G 
_diffrn_source.pdbx_synchrotron_site       APS 
# 
_reflns.B_iso_Wilson_estimate            50.030 
_reflns.entry_id                         5IXU 
_reflns.data_reduction_details           ? 
_reflns.data_reduction_method            ? 
_reflns.d_resolution_high                2.500 
_reflns.d_resolution_low                 50 
_reflns.details                          ? 
_reflns.limit_h_max                      ? 
_reflns.limit_h_min                      ? 
_reflns.limit_k_max                      ? 
_reflns.limit_k_min                      ? 
_reflns.limit_l_max                      ? 
_reflns.limit_l_min                      ? 
_reflns.number_all                       ? 
_reflns.number_obs                       5419 
_reflns.observed_criterion               ? 
_reflns.observed_criterion_F_max         ? 
_reflns.observed_criterion_F_min         ? 
_reflns.observed_criterion_I_max         ? 
_reflns.observed_criterion_I_min         ? 
_reflns.observed_criterion_sigma_F       ? 
_reflns.observed_criterion_sigma_I       -3.000 
_reflns.percent_possible_obs             99.700 
_reflns.R_free_details                   ? 
_reflns.Rmerge_F_all                     ? 
_reflns.Rmerge_F_obs                     ? 
_reflns.Friedel_coverage                 ? 
_reflns.number_gt                        ? 
_reflns.threshold_expression             ? 
_reflns.pdbx_redundancy                  26.79 
_reflns.pdbx_Rmerge_I_obs                0.063 
_reflns.pdbx_Rmerge_I_all                ? 
_reflns.pdbx_Rsym_value                  ? 
_reflns.pdbx_netI_over_av_sigmaI         ? 
_reflns.pdbx_netI_over_sigmaI            43.750 
_reflns.pdbx_res_netI_over_av_sigmaI_2   ? 
_reflns.pdbx_res_netI_over_sigmaI_2      ? 
_reflns.pdbx_chi_squared                 ? 
_reflns.pdbx_scaling_rejects             ? 
_reflns.pdbx_d_res_high_opt              ? 
_reflns.pdbx_d_res_low_opt               ? 
_reflns.pdbx_d_res_opt_method            ? 
_reflns.phase_calculation_details        ? 
_reflns.pdbx_Rrim_I_all                  ? 
_reflns.pdbx_Rpim_I_all                  ? 
_reflns.pdbx_d_opt                       ? 
_reflns.pdbx_number_measured_all         ? 
_reflns.pdbx_diffrn_id                   1 
_reflns.pdbx_ordinal                     1 
_reflns.pdbx_CC_half                     1.000 
_reflns.pdbx_R_split                     ? 
# 
loop_
_reflns_shell.d_res_high 
_reflns_shell.d_res_low 
_reflns_shell.meanI_over_sigI_all 
_reflns_shell.meanI_over_sigI_obs 
_reflns_shell.number_measured_all 
_reflns_shell.number_measured_obs 
_reflns_shell.number_possible 
_reflns_shell.number_unique_all 
_reflns_shell.number_unique_obs 
_reflns_shell.percent_possible_all 
_reflns_shell.percent_possible_obs 
_reflns_shell.Rmerge_F_all 
_reflns_shell.Rmerge_F_obs 
_reflns_shell.Rmerge_I_all 
_reflns_shell.Rmerge_I_obs 
_reflns_shell.meanI_over_sigI_gt 
_reflns_shell.meanI_over_uI_all 
_reflns_shell.meanI_over_uI_gt 
_reflns_shell.number_measured_gt 
_reflns_shell.number_unique_gt 
_reflns_shell.percent_possible_gt 
_reflns_shell.Rmerge_F_gt 
_reflns_shell.Rmerge_I_gt 
_reflns_shell.pdbx_redundancy 
_reflns_shell.pdbx_Rsym_value 
_reflns_shell.pdbx_chi_squared 
_reflns_shell.pdbx_netI_over_sigmaI_all 
_reflns_shell.pdbx_netI_over_sigmaI_obs 
_reflns_shell.pdbx_Rrim_I_all 
_reflns_shell.pdbx_Rpim_I_all 
_reflns_shell.pdbx_rejects 
_reflns_shell.pdbx_ordinal 
_reflns_shell.pdbx_diffrn_id 
_reflns_shell.pdbx_CC_half 
_reflns_shell.pdbx_R_split 
2.500  2.570  ? 6.650  ? ? ? ? ? 100.000 ? ? ? ? 0.569 ? ? ? ? ? ? ? ? ? ? ? ? ? ? ? ? 1  1 ? ? 
2.570  2.640  ? 8.080  ? ? ? ? ? 100.000 ? ? ? ? 0.483 ? ? ? ? ? ? ? ? ? ? ? ? ? ? ? ? 2  1 ? ? 
2.640  2.710  ? 10.050 ? ? ? ? ? 100.000 ? ? ? ? 0.385 ? ? ? ? ? ? ? ? ? ? ? ? ? ? ? ? 3  1 ? ? 
2.710  2.800  ? 12.580 ? ? ? ? ? 100.000 ? ? ? ? 0.312 ? ? ? ? ? ? ? ? ? ? ? ? ? ? ? ? 4  1 ? ? 
2.800  2.890  ? 18.180 ? ? ? ? ? 100.000 ? ? ? ? 0.216 ? ? ? ? ? ? ? ? ? ? ? ? ? ? ? ? 5  1 ? ? 
2.890  2.990  ? 19.420 ? ? ? ? ? 100.000 ? ? ? ? 0.199 ? ? ? ? ? ? ? ? ? ? ? ? ? ? ? ? 6  1 ? ? 
2.990  3.100  ? 27.140 ? ? ? ? ? 100.000 ? ? ? ? 0.140 ? ? ? ? ? ? ? ? ? ? ? ? ? ? ? ? 7  1 ? ? 
3.100  3.230  ? 34.210 ? ? ? ? ? 100.000 ? ? ? ? 0.109 ? ? ? ? ? ? ? ? ? ? ? ? ? ? ? ? 8  1 ? ? 
3.230  3.370  ? 44.910 ? ? ? ? ? 100.000 ? ? ? ? 0.081 ? ? ? ? ? ? ? ? ? ? ? ? ? ? ? ? 9  1 ? ? 
3.370  3.540  ? 52.870 ? ? ? ? ? 100.000 ? ? ? ? 0.065 ? ? ? ? ? ? ? ? ? ? ? ? ? ? ? ? 10 1 ? ? 
3.540  3.730  ? 57.040 ? ? ? ? ? 96.100  ? ? ? ? 0.065 ? ? ? ? ? ? ? ? ? ? ? ? ? ? ? ? 11 1 ? ? 
3.730  3.950  ? 63.510 ? ? ? ? ? 99.600  ? ? ? ? 0.055 ? ? ? ? ? ? ? ? ? ? ? ? ? ? ? ? 12 1 ? ? 
3.950  4.230  ? 79.000 ? ? ? ? ? 99.600  ? ? ? ? 0.042 ? ? ? ? ? ? ? ? ? ? ? ? ? ? ? ? 13 1 ? ? 
4.230  4.570  ? 88.980 ? ? ? ? ? 100.000 ? ? ? ? 0.034 ? ? ? ? ? ? ? ? ? ? ? ? ? ? ? ? 14 1 ? ? 
4.570  5.000  ? 97.800 ? ? ? ? ? 100.000 ? ? ? ? 0.030 ? ? ? ? ? ? ? ? ? ? ? ? ? ? ? ? 15 1 ? ? 
5.000  5.590  ? 92.340 ? ? ? ? ? 100.000 ? ? ? ? 0.031 ? ? ? ? ? ? ? ? ? ? ? ? ? ? ? ? 16 1 ? ? 
5.590  6.460  ? 84.350 ? ? ? ? ? 100.000 ? ? ? ? 0.034 ? ? ? ? ? ? ? ? ? ? ? ? ? ? ? ? 17 1 ? ? 
6.460  7.910  ? 86.010 ? ? ? ? ? 100.000 ? ? ? ? 0.030 ? ? ? ? ? ? ? ? ? ? ? ? ? ? ? ? 18 1 ? ? 
7.910  11.180 ? 97.490 ? ? ? ? ? 99.200  ? ? ? ? 0.023 ? ? ? ? ? ? ? ? ? ? ? ? ? ? ? ? 19 1 ? ? 
11.180 50     ? 66.230 ? ? ? ? ? 95.600  ? ? ? ? 0.023 ? ? ? ? ? ? ? ? ? ? ? ? ? ? ? ? 20 1 ? ? 
# 
_refine.aniso_B[1][1]                            ? 
_refine.aniso_B[1][2]                            ? 
_refine.aniso_B[1][3]                            ? 
_refine.aniso_B[2][2]                            ? 
_refine.aniso_B[2][3]                            ? 
_refine.aniso_B[3][3]                            ? 
_refine.B_iso_max                                137.820 
_refine.B_iso_mean                               50.0019 
_refine.B_iso_min                                25.000 
_refine.correlation_coeff_Fo_to_Fc               ? 
_refine.correlation_coeff_Fo_to_Fc_free          ? 
_refine.details                                  ? 
_refine.diff_density_max                         ? 
_refine.diff_density_max_esd                     ? 
_refine.diff_density_min                         ? 
_refine.diff_density_min_esd                     ? 
_refine.diff_density_rms                         ? 
_refine.diff_density_rms_esd                     ? 
_refine.entry_id                                 5IXU 
_refine.pdbx_refine_id                           'X-RAY DIFFRACTION' 
_refine.ls_abs_structure_details                 ? 
_refine.ls_abs_structure_Flack                   ? 
_refine.ls_abs_structure_Flack_esd               ? 
_refine.ls_abs_structure_Rogers                  ? 
_refine.ls_abs_structure_Rogers_esd              ? 
_refine.ls_d_res_high                            2.5000 
_refine.ls_d_res_low                             50 
_refine.ls_extinction_coef                       ? 
_refine.ls_extinction_coef_esd                   ? 
_refine.ls_extinction_expression                 ? 
_refine.ls_extinction_method                     ? 
_refine.ls_goodness_of_fit_all                   ? 
_refine.ls_goodness_of_fit_all_esd               ? 
_refine.ls_goodness_of_fit_obs                   ? 
_refine.ls_goodness_of_fit_obs_esd               ? 
_refine.ls_hydrogen_treatment                    ? 
_refine.ls_matrix_type                           ? 
_refine.ls_number_constraints                    ? 
_refine.ls_number_parameters                     ? 
_refine.ls_number_reflns_all                     ? 
_refine.ls_number_reflns_obs                     5407 
_refine.ls_number_reflns_R_free                  542 
_refine.ls_number_reflns_R_work                  ? 
_refine.ls_number_restraints                     ? 
_refine.ls_percent_reflns_obs                    99.5600 
_refine.ls_percent_reflns_R_free                 10.0200 
_refine.ls_R_factor_all                          ? 
_refine.ls_R_factor_obs                          0.1990 
_refine.ls_R_factor_R_free                       0.2646 
_refine.ls_R_factor_R_free_error                 ? 
_refine.ls_R_factor_R_free_error_details         ? 
_refine.ls_R_factor_R_work                       0.1923 
_refine.ls_R_Fsqd_factor_obs                     ? 
_refine.ls_R_I_factor_obs                        ? 
_refine.ls_redundancy_reflns_all                 ? 
_refine.ls_redundancy_reflns_obs                 ? 
_refine.ls_restrained_S_all                      ? 
_refine.ls_restrained_S_obs                      ? 
_refine.ls_shift_over_esd_max                    ? 
_refine.ls_shift_over_esd_mean                   ? 
_refine.ls_structure_factor_coef                 ? 
_refine.ls_weighting_details                     ? 
_refine.ls_weighting_scheme                      ? 
_refine.ls_wR_factor_all                         ? 
_refine.ls_wR_factor_obs                         ? 
_refine.ls_wR_factor_R_free                      ? 
_refine.ls_wR_factor_R_work                      ? 
_refine.occupancy_max                            ? 
_refine.occupancy_min                            ? 
_refine.solvent_model_details                    ? 
_refine.solvent_model_param_bsol                 ? 
_refine.solvent_model_param_ksol                 ? 
_refine.ls_R_factor_gt                           ? 
_refine.ls_goodness_of_fit_gt                    ? 
_refine.ls_goodness_of_fit_ref                   ? 
_refine.ls_shift_over_su_max                     ? 
_refine.ls_shift_over_su_max_lt                  ? 
_refine.ls_shift_over_su_mean                    ? 
_refine.ls_shift_over_su_mean_lt                 ? 
_refine.pdbx_ls_sigma_I                          ? 
_refine.pdbx_ls_sigma_F                          1.360 
_refine.pdbx_ls_sigma_Fsqd                       ? 
_refine.pdbx_data_cutoff_high_absF               ? 
_refine.pdbx_data_cutoff_high_rms_absF           ? 
_refine.pdbx_data_cutoff_low_absF                ? 
_refine.pdbx_isotropic_thermal_model             ? 
_refine.pdbx_ls_cross_valid_method               'FREE R-VALUE' 
_refine.pdbx_method_to_determine_struct          'MOLECULAR REPLACEMENT' 
_refine.pdbx_starting_model                      1vqs 
_refine.pdbx_stereochemistry_target_values       ? 
_refine.pdbx_R_Free_selection_details            'Random selection' 
_refine.pdbx_stereochem_target_val_spec_case     ? 
_refine.pdbx_overall_ESU_R                       ? 
_refine.pdbx_overall_ESU_R_Free                  ? 
_refine.pdbx_solvent_vdw_probe_radii             1.1100 
_refine.pdbx_solvent_ion_probe_radii             ? 
_refine.pdbx_solvent_shrinkage_radii             0.9000 
_refine.pdbx_real_space_R                        ? 
_refine.pdbx_density_correlation                 ? 
_refine.pdbx_pd_number_of_powder_patterns        ? 
_refine.pdbx_pd_number_of_points                 ? 
_refine.pdbx_pd_meas_number_of_points            ? 
_refine.pdbx_pd_proc_ls_prof_R_factor            ? 
_refine.pdbx_pd_proc_ls_prof_wR_factor           ? 
_refine.pdbx_pd_Marquardt_correlation_coeff      ? 
_refine.pdbx_pd_Fsqrd_R_factor                   ? 
_refine.pdbx_pd_ls_matrix_band_width             ? 
_refine.pdbx_overall_phase_error                 23.5900 
_refine.pdbx_overall_SU_R_free_Cruickshank_DPI   ? 
_refine.pdbx_overall_SU_R_free_Blow_DPI          ? 
_refine.pdbx_overall_SU_R_Blow_DPI               ? 
_refine.pdbx_TLS_residual_ADP_flag               ? 
_refine.pdbx_diffrn_id                           1 
_refine.overall_SU_B                             ? 
_refine.overall_SU_ML                            0.3600 
_refine.overall_SU_R_Cruickshank_DPI             ? 
_refine.overall_SU_R_free                        ? 
_refine.overall_FOM_free_R_set                   ? 
_refine.overall_FOM_work_R_set                   ? 
_refine.pdbx_average_fsc_overall                 ? 
_refine.pdbx_average_fsc_work                    ? 
_refine.pdbx_average_fsc_free                    ? 
# 
_refine_hist.cycle_id                         final 
_refine_hist.pdbx_refine_id                   'X-RAY DIFFRACTION' 
_refine_hist.d_res_high                       2.5000 
_refine_hist.d_res_low                        50 
_refine_hist.pdbx_number_atoms_ligand         5 
_refine_hist.number_atoms_solvent             16 
_refine_hist.number_atoms_total               832 
_refine_hist.pdbx_number_residues_total       102 
_refine_hist.pdbx_B_iso_mean_ligand           134.61 
_refine_hist.pdbx_B_iso_mean_solvent          44.44 
_refine_hist.pdbx_number_atoms_protein        811 
_refine_hist.pdbx_number_atoms_nucleic_acid   0 
# 
loop_
_refine_ls_restr.pdbx_refine_id 
_refine_ls_restr.criterion 
_refine_ls_restr.dev_ideal 
_refine_ls_restr.dev_ideal_target 
_refine_ls_restr.number 
_refine_ls_restr.rejects 
_refine_ls_restr.type 
_refine_ls_restr.weight 
_refine_ls_restr.pdbx_restraint_function 
'X-RAY DIFFRACTION' ? 0.008  ? 846  ? f_bond_d           ? ? 
'X-RAY DIFFRACTION' ? 0.930  ? 1163 ? f_angle_d          ? ? 
'X-RAY DIFFRACTION' ? 0.053  ? 125  ? f_chiral_restr     ? ? 
'X-RAY DIFFRACTION' ? 0.006  ? 149  ? f_plane_restr      ? ? 
'X-RAY DIFFRACTION' ? 16.426 ? 484  ? f_dihedral_angle_d ? ? 
# 
loop_
_refine_ls_shell.pdbx_refine_id 
_refine_ls_shell.d_res_high 
_refine_ls_shell.d_res_low 
_refine_ls_shell.number_reflns_all 
_refine_ls_shell.number_reflns_obs 
_refine_ls_shell.number_reflns_R_free 
_refine_ls_shell.number_reflns_R_work 
_refine_ls_shell.percent_reflns_obs 
_refine_ls_shell.percent_reflns_R_free 
_refine_ls_shell.R_factor_all 
_refine_ls_shell.R_factor_obs 
_refine_ls_shell.R_factor_R_free 
_refine_ls_shell.R_factor_R_free_error 
_refine_ls_shell.R_factor_R_work 
_refine_ls_shell.redundancy_reflns_all 
_refine_ls_shell.redundancy_reflns_obs 
_refine_ls_shell.wR_factor_all 
_refine_ls_shell.wR_factor_obs 
_refine_ls_shell.wR_factor_R_free 
_refine_ls_shell.wR_factor_R_work 
_refine_ls_shell.pdbx_total_number_of_bins_used 
_refine_ls_shell.pdbx_phase_error 
_refine_ls_shell.pdbx_fsc_work 
_refine_ls_shell.pdbx_fsc_free 
'X-RAY DIFFRACTION' 2.5004 2.7520  1297 . 131 1166 100.0000 . . . 0.3386 . 0.2404 . . . . . . 4 . . . 
'X-RAY DIFFRACTION' 2.7520 3.1500  1321 . 148 1173 100.0000 . . . 0.3246 . 0.2440 . . . . . . 4 . . . 
'X-RAY DIFFRACTION' 3.1500 3.9681  1340 . 126 1214 99.0000  . . . 0.2876 . 0.1866 . . . . . . 4 . . . 
'X-RAY DIFFRACTION' 3.9681 38.6330 1449 . 137 1312 99.0000  . . . 0.2094 . 0.1709 . . . . . . 4 . . . 
# 
_struct.entry_id                     5IXU 
_struct.title                        'Crystal structure of an uncharacterized NIPSNAP domain protein from Burkholderia xenovorans' 
_struct.pdbx_model_details           ? 
_struct.pdbx_formula_weight          ? 
_struct.pdbx_formula_weight_method   ? 
_struct.pdbx_model_type_details      ? 
_struct.pdbx_CASP_flag               ? 
# 
_struct_keywords.entry_id        5IXU 
_struct_keywords.text            
;SSGCID, Structural Genomics, Seattle Structural Genomics Center for Infectious Disease, Structural Genomics-Unknown Function complex
;
_struct_keywords.pdbx_keywords   'Structural Genomics/Unknown Function' 
# 
loop_
_struct_asym.id 
_struct_asym.pdbx_blank_PDB_chainid_flag 
_struct_asym.pdbx_modified 
_struct_asym.entity_id 
_struct_asym.details 
A N N 1 ? 
B N N 2 ? 
C N N 3 ? 
# 
loop_
_struct_conf.conf_type_id 
_struct_conf.id 
_struct_conf.pdbx_PDB_helix_id 
_struct_conf.beg_label_comp_id 
_struct_conf.beg_label_asym_id 
_struct_conf.beg_label_seq_id 
_struct_conf.pdbx_beg_PDB_ins_code 
_struct_conf.end_label_comp_id 
_struct_conf.end_label_asym_id 
_struct_conf.end_label_seq_id 
_struct_conf.pdbx_end_PDB_ins_code 
_struct_conf.beg_auth_comp_id 
_struct_conf.beg_auth_asym_id 
_struct_conf.beg_auth_seq_id 
_struct_conf.end_auth_comp_id 
_struct_conf.end_auth_asym_id 
_struct_conf.end_auth_seq_id 
_struct_conf.pdbx_PDB_helix_class 
_struct_conf.details 
_struct_conf.pdbx_PDB_helix_length 
HELX_P HELX_P1 AA1 LYS A 28 ? GLY A 40 ? LYS A 20 GLY A 32 1 ? 13 
HELX_P HELX_P2 AA2 GLY A 40 ? THR A 45 ? GLY A 32 THR A 37 1 ? 6  
HELX_P HELX_P3 AA3 ASP A 72 ? ALA A 85 ? ASP A 64 ALA A 77 1 ? 14 
HELX_P HELX_P4 AA4 ASP A 86 ? VAL A 97 ? ASP A 78 VAL A 89 1 ? 12 
# 
_struct_conf_type.id          HELX_P 
_struct_conf_type.criteria    ? 
_struct_conf_type.reference   ? 
# 
_struct_sheet.id               AA1 
_struct_sheet.type             ? 
_struct_sheet.number_strands   4 
_struct_sheet.details          ? 
# 
loop_
_struct_sheet_order.sheet_id 
_struct_sheet_order.range_id_1 
_struct_sheet_order.range_id_2 
_struct_sheet_order.offset 
_struct_sheet_order.sense 
AA1 1 2 ? anti-parallel 
AA1 2 3 ? anti-parallel 
AA1 3 4 ? anti-parallel 
# 
loop_
_struct_sheet_range.sheet_id 
_struct_sheet_range.id 
_struct_sheet_range.beg_label_comp_id 
_struct_sheet_range.beg_label_asym_id 
_struct_sheet_range.beg_label_seq_id 
_struct_sheet_range.pdbx_beg_PDB_ins_code 
_struct_sheet_range.end_label_comp_id 
_struct_sheet_range.end_label_asym_id 
_struct_sheet_range.end_label_seq_id 
_struct_sheet_range.pdbx_end_PDB_ins_code 
_struct_sheet_range.beg_auth_comp_id 
_struct_sheet_range.beg_auth_asym_id 
_struct_sheet_range.beg_auth_seq_id 
_struct_sheet_range.end_auth_comp_id 
_struct_sheet_range.end_auth_asym_id 
_struct_sheet_range.end_auth_seq_id 
AA1 1 ARG A 49  ? THR A 55  ? ARG A 41 THR A 47  
AA1 2 SER A 63  ? TYR A 70  ? SER A 55 TYR A 62  
AA1 3 LEU A 16  ? ILE A 24  ? LEU A 8  ILE A 16  
AA1 4 LEU A 100 ? LEU A 108 ? LEU A 92 LEU A 100 
# 
loop_
_pdbx_struct_sheet_hbond.sheet_id 
_pdbx_struct_sheet_hbond.range_id_1 
_pdbx_struct_sheet_hbond.range_id_2 
_pdbx_struct_sheet_hbond.range_1_label_atom_id 
_pdbx_struct_sheet_hbond.range_1_label_comp_id 
_pdbx_struct_sheet_hbond.range_1_label_asym_id 
_pdbx_struct_sheet_hbond.range_1_label_seq_id 
_pdbx_struct_sheet_hbond.range_1_PDB_ins_code 
_pdbx_struct_sheet_hbond.range_1_auth_atom_id 
_pdbx_struct_sheet_hbond.range_1_auth_comp_id 
_pdbx_struct_sheet_hbond.range_1_auth_asym_id 
_pdbx_struct_sheet_hbond.range_1_auth_seq_id 
_pdbx_struct_sheet_hbond.range_2_label_atom_id 
_pdbx_struct_sheet_hbond.range_2_label_comp_id 
_pdbx_struct_sheet_hbond.range_2_label_asym_id 
_pdbx_struct_sheet_hbond.range_2_label_seq_id 
_pdbx_struct_sheet_hbond.range_2_PDB_ins_code 
_pdbx_struct_sheet_hbond.range_2_auth_atom_id 
_pdbx_struct_sheet_hbond.range_2_auth_comp_id 
_pdbx_struct_sheet_hbond.range_2_auth_asym_id 
_pdbx_struct_sheet_hbond.range_2_auth_seq_id 
AA1 1 2 N TRP A 54 ? N TRP A 46 O VAL A 65  ? O VAL A 57 
AA1 2 3 O TRP A 68 ? O TRP A 60 N GLU A 18  ? N GLU A 10 
AA1 3 4 N MET A 19 ? N MET A 11 O VAL A 106 ? O VAL A 98 
# 
_struct_site.id                   AC1 
_struct_site.pdbx_evidence_code   Software 
_struct_site.pdbx_auth_asym_id    A 
_struct_site.pdbx_auth_comp_id    SO4 
_struct_site.pdbx_auth_seq_id     201 
_struct_site.pdbx_auth_ins_code   ? 
_struct_site.pdbx_num_residues    3 
_struct_site.details              'binding site for residue SO4 A 201' 
# 
loop_
_struct_site_gen.id 
_struct_site_gen.site_id 
_struct_site_gen.pdbx_num_res 
_struct_site_gen.label_comp_id 
_struct_site_gen.label_asym_id 
_struct_site_gen.label_seq_id 
_struct_site_gen.pdbx_auth_ins_code 
_struct_site_gen.auth_comp_id 
_struct_site_gen.auth_asym_id 
_struct_site_gen.auth_seq_id 
_struct_site_gen.label_atom_id 
_struct_site_gen.label_alt_id 
_struct_site_gen.symmetry 
_struct_site_gen.details 
1 AC1 3 ASP A 57 ? ASP A 49 . ? 16_555 ? 
2 AC1 3 ARG A 76 ? ARG A 68 . ? 1_555  ? 
3 AC1 3 ARG A 80 ? ARG A 72 . ? 1_555  ? 
# 
_atom_sites.entry_id                    5IXU 
_atom_sites.fract_transf_matrix[1][1]   0.00217368 
_atom_sites.fract_transf_matrix[1][2]   0.01034299 
_atom_sites.fract_transf_matrix[1][3]   0.00003909 
_atom_sites.fract_transf_matrix[2][1]   0.00496268 
_atom_sites.fract_transf_matrix[2][2]   -0.00107799 
_atom_sites.fract_transf_matrix[2][3]   0.00926895 
_atom_sites.fract_transf_matrix[3][1]   0.00907473 
_atom_sites.fract_transf_matrix[3][2]   -0.00188795 
_atom_sites.fract_transf_matrix[3][3]   -0.00507826 
_atom_sites.fract_transf_vector[1]      0.109327 
_atom_sites.fract_transf_vector[2]      0.189189 
_atom_sites.fract_transf_vector[3]      0.392422 
# 
loop_
_atom_type.symbol 
C 
N 
O 
S 
# 
loop_
_atom_site.group_PDB 
_atom_site.id 
_atom_site.type_symbol 
_atom_site.label_atom_id 
_atom_site.label_alt_id 
_atom_site.label_comp_id 
_atom_site.label_asym_id 
_atom_site.label_entity_id 
_atom_site.label_seq_id 
_atom_site.pdbx_PDB_ins_code 
_atom_site.Cartn_x 
_atom_site.Cartn_y 
_atom_site.Cartn_z 
_atom_site.occupancy 
_atom_site.B_iso_or_equiv 
_atom_site.pdbx_formal_charge 
_atom_site.auth_seq_id 
_atom_site.auth_comp_id 
_atom_site.auth_asym_id 
_atom_site.auth_atom_id 
_atom_site.pdbx_PDB_model_num 
ATOM   1   N N   . MET A 1 15  ? 17.912  -3.795  1.912   1.00 51.81  ? 7   MET A N   1 
ATOM   2   C CA  . MET A 1 15  ? 16.537  -3.298  1.861   1.00 48.39  ? 7   MET A CA  1 
ATOM   3   C C   . MET A 1 15  ? 15.661  -4.017  0.804   1.00 50.21  ? 7   MET A C   1 
ATOM   4   O O   . MET A 1 15  ? 16.138  -4.798  -0.032  1.00 48.77  ? 7   MET A O   1 
ATOM   5   C CB  . MET A 1 15  ? 16.522  -1.781  1.600   1.00 40.63  ? 7   MET A CB  1 
ATOM   6   N N   . LEU A 1 16  ? 14.363  -3.726  0.854   1.00 46.86  ? 8   LEU A N   1 
ATOM   7   C CA  . LEU A 1 16  ? 13.375  -4.404  0.029   1.00 45.30  ? 8   LEU A CA  1 
ATOM   8   C C   . LEU A 1 16  ? 12.159  -3.502  -0.079  1.00 47.10  ? 8   LEU A C   1 
ATOM   9   O O   . LEU A 1 16  ? 11.675  -2.989  0.932   1.00 49.01  ? 8   LEU A O   1 
ATOM   10  C CB  . LEU A 1 16  ? 12.992  -5.751  0.638   1.00 40.87  ? 8   LEU A CB  1 
ATOM   11  C CG  . LEU A 1 16  ? 11.584  -6.271  0.430   1.00 39.81  ? 8   LEU A CG  1 
ATOM   12  C CD1 . LEU A 1 16  ? 11.511  -6.907  -0.920  1.00 41.02  ? 8   LEU A CD1 1 
ATOM   13  C CD2 . LEU A 1 16  ? 11.274  -7.280  1.508   1.00 41.28  ? 8   LEU A CD2 1 
ATOM   14  N N   . VAL A 1 17  ? 11.680  -3.289  -1.295  1.00 42.16  ? 9   VAL A N   1 
ATOM   15  C CA  . VAL A 1 17  ? 10.452  -2.549  -1.511  1.00 33.72  ? 9   VAL A CA  1 
ATOM   16  C C   . VAL A 1 17  ? 9.383   -3.532  -1.917  1.00 33.67  ? 9   VAL A C   1 
ATOM   17  O O   . VAL A 1 17  ? 9.636   -4.445  -2.718  1.00 35.91  ? 9   VAL A O   1 
ATOM   18  C CB  . VAL A 1 17  ? 10.600  -1.452  -2.581  1.00 40.84  ? 9   VAL A CB  1 
ATOM   19  C CG1 . VAL A 1 17  ? 9.244   -1.203  -3.300  1.00 38.15  ? 9   VAL A CG1 1 
ATOM   20  C CG2 . VAL A 1 17  ? 11.120  -0.183  -1.952  1.00 38.44  ? 9   VAL A CG2 1 
ATOM   21  N N   . GLU A 1 18  ? 8.189   -3.340  -1.369  1.00 30.99  ? 10  GLU A N   1 
ATOM   22  C CA  . GLU A 1 18  ? 6.991   -3.963  -1.896  1.00 29.97  ? 10  GLU A CA  1 
ATOM   23  C C   . GLU A 1 18  ? 6.190   -2.905  -2.628  1.00 30.86  ? 10  GLU A C   1 
ATOM   24  O O   . GLU A 1 18  ? 5.755   -1.921  -2.022  1.00 31.34  ? 10  GLU A O   1 
ATOM   25  C CB  . GLU A 1 18  ? 6.148   -4.596  -0.797  1.00 38.26  ? 10  GLU A CB  1 
ATOM   26  C CG  . GLU A 1 18  ? 5.011   -5.418  -1.366  1.00 41.53  ? 10  GLU A CG  1 
ATOM   27  C CD  . GLU A 1 18  ? 4.144   -6.052  -0.299  1.00 44.98  ? 10  GLU A CD  1 
ATOM   28  O OE1 . GLU A 1 18  ? 4.456   -5.881  0.910   1.00 47.18  ? 10  GLU A OE1 1 
ATOM   29  O OE2 . GLU A 1 18  ? 3.149   -6.716  -0.682  1.00 44.45  ? 10  GLU A OE2 1 
ATOM   30  N N   . MET A 1 19  ? 5.973   -3.114  -3.918  1.00 29.09  ? 11  MET A N   1 
ATOM   31  C CA  . MET A 1 19  ? 5.138   -2.225  -4.709  1.00 31.79  ? 11  MET A CA  1 
ATOM   32  C C   . MET A 1 19  ? 3.769   -2.867  -4.874  1.00 36.53  ? 11  MET A C   1 
ATOM   33  O O   . MET A 1 19  ? 3.651   -3.960  -5.443  1.00 36.36  ? 11  MET A O   1 
ATOM   34  C CB  . MET A 1 19  ? 5.774   -1.939  -6.063  1.00 37.56  ? 11  MET A CB  1 
ATOM   35  C CG  . MET A 1 19  ? 5.075   -0.851  -6.833  1.00 50.45  ? 11  MET A CG  1 
ATOM   36  S SD  . MET A 1 19  ? 6.001   -0.343  -8.299  1.00 56.54  ? 11  MET A SD  1 
ATOM   37  C CE  . MET A 1 19  ? 5.495   -1.581  -9.506  1.00 52.48  ? 11  MET A CE  1 
ATOM   38  N N   . ARG A 1 20  ? 2.742   -2.196  -4.370  1.00 32.70  ? 12  ARG A N   1 
ATOM   39  C CA  . ARG A 1 20  ? 1.381   -2.712  -4.390  1.00 31.49  ? 12  ARG A CA  1 
ATOM   40  C C   . ARG A 1 20  ? 0.511   -1.786  -5.221  1.00 32.98  ? 12  ARG A C   1 
ATOM   41  O O   . ARG A 1 20  ? 0.500   -0.568  -5.001  1.00 36.56  ? 12  ARG A O   1 
ATOM   42  C CB  . ARG A 1 20  ? 0.818   -2.845  -2.971  1.00 33.87  ? 12  ARG A CB  1 
ATOM   43  C CG  . ARG A 1 20  ? 1.627   -3.843  -2.131  1.00 44.17  ? 12  ARG A CG  1 
ATOM   44  C CD  . ARG A 1 20  ? 1.174   -3.894  -0.677  1.00 45.88  ? 12  ARG A CD  1 
ATOM   45  N NE  . ARG A 1 20  ? -0.237  -4.257  -0.555  1.00 45.33  ? 12  ARG A NE  1 
ATOM   46  C CZ  . ARG A 1 20  ? -0.672  -5.475  -0.244  1.00 42.13  ? 12  ARG A CZ  1 
ATOM   47  N NH1 . ARG A 1 20  ? 0.188   -6.455  -0.019  1.00 37.96  ? 12  ARG A NH1 1 
ATOM   48  N NH2 . ARG A 1 20  ? -1.970  -5.708  -0.158  1.00 42.67  ? 12  ARG A NH2 1 
ATOM   49  N N   . THR A 1 21  ? -0.217  -2.361  -6.165  1.00 31.59  ? 13  THR A N   1 
ATOM   50  C CA  . THR A 1 21  ? -1.056  -1.593  -7.074  1.00 31.32  ? 13  THR A CA  1 
ATOM   51  C C   . THR A 1 21  ? -2.513  -2.015  -6.919  1.00 35.04  ? 13  THR A C   1 
ATOM   52  O O   . THR A 1 21  ? -2.827  -3.211  -6.977  1.00 38.52  ? 13  THR A O   1 
ATOM   53  C CB  . THR A 1 21  ? -0.562  -1.771  -8.501  1.00 31.71  ? 13  THR A CB  1 
ATOM   54  O OG1 . THR A 1 21  ? 0.786   -1.294  -8.556  1.00 41.07  ? 13  THR A OG1 1 
ATOM   55  C CG2 . THR A 1 21  ? -1.419  -0.974  -9.484  1.00 32.06  ? 13  THR A CG2 1 
ATOM   56  N N   . TYR A 1 22  ? -3.392  -1.033  -6.689  1.00 31.70  ? 14  TYR A N   1 
ATOM   57  C CA  . TYR A 1 22  ? -4.816  -1.268  -6.467  1.00 31.77  ? 14  TYR A CA  1 
ATOM   58  C C   . TYR A 1 22  ? -5.602  -0.668  -7.632  1.00 29.28  ? 14  TYR A C   1 
ATOM   59  O O   . TYR A 1 22  ? -5.587  0.552   -7.836  1.00 37.61  ? 14  TYR A O   1 
ATOM   60  C CB  . TYR A 1 22  ? -5.293  -0.666  -5.135  1.00 33.40  ? 14  TYR A CB  1 
ATOM   61  C CG  . TYR A 1 22  ? -4.692  -1.291  -3.882  1.00 40.93  ? 14  TYR A CG  1 
ATOM   62  C CD1 . TYR A 1 22  ? -4.891  -0.721  -2.632  1.00 39.62  ? 14  TYR A CD1 1 
ATOM   63  C CD2 . TYR A 1 22  ? -3.920  -2.449  -3.957  1.00 44.02  ? 14  TYR A CD2 1 
ATOM   64  C CE1 . TYR A 1 22  ? -4.344  -1.279  -1.489  1.00 42.59  ? 14  TYR A CE1 1 
ATOM   65  C CE2 . TYR A 1 22  ? -3.368  -3.011  -2.830  1.00 44.02  ? 14  TYR A CE2 1 
ATOM   66  C CZ  . TYR A 1 22  ? -3.579  -2.427  -1.594  1.00 47.79  ? 14  TYR A CZ  1 
ATOM   67  O OH  . TYR A 1 22  ? -3.019  -3.008  -0.471  1.00 49.31  ? 14  TYR A OH  1 
ATOM   68  N N   . ARG A 1 23  ? -6.287  -1.522  -8.389  1.00 45.95  ? 15  ARG A N   1 
ATOM   69  C CA  . ARG A 1 23  ? -7.236  -1.036  -9.376  1.00 41.51  ? 15  ARG A CA  1 
ATOM   70  C C   . ARG A 1 23  ? -8.564  -0.779  -8.678  1.00 40.28  ? 15  ARG A C   1 
ATOM   71  O O   . ARG A 1 23  ? -9.135  -1.687  -8.062  1.00 38.68  ? 15  ARG A O   1 
ATOM   72  C CB  . ARG A 1 23  ? -7.403  -2.027  -10.525 1.00 49.34  ? 15  ARG A CB  1 
ATOM   73  C CG  . ARG A 1 23  ? -8.122  -1.385  -11.725 1.00 59.53  ? 15  ARG A CG  1 
ATOM   74  C CD  . ARG A 1 23  ? -8.797  -2.424  -12.620 1.00 64.64  ? 15  ARG A CD  1 
ATOM   75  N NE  . ARG A 1 23  ? -7.843  -3.405  -13.117 1.00 68.14  ? 15  ARG A NE  1 
ATOM   76  C CZ  . ARG A 1 23  ? -8.142  -4.678  -13.340 1.00 75.35  ? 15  ARG A CZ  1 
ATOM   77  N NH1 . ARG A 1 23  ? -9.373  -5.116  -13.100 1.00 73.71  ? 15  ARG A NH1 1 
ATOM   78  N NH2 . ARG A 1 23  ? -7.211  -5.510  -13.792 1.00 83.29  ? 15  ARG A NH2 1 
ATOM   79  N N   . ILE A 1 24  ? -9.031  0.467   -8.760  1.00 42.77  ? 16  ILE A N   1 
ATOM   80  C CA  . ILE A 1 24  ? -10.212 0.983   -8.075  1.00 43.81  ? 16  ILE A CA  1 
ATOM   81  C C   . ILE A 1 24  ? -11.389 0.979   -9.042  1.00 53.08  ? 16  ILE A C   1 
ATOM   82  O O   . ILE A 1 24  ? -11.222 1.118   -10.257 1.00 60.81  ? 16  ILE A O   1 
ATOM   83  C CB  . ILE A 1 24  ? -9.923  2.407   -7.555  1.00 38.48  ? 16  ILE A CB  1 
ATOM   84  C CG1 . ILE A 1 24  ? -8.735  2.376   -6.598  1.00 35.27  ? 16  ILE A CG1 1 
ATOM   85  C CG2 . ILE A 1 24  ? -11.160 3.074   -6.912  1.00 35.96  ? 16  ILE A CG2 1 
ATOM   86  C CD1 . ILE A 1 24  ? -8.942  1.457   -5.437  1.00 33.28  ? 16  ILE A CD1 1 
ATOM   87  N N   . THR A 1 25  ? -12.587 0.783   -8.500  1.00 52.83  ? 17  THR A N   1 
ATOM   88  C CA  . THR A 1 25  ? -13.824 1.064   -9.216  1.00 51.69  ? 17  THR A CA  1 
ATOM   89  C C   . THR A 1 25  ? -13.720 2.366   -9.997  1.00 49.37  ? 17  THR A C   1 
ATOM   90  O O   . THR A 1 25  ? -13.400 3.413   -9.433  1.00 47.40  ? 17  THR A O   1 
ATOM   91  C CB  . THR A 1 25  ? -14.979 1.160   -8.224  1.00 48.04  ? 17  THR A CB  1 
ATOM   92  O OG1 . THR A 1 25  ? -14.993 -0.004  -7.394  1.00 50.10  ? 17  THR A OG1 1 
ATOM   93  C CG2 . THR A 1 25  ? -16.289 1.281   -8.971  1.00 45.40  ? 17  THR A CG2 1 
ATOM   94  N N   . ALA A 1 26  ? -14.007 2.284   -11.299 1.00 49.64  ? 18  ALA A N   1 
ATOM   95  C CA  . ALA A 1 26  ? -13.902 3.426   -12.198 1.00 58.70  ? 18  ALA A CA  1 
ATOM   96  C C   . ALA A 1 26  ? -14.554 4.663   -11.601 1.00 61.34  ? 18  ALA A C   1 
ATOM   97  O O   . ALA A 1 26  ? -15.634 4.594   -11.015 1.00 68.61  ? 18  ALA A O   1 
ATOM   98  C CB  . ALA A 1 26  ? -14.552 3.093   -13.543 1.00 62.02  ? 18  ALA A CB  1 
ATOM   99  N N   . GLY A 1 27  ? -13.878 5.796   -11.729 1.00 53.95  ? 19  GLY A N   1 
ATOM   100 C CA  . GLY A 1 27  ? -14.395 7.035   -11.198 1.00 50.31  ? 19  GLY A CA  1 
ATOM   101 C C   . GLY A 1 27  ? -14.283 7.216   -9.699  1.00 56.43  ? 19  GLY A C   1 
ATOM   102 O O   . GLY A 1 27  ? -14.463 8.341   -9.214  1.00 60.17  ? 19  GLY A O   1 
ATOM   103 N N   . LYS A 1 28  ? -13.994 6.164   -8.936  1.00 54.43  ? 20  LYS A N   1 
ATOM   104 C CA  . LYS A 1 28  ? -14.075 6.246   -7.485  1.00 49.54  ? 20  LYS A CA  1 
ATOM   105 C C   . LYS A 1 28  ? -12.717 6.430   -6.813  1.00 46.73  ? 20  LYS A C   1 
ATOM   106 O O   . LYS A 1 28  ? -12.636 6.355   -5.586  1.00 45.73  ? 20  LYS A O   1 
ATOM   107 C CB  . LYS A 1 28  ? -14.785 5.009   -6.926  1.00 46.27  ? 20  LYS A CB  1 
ATOM   108 N N   . VAL A 1 29  ? -11.658 6.706   -7.575  1.00 49.86  ? 21  VAL A N   1 
ATOM   109 C CA  . VAL A 1 29  ? -10.330 6.849   -6.970  1.00 43.43  ? 21  VAL A CA  1 
ATOM   110 C C   . VAL A 1 29  ? -10.272 7.978   -5.948  1.00 46.37  ? 21  VAL A C   1 
ATOM   111 O O   . VAL A 1 29  ? -9.702  7.764   -4.864  1.00 45.80  ? 21  VAL A O   1 
ATOM   112 C CB  . VAL A 1 29  ? -9.261  7.001   -8.068  1.00 36.46  ? 21  VAL A CB  1 
ATOM   113 C CG1 . VAL A 1 29  ? -7.944  7.502   -7.468  1.00 36.10  ? 21  VAL A CG1 1 
ATOM   114 C CG2 . VAL A 1 29  ? -9.062  5.679   -8.774  1.00 35.36  ? 21  VAL A CG2 1 
ATOM   115 N N   . PRO A 1 30  ? -10.793 9.186   -6.215  1.00 47.57  ? 22  PRO A N   1 
ATOM   116 C CA  . PRO A 1 30  ? -10.730 10.225  -5.174  1.00 42.97  ? 22  PRO A CA  1 
ATOM   117 C C   . PRO A 1 30  ? -11.435 9.822   -3.897  1.00 43.05  ? 22  PRO A C   1 
ATOM   118 O O   . PRO A 1 30  ? -10.909 10.074  -2.811  1.00 43.92  ? 22  PRO A O   1 
ATOM   119 C CB  . PRO A 1 30  ? -11.386 11.444  -5.840  1.00 49.19  ? 22  PRO A CB  1 
ATOM   120 C CG  . PRO A 1 30  ? -12.063 10.929  -7.051  1.00 52.98  ? 22  PRO A CG  1 
ATOM   121 C CD  . PRO A 1 30  ? -11.329 9.718   -7.483  1.00 41.36  ? 22  PRO A CD  1 
ATOM   122 N N   . GLU A 1 31  ? -12.598 9.172   -3.989  1.00 54.28  ? 23  GLU A N   1 
ATOM   123 C CA  . GLU A 1 31  ? -13.251 8.698   -2.773  1.00 49.47  ? 23  GLU A CA  1 
ATOM   124 C C   . GLU A 1 31  ? -12.336 7.751   -2.008  1.00 48.15  ? 23  GLU A C   1 
ATOM   125 O O   . GLU A 1 31  ? -12.108 7.938   -0.806  1.00 47.00  ? 23  GLU A O   1 
ATOM   126 C CB  . GLU A 1 31  ? -14.597 8.041   -3.098  1.00 46.57  ? 23  GLU A CB  1 
ATOM   127 N N   . PHE A 1 32  ? -11.767 6.748   -2.700  1.00 49.13  ? 24  PHE A N   1 
ATOM   128 C CA  . PHE A 1 32  ? -10.871 5.784   -2.054  1.00 43.13  ? 24  PHE A CA  1 
ATOM   129 C C   . PHE A 1 32  ? -9.703  6.484   -1.374  1.00 46.95  ? 24  PHE A C   1 
ATOM   130 O O   . PHE A 1 32  ? -9.316  6.121   -0.253  1.00 43.23  ? 24  PHE A O   1 
ATOM   131 C CB  . PHE A 1 32  ? -10.344 4.774   -3.077  1.00 39.51  ? 24  PHE A CB  1 
ATOM   132 C CG  . PHE A 1 32  ? -9.194  3.897   -2.565  1.00 44.30  ? 24  PHE A CG  1 
ATOM   133 C CD1 . PHE A 1 32  ? -9.451  2.757   -1.790  1.00 39.66  ? 24  PHE A CD1 1 
ATOM   134 C CD2 . PHE A 1 32  ? -7.866  4.196   -2.876  1.00 48.00  ? 24  PHE A CD2 1 
ATOM   135 C CE1 . PHE A 1 32  ? -8.414  1.952   -1.329  1.00 41.91  ? 24  PHE A CE1 1 
ATOM   136 C CE2 . PHE A 1 32  ? -6.812  3.381   -2.417  1.00 48.84  ? 24  PHE A CE2 1 
ATOM   137 C CZ  . PHE A 1 32  ? -7.091  2.259   -1.636  1.00 44.05  ? 24  PHE A CZ  1 
ATOM   138 N N   . LEU A 1 33  ? -9.137  7.503   -2.029  1.00 39.43  ? 25  LEU A N   1 
ATOM   139 C CA  . LEU A 1 33  ? -7.963  8.151   -1.469  1.00 40.00  ? 25  LEU A CA  1 
ATOM   140 C C   . LEU A 1 33  ? -8.312  9.011   -0.256  1.00 45.02  ? 25  LEU A C   1 
ATOM   141 O O   . LEU A 1 33  ? -7.475  9.177   0.638   1.00 44.23  ? 25  LEU A O   1 
ATOM   142 C CB  . LEU A 1 33  ? -7.256  8.969   -2.551  1.00 39.76  ? 25  LEU A CB  1 
ATOM   143 C CG  . LEU A 1 33  ? -6.444  8.176   -3.587  1.00 38.96  ? 25  LEU A CG  1 
ATOM   144 C CD1 . LEU A 1 33  ? -5.760  9.101   -4.575  1.00 38.11  ? 25  LEU A CD1 1 
ATOM   145 C CD2 . LEU A 1 33  ? -5.420  7.325   -2.905  1.00 39.42  ? 25  LEU A CD2 1 
ATOM   146 N N   . LYS A 1 34  ? -9.526  9.565   -0.192  1.00 45.12  ? 26  LYS A N   1 
ATOM   147 C CA  . LYS A 1 34  ? -9.901  10.313  1.006   1.00 48.72  ? 26  LYS A CA  1 
ATOM   148 C C   . LYS A 1 34  ? -10.063 9.367   2.185   1.00 49.49  ? 26  LYS A C   1 
ATOM   149 O O   . LYS A 1 34  ? -9.506  9.600   3.262   1.00 51.62  ? 26  LYS A O   1 
ATOM   150 C CB  . LYS A 1 34  ? -11.183 11.127  0.774   1.00 51.05  ? 26  LYS A CB  1 
ATOM   151 N N   . ILE A 1 35  ? -10.790 8.268   1.977   1.00 48.24  ? 27  ILE A N   1 
ATOM   152 C CA  . ILE A 1 35  ? -10.988 7.275   3.029   1.00 58.76  ? 27  ILE A CA  1 
ATOM   153 C C   . ILE A 1 35  ? -9.652  6.695   3.480   1.00 52.76  ? 27  ILE A C   1 
ATOM   154 O O   . ILE A 1 35  ? -9.410  6.511   4.682   1.00 50.36  ? 27  ILE A O   1 
ATOM   155 C CB  . ILE A 1 35  ? -11.954 6.172   2.548   1.00 61.90  ? 27  ILE A CB  1 
ATOM   156 C CG1 . ILE A 1 35  ? -13.315 6.771   2.200   1.00 64.24  ? 27  ILE A CG1 1 
ATOM   157 C CG2 . ILE A 1 35  ? -12.171 5.133   3.636   1.00 68.65  ? 27  ILE A CG2 1 
ATOM   158 C CD1 . ILE A 1 35  ? -14.354 5.751   1.806   1.00 62.14  ? 27  ILE A CD1 1 
ATOM   159 N N   . TYR A 1 36  ? -8.769  6.395   2.531   1.00 44.69  ? 28  TYR A N   1 
ATOM   160 C CA  . TYR A 1 36  ? -7.464  5.874   2.907   1.00 43.54  ? 28  TYR A CA  1 
ATOM   161 C C   . TYR A 1 36  ? -6.707  6.910   3.717   1.00 45.92  ? 28  TYR A C   1 
ATOM   162 O O   . TYR A 1 36  ? -6.138  6.601   4.772   1.00 47.45  ? 28  TYR A O   1 
ATOM   163 C CB  . TYR A 1 36  ? -6.673  5.454   1.657   1.00 45.40  ? 28  TYR A CB  1 
ATOM   164 C CG  . TYR A 1 36  ? -5.535  4.501   1.968   1.00 49.48  ? 28  TYR A CG  1 
ATOM   165 C CD1 . TYR A 1 36  ? -5.698  3.117   1.857   1.00 47.90  ? 28  TYR A CD1 1 
ATOM   166 C CD2 . TYR A 1 36  ? -4.313  4.982   2.401   1.00 51.62  ? 28  TYR A CD2 1 
ATOM   167 C CE1 . TYR A 1 36  ? -4.676  2.248   2.154   1.00 36.65  ? 28  TYR A CE1 1 
ATOM   168 C CE2 . TYR A 1 36  ? -3.279  4.120   2.708   1.00 50.03  ? 28  TYR A CE2 1 
ATOM   169 C CZ  . TYR A 1 36  ? -3.458  2.754   2.583   1.00 48.57  ? 28  TYR A CZ  1 
ATOM   170 O OH  . TYR A 1 36  ? -2.399  1.914   2.889   1.00 38.54  ? 28  TYR A OH  1 
ATOM   171 N N   . GLN A 1 37  ? -6.745  8.165   3.270   1.00 44.64  ? 29  GLN A N   1 
ATOM   172 C CA  . GLN A 1 37  ? -5.953  9.203   3.919   1.00 48.82  ? 29  GLN A CA  1 
ATOM   173 C C   . GLN A 1 37  ? -6.496  9.525   5.302   1.00 53.38  ? 29  GLN A C   1 
ATOM   174 O O   . GLN A 1 37  ? -5.739  9.586   6.278   1.00 55.13  ? 29  GLN A O   1 
ATOM   175 C CB  . GLN A 1 37  ? -5.923  10.456  3.054   1.00 49.97  ? 29  GLN A CB  1 
ATOM   176 C CG  . GLN A 1 37  ? -5.174  11.610  3.664   1.00 49.54  ? 29  GLN A CG  1 
ATOM   177 C CD  . GLN A 1 37  ? -4.816  12.665  2.635   1.00 60.96  ? 29  GLN A CD  1 
ATOM   178 O OE1 . GLN A 1 37  ? -5.105  12.522  1.437   1.00 59.63  ? 29  GLN A OE1 1 
ATOM   179 N NE2 . GLN A 1 37  ? -4.171  13.716  3.089   1.00 52.48  ? 29  GLN A NE2 1 
ATOM   180 N N   . ASP A 1 38  ? -7.808  9.737   5.405   1.00 52.25  ? 30  ASP A N   1 
ATOM   181 C CA  . ASP A 1 38  ? -8.396  10.140  6.672   1.00 59.73  ? 30  ASP A CA  1 
ATOM   182 C C   . ASP A 1 38  ? -8.409  9.017   7.699   1.00 67.31  ? 30  ASP A C   1 
ATOM   183 O O   . ASP A 1 38  ? -8.462  9.301   8.897   1.00 79.18  ? 30  ASP A O   1 
ATOM   184 C CB  . ASP A 1 38  ? -9.820  10.656  6.446   1.00 70.97  ? 30  ASP A CB  1 
ATOM   185 C CG  . ASP A 1 38  ? -9.857  11.914  5.568   1.00 84.17  ? 30  ASP A CG  1 
ATOM   186 O OD1 . ASP A 1 38  ? -8.828  12.215  4.913   1.00 80.45  ? 30  ASP A OD1 1 
ATOM   187 O OD2 . ASP A 1 38  ? -10.913 12.600  5.534   1.00 91.69  ? 30  ASP A OD2 1 
ATOM   188 N N   . GLU A 1 39  ? -8.348  7.754   7.275   1.00 65.91  ? 31  GLU A N   1 
ATOM   189 C CA  . GLU A 1 39  ? -8.680  6.673   8.197   1.00 62.69  ? 31  GLU A CA  1 
ATOM   190 C C   . GLU A 1 39  ? -7.625  5.573   8.261   1.00 58.62  ? 31  GLU A C   1 
ATOM   191 O O   . GLU A 1 39  ? -7.423  4.977   9.327   1.00 55.65  ? 31  GLU A O   1 
ATOM   192 C CB  . GLU A 1 39  ? -10.045 6.089   7.825   1.00 55.33  ? 31  GLU A CB  1 
ATOM   193 C CG  . GLU A 1 39  ? -11.148 7.142   7.814   1.00 59.46  ? 31  GLU A CG  1 
ATOM   194 C CD  . GLU A 1 39  ? -12.521 6.574   7.535   1.00 67.93  ? 31  GLU A CD  1 
ATOM   195 O OE1 . GLU A 1 39  ? -12.743 5.395   7.870   1.00 66.09  ? 31  GLU A OE1 1 
ATOM   196 O OE2 . GLU A 1 39  ? -13.377 7.307   6.984   1.00 71.18  ? 31  GLU A OE2 1 
ATOM   197 N N   . GLY A 1 40  ? -6.937  5.294   7.154   1.00 54.67  ? 32  GLY A N   1 
ATOM   198 C CA  . GLY A 1 40  ? -5.986  4.192   7.151   1.00 54.19  ? 32  GLY A CA  1 
ATOM   199 C C   . GLY A 1 40  ? -4.525  4.566   7.322   1.00 52.68  ? 32  GLY A C   1 
ATOM   200 O O   . GLY A 1 40  ? -3.748  3.829   7.940   1.00 48.14  ? 32  GLY A O   1 
ATOM   201 N N   . LEU A 1 41  ? -4.151  5.726   6.781   1.00 55.89  ? 33  LEU A N   1 
ATOM   202 C CA  . LEU A 1 41  ? -2.744  6.102   6.687   1.00 52.36  ? 33  LEU A CA  1 
ATOM   203 C C   . LEU A 1 41  ? -2.062  6.090   8.049   1.00 51.71  ? 33  LEU A C   1 
ATOM   204 O O   . LEU A 1 41  ? -0.970  5.530   8.209   1.00 44.45  ? 33  LEU A O   1 
ATOM   205 C CB  . LEU A 1 41  ? -2.627  7.485   6.052   1.00 49.30  ? 33  LEU A CB  1 
ATOM   206 C CG  . LEU A 1 41  ? -1.203  7.838   5.667   1.00 43.55  ? 33  LEU A CG  1 
ATOM   207 C CD1 . LEU A 1 41  ? -0.675  6.733   4.781   1.00 40.45  ? 33  LEU A CD1 1 
ATOM   208 C CD2 . LEU A 1 41  ? -1.197  9.169   4.960   1.00 44.73  ? 33  LEU A CD2 1 
ATOM   209 N N   . GLY A 1 42  ? -2.693  6.718   9.043   1.00 52.78  ? 34  GLY A N   1 
ATOM   210 C CA  . GLY A 1 42  ? -2.101  6.788   10.369  1.00 53.83  ? 34  GLY A CA  1 
ATOM   211 C C   . GLY A 1 42  ? -1.874  5.429   11.001  1.00 56.25  ? 34  GLY A C   1 
ATOM   212 O O   . GLY A 1 42  ? -0.898  5.240   11.732  1.00 60.67  ? 34  GLY A O   1 
ATOM   213 N N   . ILE A 1 43  ? -2.757  4.464   10.731  1.00 54.17  ? 35  ILE A N   1 
ATOM   214 C CA  . ILE A 1 43  ? -2.596  3.133   11.313  1.00 48.57  ? 35  ILE A CA  1 
ATOM   215 C C   . ILE A 1 43  ? -1.432  2.411   10.660  1.00 54.96  ? 35  ILE A C   1 
ATOM   216 O O   . ILE A 1 43  ? -0.490  1.981   11.335  1.00 58.99  ? 35  ILE A O   1 
ATOM   217 C CB  . ILE A 1 43  ? -3.887  2.316   11.175  1.00 48.27  ? 35  ILE A CB  1 
ATOM   218 C CG1 . ILE A 1 43  ? -5.024  2.959   11.943  1.00 52.17  ? 35  ILE A CG1 1 
ATOM   219 C CG2 . ILE A 1 43  ? -3.680  0.918   11.654  1.00 47.74  ? 35  ILE A CG2 1 
ATOM   220 C CD1 . ILE A 1 43  ? -6.347  2.453   11.471  1.00 52.15  ? 35  ILE A CD1 1 
ATOM   221 N N   . ILE A 1 44  ? -1.476  2.272   9.330   1.00 47.10  ? 36  ILE A N   1 
ATOM   222 C CA  . ILE A 1 44  ? -0.520  1.392   8.665   1.00 40.38  ? 36  ILE A CA  1 
ATOM   223 C C   . ILE A 1 44  ? 0.886   1.963   8.742   1.00 49.55  ? 36  ILE A C   1 
ATOM   224 O O   . ILE A 1 44  ? 1.861   1.207   8.824   1.00 49.35  ? 36  ILE A O   1 
ATOM   225 C CB  . ILE A 1 44  ? -0.956  1.106   7.214   1.00 37.92  ? 36  ILE A CB  1 
ATOM   226 C CG1 . ILE A 1 44  ? 0.066   0.217   6.507   1.00 37.84  ? 36  ILE A CG1 1 
ATOM   227 C CG2 . ILE A 1 44  ? -1.225  2.394   6.432   1.00 37.87  ? 36  ILE A CG2 1 
ATOM   228 C CD1 . ILE A 1 44  ? -0.404  -0.320  5.156   1.00 34.62  ? 36  ILE A CD1 1 
ATOM   229 N N   . THR A 1 45  ? 1.025   3.293   8.764   1.00 46.63  ? 37  THR A N   1 
ATOM   230 C CA  . THR A 1 45  ? 2.368   3.847   8.842   1.00 45.48  ? 37  THR A CA  1 
ATOM   231 C C   . THR A 1 45  ? 2.990   3.654   10.222  1.00 49.38  ? 37  THR A C   1 
ATOM   232 O O   . THR A 1 45  ? 4.192   3.868   10.375  1.00 48.34  ? 37  THR A O   1 
ATOM   233 C CB  . THR A 1 45  ? 2.374   5.324   8.424   1.00 46.94  ? 37  THR A CB  1 
ATOM   234 O OG1 . THR A 1 45  ? 1.457   6.082   9.226   1.00 47.60  ? 37  THR A OG1 1 
ATOM   235 C CG2 . THR A 1 45  ? 1.990   5.446   6.951   1.00 43.95  ? 37  THR A CG2 1 
ATOM   236 N N   . GLN A 1 46  ? 2.228   3.208   11.214  1.00 54.25  ? 38  GLN A N   1 
ATOM   237 C CA  . GLN A 1 46  ? 2.865   2.742   12.438  1.00 58.91  ? 38  GLN A CA  1 
ATOM   238 C C   . GLN A 1 46  ? 3.690   1.485   12.207  1.00 56.10  ? 38  GLN A C   1 
ATOM   239 O O   . GLN A 1 46  ? 4.564   1.179   13.019  1.00 59.37  ? 38  GLN A O   1 
ATOM   240 C CB  . GLN A 1 46  ? 1.820   2.480   13.521  1.00 63.94  ? 38  GLN A CB  1 
ATOM   241 C CG  . GLN A 1 46  ? 1.031   3.706   13.904  1.00 74.39  ? 38  GLN A CG  1 
ATOM   242 C CD  . GLN A 1 46  ? -0.075  3.407   14.894  1.00 85.05  ? 38  GLN A CD  1 
ATOM   243 O OE1 . GLN A 1 46  ? -0.129  2.321   15.473  1.00 86.10  ? 38  GLN A OE1 1 
ATOM   244 N NE2 . GLN A 1 46  ? -0.969  4.378   15.097  1.00 90.94  ? 38  GLN A NE2 1 
ATOM   245 N N   . TYR A 1 47  ? 3.465   0.768   11.110  1.00 50.79  ? 39  TYR A N   1 
ATOM   246 C CA  . TYR A 1 47  ? 4.107   -0.524  10.912  1.00 50.30  ? 39  TYR A CA  1 
ATOM   247 C C   . TYR A 1 47  ? 4.974   -0.628  9.665   1.00 53.01  ? 39  TYR A C   1 
ATOM   248 O O   . TYR A 1 47  ? 5.880   -1.461  9.644   1.00 61.85  ? 39  TYR A O   1 
ATOM   249 C CB  . TYR A 1 47  ? 3.048   -1.642  10.883  1.00 47.77  ? 39  TYR A CB  1 
ATOM   250 C CG  . TYR A 1 47  ? 2.117   -1.610  12.076  1.00 51.98  ? 39  TYR A CG  1 
ATOM   251 C CD1 . TYR A 1 47  ? 2.560   -1.994  13.336  1.00 53.67  ? 39  TYR A CD1 1 
ATOM   252 C CD2 . TYR A 1 47  ? 0.808   -1.169  11.950  1.00 53.15  ? 39  TYR A CD2 1 
ATOM   253 C CE1 . TYR A 1 47  ? 1.725   -1.962  14.429  1.00 56.63  ? 39  TYR A CE1 1 
ATOM   254 C CE2 . TYR A 1 47  ? -0.042  -1.135  13.046  1.00 56.05  ? 39  TYR A CE2 1 
ATOM   255 C CZ  . TYR A 1 47  ? 0.423   -1.537  14.281  1.00 57.81  ? 39  TYR A CZ  1 
ATOM   256 O OH  . TYR A 1 47  ? -0.413  -1.509  15.374  1.00 57.99  ? 39  TYR A OH  1 
ATOM   257 N N   . ALA A 1 48  ? 4.747   0.181   8.634   1.00 45.76  ? 40  ALA A N   1 
ATOM   258 C CA  . ALA A 1 48  ? 5.559   0.110   7.432   1.00 41.75  ? 40  ALA A CA  1 
ATOM   259 C C   . ALA A 1 48  ? 5.971   1.508   6.988   1.00 45.35  ? 40  ALA A C   1 
ATOM   260 O O   . ALA A 1 48  ? 5.279   2.490   7.268   1.00 52.27  ? 40  ALA A O   1 
ATOM   261 C CB  . ALA A 1 48  ? 4.806   -0.588  6.317   1.00 38.72  ? 40  ALA A CB  1 
ATOM   262 N N   . ARG A 1 49  ? 7.102   1.598   6.290   1.00 42.77  ? 41  ARG A N   1 
ATOM   263 C CA  . ARG A 1 49  ? 7.578   2.881   5.779   1.00 50.60  ? 41  ARG A CA  1 
ATOM   264 C C   . ARG A 1 49  ? 7.012   3.105   4.377   1.00 52.29  ? 41  ARG A C   1 
ATOM   265 O O   . ARG A 1 49  ? 7.358   2.386   3.434   1.00 55.93  ? 41  ARG A O   1 
ATOM   266 C CB  . ARG A 1 49  ? 9.106   2.948   5.783   1.00 50.93  ? 41  ARG A CB  1 
ATOM   267 N N   . LEU A 1 50  ? 6.143   4.108   4.242   1.00 49.71  ? 42  LEU A N   1 
ATOM   268 C CA  . LEU A 1 50  ? 5.630   4.515   2.943   1.00 44.36  ? 42  LEU A CA  1 
ATOM   269 C C   . LEU A 1 50  ? 6.626   5.433   2.266   1.00 44.70  ? 42  LEU A C   1 
ATOM   270 O O   . LEU A 1 50  ? 6.933   6.505   2.786   1.00 44.37  ? 42  LEU A O   1 
ATOM   271 C CB  . LEU A 1 50  ? 4.297   5.240   3.063   1.00 46.94  ? 42  LEU A CB  1 
ATOM   272 C CG  . LEU A 1 50  ? 3.759   5.538   1.660   1.00 45.98  ? 42  LEU A CG  1 
ATOM   273 C CD1 . LEU A 1 50  ? 3.244   4.256   1.022   1.00 38.13  ? 42  LEU A CD1 1 
ATOM   274 C CD2 . LEU A 1 50  ? 2.672   6.579   1.708   1.00 50.85  ? 42  LEU A CD2 1 
ATOM   275 N N   . ARG A 1 51  ? 7.112   5.037   1.099   1.00 46.79  ? 43  ARG A N   1 
ATOM   276 C CA  . ARG A 1 51  ? 7.983   5.920   0.348   1.00 48.89  ? 43  ARG A CA  1 
ATOM   277 C C   . ARG A 1 51  ? 7.283   6.623   -0.808  1.00 53.21  ? 43  ARG A C   1 
ATOM   278 O O   . ARG A 1 51  ? 7.888   7.497   -1.419  1.00 61.75  ? 43  ARG A O   1 
ATOM   279 C CB  . ARG A 1 51  ? 9.197   5.146   -0.162  1.00 49.88  ? 43  ARG A CB  1 
ATOM   280 C CG  . ARG A 1 51  ? 9.949   4.472   0.970   1.00 65.46  ? 43  ARG A CG  1 
ATOM   281 C CD  . ARG A 1 51  ? 11.235  5.199   1.327   1.00 86.69  ? 43  ARG A CD  1 
ATOM   282 N NE  . ARG A 1 51  ? 12.273  5.016   0.309   1.00 104.55 ? 43  ARG A NE  1 
ATOM   283 C CZ  . ARG A 1 51  ? 13.179  4.037   0.318   1.00 111.98 ? 43  ARG A CZ  1 
ATOM   284 N NH1 . ARG A 1 51  ? 13.181  3.140   1.296   1.00 107.35 ? 43  ARG A NH1 1 
ATOM   285 N NH2 . ARG A 1 51  ? 14.089  3.957   -0.649  1.00 119.01 ? 43  ARG A NH2 1 
ATOM   286 N N   . GLY A 1 52  ? 6.029   6.296   -1.111  1.00 53.94  ? 44  GLY A N   1 
ATOM   287 C CA  . GLY A 1 52  ? 5.333   6.969   -2.195  1.00 50.03  ? 44  GLY A CA  1 
ATOM   288 C C   . GLY A 1 52  ? 3.943   6.432   -2.476  1.00 45.47  ? 44  GLY A C   1 
ATOM   289 O O   . GLY A 1 52  ? 3.717   5.219   -2.383  1.00 43.30  ? 44  GLY A O   1 
ATOM   290 N N   . CYS A 1 53  ? 3.001   7.319   -2.810  1.00 42.44  ? 45  CYS A N   1 
ATOM   291 C CA  . CYS A 1 53  ? 1.649   6.920   -3.203  1.00 39.43  ? 45  CYS A CA  1 
ATOM   292 C C   . CYS A 1 53  ? 1.212   7.719   -4.422  1.00 37.31  ? 45  CYS A C   1 
ATOM   293 O O   . CYS A 1 53  ? 1.185   8.954   -4.386  1.00 38.59  ? 45  CYS A O   1 
ATOM   294 C CB  . CYS A 1 53  ? 0.645   7.114   -2.065  1.00 36.13  ? 45  CYS A CB  1 
ATOM   295 S SG  . CYS A 1 53  ? -0.923  6.375   -2.495  1.00 42.36  ? 45  CYS A SG  1 
ATOM   296 N N   . TRP A 1 54  ? 0.833   7.023   -5.487  1.00 36.96  ? 46  TRP A N   1 
ATOM   297 C CA  . TRP A 1 54  ? 0.647   7.663   -6.783  1.00 38.22  ? 46  TRP A CA  1 
ATOM   298 C C   . TRP A 1 54  ? -0.601  7.120   -7.462  1.00 37.91  ? 46  TRP A C   1 
ATOM   299 O O   . TRP A 1 54  ? -1.020  5.986   -7.234  1.00 37.00  ? 46  TRP A O   1 
ATOM   300 C CB  . TRP A 1 54  ? 1.845   7.422   -7.721  1.00 39.67  ? 46  TRP A CB  1 
ATOM   301 C CG  . TRP A 1 54  ? 3.168   7.465   -7.059  1.00 43.28  ? 46  TRP A CG  1 
ATOM   302 C CD1 . TRP A 1 54  ? 3.797   6.449   -6.386  1.00 45.73  ? 46  TRP A CD1 1 
ATOM   303 C CD2 . TRP A 1 54  ? 4.050   8.578   -7.014  1.00 42.34  ? 46  TRP A CD2 1 
ATOM   304 N NE1 . TRP A 1 54  ? 5.013   6.877   -5.912  1.00 44.35  ? 46  TRP A NE1 1 
ATOM   305 C CE2 . TRP A 1 54  ? 5.195   8.180   -6.292  1.00 44.74  ? 46  TRP A CE2 1 
ATOM   306 C CE3 . TRP A 1 54  ? 3.992   9.871   -7.527  1.00 47.45  ? 46  TRP A CE3 1 
ATOM   307 C CZ2 . TRP A 1 54  ? 6.265   9.032   -6.068  1.00 50.53  ? 46  TRP A CZ2 1 
ATOM   308 C CZ3 . TRP A 1 54  ? 5.061   10.718  -7.304  1.00 57.14  ? 46  TRP A CZ3 1 
ATOM   309 C CH2 . TRP A 1 54  ? 6.182   10.296  -6.579  1.00 55.15  ? 46  TRP A CH2 1 
ATOM   310 N N   . THR A 1 55  ? -1.164  7.918   -8.350  1.00 42.88  ? 47  THR A N   1 
ATOM   311 C CA  . THR A 1 55  ? -2.172  7.415   -9.266  1.00 38.80  ? 47  THR A CA  1 
ATOM   312 C C   . THR A 1 55  ? -1.559  7.318   -10.660 1.00 39.97  ? 47  THR A C   1 
ATOM   313 O O   . THR A 1 55  ? -0.617  8.048   -10.994 1.00 44.66  ? 47  THR A O   1 
ATOM   314 C CB  . THR A 1 55  ? -3.424  8.307   -9.239  1.00 41.75  ? 47  THR A CB  1 
ATOM   315 O OG1 . THR A 1 55  ? -3.103  9.608   -9.744  1.00 42.59  ? 47  THR A OG1 1 
ATOM   316 C CG2 . THR A 1 55  ? -3.933  8.441   -7.823  1.00 36.60  ? 47  THR A CG2 1 
ATOM   317 N N   . GLN A 1 56  ? -2.043  6.379   -11.465 1.00 34.94  ? 48  GLN A N   1 
ATOM   318 C CA  . GLN A 1 56  ? -1.470  6.224   -12.794 1.00 34.99  ? 48  GLN A CA  1 
ATOM   319 C C   . GLN A 1 56  ? -2.073  7.250   -13.722 1.00 37.83  ? 48  GLN A C   1 
ATOM   320 O O   . GLN A 1 56  ? -3.293  7.394   -13.784 1.00 38.58  ? 48  GLN A O   1 
ATOM   321 C CB  . GLN A 1 56  ? -1.701  4.825   -13.359 1.00 30.71  ? 48  GLN A CB  1 
ATOM   322 C CG  . GLN A 1 56  ? -0.740  3.810   -12.830 1.00 35.80  ? 48  GLN A CG  1 
ATOM   323 C CD  . GLN A 1 56  ? -0.776  2.505   -13.589 1.00 39.38  ? 48  GLN A CD  1 
ATOM   324 O OE1 . GLN A 1 56  ? -1.219  2.450   -14.739 1.00 41.43  ? 48  GLN A OE1 1 
ATOM   325 N NE2 . GLN A 1 56  ? -0.295  1.449   -12.957 1.00 44.83  ? 48  GLN A NE2 1 
ATOM   326 N N   . ASP A 1 57  ? -1.213  7.960   -14.435 1.00 37.38  ? 49  ASP A N   1 
ATOM   327 C CA  . ASP A 1 57  ? -1.610  8.867   -15.500 1.00 31.41  ? 49  ASP A CA  1 
ATOM   328 C C   . ASP A 1 57  ? -1.430  8.259   -16.900 1.00 38.44  ? 49  ASP A C   1 
ATOM   329 O O   . ASP A 1 57  ? -1.659  8.957   -17.900 1.00 32.47  ? 49  ASP A O   1 
ATOM   330 C CB  . ASP A 1 57  ? -0.798  10.151  -15.365 1.00 36.13  ? 49  ASP A CB  1 
ATOM   331 C CG  . ASP A 1 57  ? -1.404  11.299  -16.103 1.00 46.68  ? 49  ASP A CG  1 
ATOM   332 O OD1 . ASP A 1 57  ? -2.640  11.314  -16.212 1.00 51.86  ? 49  ASP A OD1 1 
ATOM   333 O OD2 . ASP A 1 57  ? -0.658  12.183  -16.574 1.00 49.03  ? 49  ASP A OD2 1 
ATOM   334 N N   . SER A 1 58  ? -1.016  6.991   -17.006 1.00 31.31  ? 50  SER A N   1 
ATOM   335 C CA  . SER A 1 58  ? -0.890  6.324   -18.301 1.00 33.54  ? 50  SER A CA  1 
ATOM   336 C C   . SER A 1 58  ? -1.116  4.836   -18.096 1.00 33.34  ? 50  SER A C   1 
ATOM   337 O O   . SER A 1 58  ? -1.013  4.333   -16.973 1.00 35.24  ? 50  SER A O   1 
ATOM   338 C CB  . SER A 1 58  ? 0.481   6.559   -18.957 1.00 38.79  ? 50  SER A CB  1 
ATOM   339 O OG  . SER A 1 58  ? 1.473   5.694   -18.423 1.00 40.47  ? 50  SER A OG  1 
ATOM   340 N N   . GLY A 1 59  ? -1.439  4.133   -19.181 1.00 33.45  ? 51  GLY A N   1 
ATOM   341 C CA  . GLY A 1 59  ? -1.737  2.701   -19.061 1.00 34.35  ? 51  GLY A CA  1 
ATOM   342 C C   . GLY A 1 59  ? -3.096  2.465   -18.417 1.00 34.48  ? 51  GLY A C   1 
ATOM   343 O O   . GLY A 1 59  ? -4.091  3.055   -18.814 1.00 39.47  ? 51  GLY A O   1 
ATOM   344 N N   . THR A 1 60  ? -3.152  1.613   -17.405 1.00 38.02  ? 52  THR A N   1 
ATOM   345 C CA  . THR A 1 60  ? -4.433  1.293   -16.776 1.00 35.60  ? 52  THR A CA  1 
ATOM   346 C C   . THR A 1 60  ? -4.798  2.373   -15.763 1.00 37.33  ? 52  THR A C   1 
ATOM   347 O O   . THR A 1 60  ? -4.210  2.447   -14.682 1.00 34.59  ? 52  THR A O   1 
ATOM   348 C CB  . THR A 1 60  ? -4.368  -0.077  -16.114 1.00 39.09  ? 52  THR A CB  1 
ATOM   349 O OG1 . THR A 1 60  ? -4.212  -1.085  -17.134 1.00 44.02  ? 52  THR A OG1 1 
ATOM   350 C CG2 . THR A 1 60  ? -5.657  -0.320  -15.310 1.00 37.32  ? 52  THR A CG2 1 
ATOM   351 N N   . LEU A 1 61  ? -5.781  3.203   -16.096 1.00 37.56  ? 53  LEU A N   1 
ATOM   352 C CA  . LEU A 1 61  ? -6.152  4.289   -15.202 1.00 38.77  ? 53  LEU A CA  1 
ATOM   353 C C   . LEU A 1 61  ? -6.912  3.743   -13.992 1.00 35.79  ? 53  LEU A C   1 
ATOM   354 O O   . LEU A 1 61  ? -7.106  2.536   -13.835 1.00 40.26  ? 53  LEU A O   1 
ATOM   355 C CB  . LEU A 1 61  ? -6.960  5.320   -15.965 1.00 43.38  ? 53  LEU A CB  1 
ATOM   356 C CG  . LEU A 1 61  ? -6.203  5.761   -17.216 1.00 34.36  ? 53  LEU A CG  1 
ATOM   357 C CD1 . LEU A 1 61  ? -7.065  6.651   -18.070 1.00 35.19  ? 53  LEU A CD1 1 
ATOM   358 C CD2 . LEU A 1 61  ? -4.896  6.458   -16.809 1.00 32.80  ? 53  LEU A CD2 1 
ATOM   359 N N   . ASN A 1 62  ? -7.323  4.635   -13.106 1.00 36.23  ? 54  ASN A N   1 
ATOM   360 C CA  . ASN A 1 62  ? -8.033  4.223   -11.890 1.00 50.17  ? 54  ASN A CA  1 
ATOM   361 C C   . ASN A 1 62  ? -7.181  3.273   -11.047 1.00 46.25  ? 54  ASN A C   1 
ATOM   362 O O   . ASN A 1 62  ? -7.680  2.287   -10.500 1.00 46.13  ? 54  ASN A O   1 
ATOM   363 C CB  . ASN A 1 62  ? -9.389  3.574   -12.214 1.00 48.02  ? 54  ASN A CB  1 
ATOM   364 C CG  . ASN A 1 62  ? -10.320 4.501   -12.947 1.00 55.12  ? 54  ASN A CG  1 
ATOM   365 O OD1 . ASN A 1 62  ? -11.036 5.307   -12.341 1.00 61.25  ? 54  ASN A OD1 1 
ATOM   366 N ND2 . ASN A 1 62  ? -10.331 4.386   -14.259 1.00 60.63  ? 54  ASN A ND2 1 
ATOM   367 N N   . SER A 1 63  ? -5.888  3.562   -10.952 1.00 34.92  ? 55  SER A N   1 
ATOM   368 C CA  . SER A 1 63  ? -4.937  2.654   -10.331 1.00 36.36  ? 55  SER A CA  1 
ATOM   369 C C   . SER A 1 63  ? -4.067  3.429   -9.355  1.00 41.18  ? 55  SER A C   1 
ATOM   370 O O   . SER A 1 63  ? -3.493  4.459   -9.715  1.00 41.71  ? 55  SER A O   1 
ATOM   371 C CB  . SER A 1 63  ? -4.081  1.961   -11.384 1.00 32.92  ? 55  SER A CB  1 
ATOM   372 O OG  . SER A 1 63  ? -4.894  1.119   -12.169 1.00 47.13  ? 55  SER A OG  1 
ATOM   373 N N   . VAL A 1 64  ? -3.980  2.942   -8.121  1.00 39.01  ? 56  VAL A N   1 
ATOM   374 C CA  . VAL A 1 64  ? -3.198  3.583   -7.073  1.00 36.56  ? 56  VAL A CA  1 
ATOM   375 C C   . VAL A 1 64  ? -1.989  2.719   -6.772  1.00 32.53  ? 56  VAL A C   1 
ATOM   376 O O   . VAL A 1 64  ? -2.128  1.520   -6.498  1.00 41.36  ? 56  VAL A O   1 
ATOM   377 C CB  . VAL A 1 64  ? -4.035  3.808   -5.810  1.00 35.80  ? 56  VAL A CB  1 
ATOM   378 C CG1 . VAL A 1 64  ? -3.176  4.493   -4.729  1.00 36.26  ? 56  VAL A CG1 1 
ATOM   379 C CG2 . VAL A 1 64  ? -5.269  4.599   -6.167  1.00 37.46  ? 56  VAL A CG2 1 
ATOM   380 N N   . VAL A 1 65  ? -0.809  3.323   -6.830  1.00 31.90  ? 57  VAL A N   1 
ATOM   381 C CA  . VAL A 1 65  ? 0.456   2.633   -6.623  1.00 31.20  ? 57  VAL A CA  1 
ATOM   382 C C   . VAL A 1 65  ? 1.038   3.076   -5.282  1.00 39.94  ? 57  VAL A C   1 
ATOM   383 O O   . VAL A 1 65  ? 1.179   4.283   -5.018  1.00 36.99  ? 57  VAL A O   1 
ATOM   384 C CB  . VAL A 1 65  ? 1.424   2.899   -7.792  1.00 32.52  ? 57  VAL A CB  1 
ATOM   385 C CG1 . VAL A 1 65  ? 2.717   2.108   -7.649  1.00 33.79  ? 57  VAL A CG1 1 
ATOM   386 C CG2 . VAL A 1 65  ? 0.761   2.559   -9.132  1.00 30.20  ? 57  VAL A CG2 1 
ATOM   387 N N   . PHE A 1 66  ? 1.337   2.095   -4.422  1.00 37.82  ? 58  PHE A N   1 
ATOM   388 C CA  . PHE A 1 66  ? 2.006   2.301   -3.137  1.00 37.45  ? 58  PHE A CA  1 
ATOM   389 C C   . PHE A 1 66  ? 3.411   1.714   -3.179  1.00 32.61  ? 58  PHE A C   1 
ATOM   390 O O   . PHE A 1 66  ? 3.606   0.606   -3.691  1.00 37.77  ? 58  PHE A O   1 
ATOM   391 C CB  . PHE A 1 66  ? 1.248   1.621   -1.994  1.00 33.89  ? 58  PHE A CB  1 
ATOM   392 C CG  . PHE A 1 66  ? -0.098  2.214   -1.682  1.00 35.39  ? 58  PHE A CG  1 
ATOM   393 C CD1 . PHE A 1 66  ? -0.260  3.070   -0.602  1.00 37.59  ? 58  PHE A CD1 1 
ATOM   394 C CD2 . PHE A 1 66  ? -1.218  1.861   -2.431  1.00 35.20  ? 58  PHE A CD2 1 
ATOM   395 C CE1 . PHE A 1 66  ? -1.509  3.611   -0.295  1.00 42.57  ? 58  PHE A CE1 1 
ATOM   396 C CE2 . PHE A 1 66  ? -2.466  2.380   -2.124  1.00 39.63  ? 58  PHE A CE2 1 
ATOM   397 C CZ  . PHE A 1 66  ? -2.613  3.269   -1.049  1.00 43.62  ? 58  PHE A CZ  1 
ATOM   398 N N   . TRP A 1 67  ? 4.387   2.438   -2.616  1.00 34.85  ? 59  TRP A N   1 
ATOM   399 C CA  . TRP A 1 67  ? 5.756   1.940   -2.422  1.00 39.12  ? 59  TRP A CA  1 
ATOM   400 C C   . TRP A 1 67  ? 6.000   1.727   -0.927  1.00 35.39  ? 59  TRP A C   1 
ATOM   401 O O   . TRP A 1 67  ? 6.133   2.695   -0.170  1.00 40.58  ? 59  TRP A O   1 
ATOM   402 C CB  . TRP A 1 67  ? 6.801   2.903   -2.997  1.00 39.78  ? 59  TRP A CB  1 
ATOM   403 C CG  . TRP A 1 67  ? 6.756   3.044   -4.501  1.00 60.07  ? 59  TRP A CG  1 
ATOM   404 C CD1 . TRP A 1 67  ? 6.233   2.141   -5.407  1.00 61.12  ? 59  TRP A CD1 1 
ATOM   405 C CD2 . TRP A 1 67  ? 7.243   4.158   -5.283  1.00 67.16  ? 59  TRP A CD2 1 
ATOM   406 N NE1 . TRP A 1 67  ? 6.369   2.627   -6.690  1.00 58.19  ? 59  TRP A NE1 1 
ATOM   407 C CE2 . TRP A 1 67  ? 6.978   3.859   -6.647  1.00 61.81  ? 59  TRP A CE2 1 
ATOM   408 C CE3 . TRP A 1 67  ? 7.878   5.376   -4.964  1.00 67.32  ? 59  TRP A CE3 1 
ATOM   409 C CZ2 . TRP A 1 67  ? 7.331   4.732   -7.691  1.00 58.39  ? 59  TRP A CZ2 1 
ATOM   410 C CZ3 . TRP A 1 67  ? 8.219   6.241   -5.994  1.00 67.98  ? 59  TRP A CZ3 1 
ATOM   411 C CH2 . TRP A 1 67  ? 7.945   5.912   -7.349  1.00 64.01  ? 59  TRP A CH2 1 
ATOM   412 N N   . TRP A 1 68  ? 6.111   0.475   -0.503  1.00 35.43  ? 60  TRP A N   1 
ATOM   413 C CA  . TRP A 1 68  ? 6.396   0.150   0.895   1.00 42.29  ? 60  TRP A CA  1 
ATOM   414 C C   . TRP A 1 68  ? 7.833   -0.338  1.022   1.00 45.07  ? 60  TRP A C   1 
ATOM   415 O O   . TRP A 1 68  ? 8.278   -1.176  0.228   1.00 48.45  ? 60  TRP A O   1 
ATOM   416 C CB  . TRP A 1 68  ? 5.409   -0.901  1.431   1.00 34.97  ? 60  TRP A CB  1 
ATOM   417 C CG  . TRP A 1 68  ? 3.997   -0.413  1.435   1.00 38.94  ? 60  TRP A CG  1 
ATOM   418 C CD1 . TRP A 1 68  ? 2.999   -0.760  0.557   1.00 37.08  ? 60  TRP A CD1 1 
ATOM   419 C CD2 . TRP A 1 68  ? 3.425   0.544   2.337   1.00 40.42  ? 60  TRP A CD2 1 
ATOM   420 N NE1 . TRP A 1 68  ? 1.838   -0.094  0.877   1.00 35.51  ? 60  TRP A NE1 1 
ATOM   421 C CE2 . TRP A 1 68  ? 2.071   0.719   1.957   1.00 41.77  ? 60  TRP A CE2 1 
ATOM   422 C CE3 . TRP A 1 68  ? 3.923   1.266   3.435   1.00 47.01  ? 60  TRP A CE3 1 
ATOM   423 C CZ2 . TRP A 1 68  ? 1.202   1.592   2.640   1.00 45.49  ? 60  TRP A CZ2 1 
ATOM   424 C CZ3 . TRP A 1 68  ? 3.063   2.132   4.113   1.00 46.67  ? 60  TRP A CZ3 1 
ATOM   425 C CH2 . TRP A 1 68  ? 1.712   2.288   3.708   1.00 42.21  ? 60  TRP A CH2 1 
ATOM   426 N N   . ALA A 1 69  ? 8.552   0.180   2.018   1.00 43.59  ? 61  ALA A N   1 
ATOM   427 C CA  . ALA A 1 69  ? 9.962   -0.133  2.241   1.00 42.91  ? 61  ALA A CA  1 
ATOM   428 C C   . ALA A 1 69  ? 10.137  -0.934  3.528   1.00 40.26  ? 61  ALA A C   1 
ATOM   429 O O   . ALA A 1 69  ? 9.612   -0.557  4.580   1.00 41.70  ? 61  ALA A O   1 
ATOM   430 C CB  . ALA A 1 69  ? 10.802  1.145   2.315   1.00 42.62  ? 61  ALA A CB  1 
ATOM   431 N N   . TYR A 1 70  ? 10.892  -2.019  3.444   1.00 39.75  ? 62  TYR A N   1 
ATOM   432 C CA  . TYR A 1 70  ? 11.228  -2.842  4.595   1.00 43.85  ? 62  TYR A CA  1 
ATOM   433 C C   . TYR A 1 70  ? 12.734  -3.116  4.605   1.00 44.92  ? 62  TYR A C   1 
ATOM   434 O O   . TYR A 1 70  ? 13.396  -3.046  3.569   1.00 51.06  ? 62  TYR A O   1 
ATOM   435 C CB  . TYR A 1 70  ? 10.446  -4.152  4.555   1.00 42.42  ? 62  TYR A CB  1 
ATOM   436 C CG  . TYR A 1 70  ? 8.942   -4.007  4.501   1.00 42.07  ? 62  TYR A CG  1 
ATOM   437 C CD1 . TYR A 1 70  ? 8.215   -3.689  5.644   1.00 46.50  ? 62  TYR A CD1 1 
ATOM   438 C CD2 . TYR A 1 70  ? 8.244   -4.227  3.317   1.00 36.43  ? 62  TYR A CD2 1 
ATOM   439 C CE1 . TYR A 1 70  ? 6.827   -3.579  5.608   1.00 50.05  ? 62  TYR A CE1 1 
ATOM   440 C CE2 . TYR A 1 70  ? 6.869   -4.109  3.259   1.00 36.77  ? 62  TYR A CE2 1 
ATOM   441 C CZ  . TYR A 1 70  ? 6.159   -3.794  4.405   1.00 48.78  ? 62  TYR A CZ  1 
ATOM   442 O OH  . TYR A 1 70  ? 4.784   -3.684  4.355   1.00 51.66  ? 62  TYR A OH  1 
ATOM   443 N N   . ASP A 1 71  ? 13.283  -3.438  5.780   1.00 51.34  ? 63  ASP A N   1 
ATOM   444 C CA  . ASP A 1 71  ? 14.705  -3.789  5.849   1.00 59.25  ? 63  ASP A CA  1 
ATOM   445 C C   . ASP A 1 71  ? 15.005  -5.077  5.091   1.00 57.61  ? 63  ASP A C   1 
ATOM   446 O O   . ASP A 1 71  ? 16.077  -5.211  4.485   1.00 57.88  ? 63  ASP A O   1 
ATOM   447 C CB  . ASP A 1 71  ? 15.170  -3.954  7.298   1.00 63.22  ? 63  ASP A CB  1 
ATOM   448 C CG  . ASP A 1 71  ? 15.078  -2.680  8.094   1.00 70.77  ? 63  ASP A CG  1 
ATOM   449 O OD1 . ASP A 1 71  ? 14.613  -2.749  9.247   1.00 78.55  ? 63  ASP A OD1 1 
ATOM   450 O OD2 . ASP A 1 71  ? 15.478  -1.616  7.586   1.00 72.31  ? 63  ASP A OD2 1 
ATOM   451 N N   . ASP A 1 72  ? 14.099  -6.046  5.156   1.00 55.77  ? 64  ASP A N   1 
ATOM   452 C CA  . ASP A 1 72  ? 14.297  -7.350  4.531   1.00 59.20  ? 64  ASP A CA  1 
ATOM   453 C C   . ASP A 1 72  ? 12.996  -8.124  4.661   1.00 50.71  ? 64  ASP A C   1 
ATOM   454 O O   . ASP A 1 72  ? 12.025  -7.642  5.250   1.00 48.54  ? 64  ASP A O   1 
ATOM   455 C CB  . ASP A 1 72  ? 15.468  -8.128  5.149   1.00 65.32  ? 64  ASP A CB  1 
ATOM   456 C CG  . ASP A 1 72  ? 15.384  -8.232  6.660   1.00 66.68  ? 64  ASP A CG  1 
ATOM   457 O OD1 . ASP A 1 72  ? 14.273  -8.279  7.224   1.00 65.28  ? 64  ASP A OD1 1 
ATOM   458 O OD2 . ASP A 1 72  ? 16.452  -8.275  7.289   1.00 74.63  ? 64  ASP A OD2 1 
ATOM   459 N N   . TYR A 1 73  ? 13.000  -9.351  4.133   1.00 49.48  ? 65  TYR A N   1 
ATOM   460 C CA  . TYR A 1 73  ? 11.782  -10.152 4.131   1.00 51.99  ? 65  TYR A CA  1 
ATOM   461 C C   . TYR A 1 73  ? 11.313  -10.490 5.544   1.00 53.82  ? 65  TYR A C   1 
ATOM   462 O O   . TYR A 1 73  ? 10.102  -10.513 5.799   1.00 51.85  ? 65  TYR A O   1 
ATOM   463 C CB  . TYR A 1 73  ? 11.981  -11.427 3.314   1.00 50.66  ? 65  TYR A CB  1 
ATOM   464 C CG  . TYR A 1 73  ? 11.824  -11.227 1.826   1.00 50.49  ? 65  TYR A CG  1 
ATOM   465 C CD1 . TYR A 1 73  ? 10.569  -11.008 1.265   1.00 48.68  ? 65  TYR A CD1 1 
ATOM   466 C CD2 . TYR A 1 73  ? 12.926  -11.263 0.979   1.00 50.07  ? 65  TYR A CD2 1 
ATOM   467 C CE1 . TYR A 1 73  ? 10.413  -10.824 -0.099  1.00 45.34  ? 65  TYR A CE1 1 
ATOM   468 C CE2 . TYR A 1 73  ? 12.778  -11.076 -0.378  1.00 49.72  ? 65  TYR A CE2 1 
ATOM   469 C CZ  . TYR A 1 73  ? 11.517  -10.859 -0.908  1.00 49.55  ? 65  TYR A CZ  1 
ATOM   470 O OH  . TYR A 1 73  ? 11.363  -10.674 -2.254  1.00 51.04  ? 65  TYR A OH  1 
ATOM   471 N N   . SER A 1 74  ? 12.233  -10.739 6.478   1.00 55.22  ? 66  SER A N   1 
ATOM   472 C CA  . SER A 1 74  ? 11.751  -11.142 7.795   1.00 56.90  ? 66  SER A CA  1 
ATOM   473 C C   . SER A 1 74  ? 11.237  -9.949  8.599   1.00 54.08  ? 66  SER A C   1 
ATOM   474 O O   . SER A 1 74  ? 10.251  -10.082 9.331   1.00 56.38  ? 66  SER A O   1 
ATOM   475 C CB  . SER A 1 74  ? 12.829  -11.914 8.565   1.00 62.65  ? 66  SER A CB  1 
ATOM   476 O OG  . SER A 1 74  ? 13.778  -11.060 9.161   1.00 71.15  ? 66  SER A OG  1 
ATOM   477 N N   . HIS A 1 75  ? 11.869  -8.776  8.482   1.00 51.65  ? 67  HIS A N   1 
ATOM   478 C CA  . HIS A 1 75  ? 11.267  -7.585  9.076   1.00 52.11  ? 67  HIS A CA  1 
ATOM   479 C C   . HIS A 1 75  ? 9.903   -7.311  8.461   1.00 52.88  ? 67  HIS A C   1 
ATOM   480 O O   . HIS A 1 75  ? 8.963   -6.928  9.167   1.00 53.07  ? 67  HIS A O   1 
ATOM   481 C CB  . HIS A 1 75  ? 12.170  -6.361  8.915   1.00 57.68  ? 67  HIS A CB  1 
ATOM   482 C CG  . HIS A 1 75  ? 13.222  -6.246  9.972   1.00 68.33  ? 67  HIS A CG  1 
ATOM   483 N ND1 . HIS A 1 75  ? 14.442  -6.879  9.879   1.00 74.13  ? 67  HIS A ND1 1 
ATOM   484 C CD2 . HIS A 1 75  ? 13.235  -5.578  11.146  1.00 73.41  ? 67  HIS A CD2 1 
ATOM   485 C CE1 . HIS A 1 75  ? 15.160  -6.611  10.954  1.00 79.03  ? 67  HIS A CE1 1 
ATOM   486 N NE2 . HIS A 1 75  ? 14.449  -5.825  11.741  1.00 78.73  ? 67  HIS A NE2 1 
ATOM   487 N N   . ARG A 1 76  ? 9.768   -7.515  7.148   1.00 44.13  ? 68  ARG A N   1 
ATOM   488 C CA  . ARG A 1 76  ? 8.462   -7.353  6.522   1.00 47.52  ? 68  ARG A CA  1 
ATOM   489 C C   . ARG A 1 76  ? 7.452   -8.336  7.108   1.00 48.70  ? 68  ARG A C   1 
ATOM   490 O O   . ARG A 1 76  ? 6.330   -7.959  7.460   1.00 48.01  ? 68  ARG A O   1 
ATOM   491 C CB  . ARG A 1 76  ? 8.561   -7.533  5.012   1.00 43.01  ? 68  ARG A CB  1 
ATOM   492 C CG  . ARG A 1 76  ? 7.207   -7.469  4.357   1.00 44.73  ? 68  ARG A CG  1 
ATOM   493 C CD  . ARG A 1 76  ? 7.235   -7.885  2.895   1.00 48.35  ? 68  ARG A CD  1 
ATOM   494 N NE  . ARG A 1 76  ? 5.884   -7.865  2.349   1.00 37.68  ? 68  ARG A NE  1 
ATOM   495 C CZ  . ARG A 1 76  ? 5.109   -8.939  2.273   1.00 45.68  ? 68  ARG A CZ  1 
ATOM   496 N NH1 . ARG A 1 76  ? 5.565   -10.114 2.677   1.00 40.40  ? 68  ARG A NH1 1 
ATOM   497 N NH2 . ARG A 1 76  ? 3.881   -8.846  1.782   1.00 45.11  ? 68  ARG A NH2 1 
ATOM   498 N N   . ALA A 1 77  ? 7.836   -9.605  7.235   1.00 49.22  ? 69  ALA A N   1 
ATOM   499 C CA  . ALA A 1 77  ? 6.888   -10.588 7.738   1.00 48.54  ? 69  ALA A CA  1 
ATOM   500 C C   . ALA A 1 77  ? 6.466   -10.250 9.160   1.00 50.21  ? 69  ALA A C   1 
ATOM   501 O O   . ALA A 1 77  ? 5.279   -10.342 9.498   1.00 52.13  ? 69  ALA A O   1 
ATOM   502 C CB  . ALA A 1 77  ? 7.485   -11.991 7.647   1.00 45.35  ? 69  ALA A CB  1 
ATOM   503 N N   . ALA A 1 78  ? 7.410   -9.790  9.985   1.00 47.85  ? 70  ALA A N   1 
ATOM   504 C CA  . ALA A 1 78  ? 7.089   -9.471  11.372  1.00 47.38  ? 70  ALA A CA  1 
ATOM   505 C C   . ALA A 1 78  ? 6.218   -8.224  11.477  1.00 51.65  ? 70  ALA A C   1 
ATOM   506 O O   . ALA A 1 78  ? 5.281   -8.179  12.288  1.00 56.21  ? 70  ALA A O   1 
ATOM   507 C CB  . ALA A 1 78  ? 8.370   -9.298  12.186  1.00 47.75  ? 70  ALA A CB  1 
ATOM   508 N N   . GLN A 1 79  ? 6.507   -7.196  10.676  1.00 50.93  ? 71  GLN A N   1 
ATOM   509 C CA  . GLN A 1 79  ? 5.691   -5.987  10.741  1.00 44.77  ? 71  GLN A CA  1 
ATOM   510 C C   . GLN A 1 79  ? 4.296   -6.211  10.161  1.00 39.08  ? 71  GLN A C   1 
ATOM   511 O O   . GLN A 1 79  ? 3.336   -5.557  10.592  1.00 41.32  ? 71  GLN A O   1 
ATOM   512 C CB  . GLN A 1 79  ? 6.390   -4.835  10.031  1.00 42.09  ? 71  GLN A CB  1 
ATOM   513 C CG  . GLN A 1 79  ? 7.673   -4.391  10.696  1.00 45.26  ? 71  GLN A CG  1 
ATOM   514 C CD  . GLN A 1 79  ? 8.573   -3.601  9.752   1.00 56.14  ? 71  GLN A CD  1 
ATOM   515 O OE1 . GLN A 1 79  ? 9.599   -4.102  9.276   1.00 60.51  ? 71  GLN A OE1 1 
ATOM   516 N NE2 . GLN A 1 79  ? 8.190   -2.368  9.476   1.00 51.94  ? 71  GLN A NE2 1 
ATOM   517 N N   . ARG A 1 80  ? 4.155   -7.125  9.198   1.00 49.17  ? 72  ARG A N   1 
ATOM   518 C CA  . ARG A 1 80  ? 2.836   -7.374  8.622   1.00 48.60  ? 72  ARG A CA  1 
ATOM   519 C C   . ARG A 1 80  ? 1.952   -8.144  9.593   1.00 45.74  ? 72  ARG A C   1 
ATOM   520 O O   . ARG A 1 80  ? 0.733   -7.924  9.633   1.00 50.53  ? 72  ARG A O   1 
ATOM   521 C CB  . ARG A 1 80  ? 2.955   -8.128  7.293   1.00 52.78  ? 72  ARG A CB  1 
ATOM   522 C CG  . ARG A 1 80  ? 3.638   -7.375  6.124   1.00 56.12  ? 72  ARG A CG  1 
ATOM   523 C CD  . ARG A 1 80  ? 2.677   -6.607  5.219   1.00 60.83  ? 72  ARG A CD  1 
ATOM   524 N NE  . ARG A 1 80  ? 1.636   -7.434  4.606   1.00 63.59  ? 72  ARG A NE  1 
ATOM   525 C CZ  . ARG A 1 80  ? 0.528   -6.932  4.057   1.00 66.85  ? 72  ARG A CZ  1 
ATOM   526 N NH1 . ARG A 1 80  ? 0.339   -5.618  4.044   1.00 67.91  ? 72  ARG A NH1 1 
ATOM   527 N NH2 . ARG A 1 80  ? -0.390  -7.731  3.519   1.00 65.46  ? 72  ARG A NH2 1 
ATOM   528 N N   . GLU A 1 81  ? 2.545   -9.019  10.403  1.00 48.00  ? 73  GLU A N   1 
ATOM   529 C CA  . GLU A 1 81  ? 1.773   -9.683  11.449  1.00 49.37  ? 73  GLU A CA  1 
ATOM   530 C C   . GLU A 1 81  ? 1.269   -8.681  12.481  1.00 49.42  ? 73  GLU A C   1 
ATOM   531 O O   . GLU A 1 81  ? 0.099   -8.732  12.883  1.00 50.19  ? 73  GLU A O   1 
ATOM   532 C CB  . GLU A 1 81  ? 2.610   -10.760 12.133  1.00 46.94  ? 73  GLU A CB  1 
ATOM   533 C CG  . GLU A 1 81  ? 1.868   -11.482 13.225  1.00 52.24  ? 73  GLU A CG  1 
ATOM   534 C CD  . GLU A 1 81  ? 2.786   -12.323 14.096  1.00 66.47  ? 73  GLU A CD  1 
ATOM   535 O OE1 . GLU A 1 81  ? 3.887   -12.677 13.620  1.00 72.50  ? 73  GLU A OE1 1 
ATOM   536 O OE2 . GLU A 1 81  ? 2.416   -12.624 15.261  1.00 71.36  ? 73  GLU A OE2 1 
ATOM   537 N N   . ARG A 1 82  ? 2.134   -7.759  12.917  1.00 47.38  ? 74  ARG A N   1 
ATOM   538 C CA  . ARG A 1 82  ? 1.705   -6.783  13.911  1.00 51.90  ? 74  ARG A CA  1 
ATOM   539 C C   . ARG A 1 82  ? 0.616   -5.878  13.348  1.00 49.25  ? 74  ARG A C   1 
ATOM   540 O O   . ARG A 1 82  ? -0.297  -5.482  14.082  1.00 50.53  ? 74  ARG A O   1 
ATOM   541 C CB  . ARG A 1 82  ? 2.912   -5.983  14.424  1.00 51.46  ? 74  ARG A CB  1 
ATOM   542 N N   . LEU A 1 83  ? 0.664   -5.596  12.039  1.00 48.33  ? 75  LEU A N   1 
ATOM   543 C CA  . LEU A 1 83  ? -0.401  -4.840  11.376  1.00 48.38  ? 75  LEU A CA  1 
ATOM   544 C C   . LEU A 1 83  ? -1.695  -5.647  11.318  1.00 49.12  ? 75  LEU A C   1 
ATOM   545 O O   . LEU A 1 83  ? -2.781  -5.127  11.605  1.00 48.98  ? 75  LEU A O   1 
ATOM   546 C CB  . LEU A 1 83  ? 0.038   -4.438  9.962   1.00 46.66  ? 75  LEU A CB  1 
ATOM   547 C CG  . LEU A 1 83  ? -1.039  -3.861  9.037   1.00 46.12  ? 75  LEU A CG  1 
ATOM   548 C CD1 . LEU A 1 83  ? -1.482  -2.492  9.525   1.00 47.46  ? 75  LEU A CD1 1 
ATOM   549 C CD2 . LEU A 1 83  ? -0.561  -3.798  7.610   1.00 44.01  ? 75  LEU A CD2 1 
ATOM   550 N N   . ALA A 1 84  ? -1.598  -6.921  10.938  1.00 47.47  ? 76  ALA A N   1 
ATOM   551 C CA  . ALA A 1 84  ? -2.790  -7.756  10.881  1.00 45.88  ? 76  ALA A CA  1 
ATOM   552 C C   . ALA A 1 84  ? -3.493  -7.805  12.232  1.00 48.26  ? 76  ALA A C   1 
ATOM   553 O O   . ALA A 1 84  ? -4.726  -7.760  12.299  1.00 52.12  ? 76  ALA A O   1 
ATOM   554 C CB  . ALA A 1 84  ? -2.416  -9.161  10.409  1.00 44.84  ? 76  ALA A CB  1 
ATOM   555 N N   . ALA A 1 85  ? -2.724  -7.859  13.322  1.00 53.38  ? 77  ALA A N   1 
ATOM   556 C CA  . ALA A 1 85  ? -3.284  -7.982  14.663  1.00 49.53  ? 77  ALA A CA  1 
ATOM   557 C C   . ALA A 1 85  ? -3.841  -6.677  15.206  1.00 50.66  ? 77  ALA A C   1 
ATOM   558 O O   . ALA A 1 85  ? -4.406  -6.676  16.301  1.00 66.79  ? 77  ALA A O   1 
ATOM   559 C CB  . ALA A 1 85  ? -2.219  -8.511  15.619  1.00 50.51  ? 77  ALA A CB  1 
ATOM   560 N N   . ASP A 1 86  ? -3.701  -5.584  14.488  1.00 51.01  ? 78  ASP A N   1 
ATOM   561 C CA  . ASP A 1 86  ? -4.122  -4.295  15.009  1.00 58.74  ? 78  ASP A CA  1 
ATOM   562 C C   . ASP A 1 86  ? -5.642  -4.170  14.927  1.00 58.87  ? 78  ASP A C   1 
ATOM   563 O O   . ASP A 1 86  ? -6.206  -4.288  13.829  1.00 50.52  ? 78  ASP A O   1 
ATOM   564 C CB  . ASP A 1 86  ? -3.441  -3.160  14.239  1.00 59.39  ? 78  ASP A CB  1 
ATOM   565 C CG  . ASP A 1 86  ? -3.654  -1.793  14.891  1.00 61.55  ? 78  ASP A CG  1 
ATOM   566 O OD1 . ASP A 1 86  ? -4.799  -1.466  15.255  1.00 62.04  ? 78  ASP A OD1 1 
ATOM   567 O OD2 . ASP A 1 86  ? -2.672  -1.043  15.053  1.00 62.42  ? 78  ASP A OD2 1 
ATOM   568 N N   . PRO A 1 87  ? -6.333  -3.916  16.045  1.00 59.60  ? 79  PRO A N   1 
ATOM   569 C CA  . PRO A 1 87  ? -7.800  -3.783  15.980  1.00 60.09  ? 79  PRO A CA  1 
ATOM   570 C C   . PRO A 1 87  ? -8.241  -2.612  15.127  1.00 61.08  ? 79  PRO A C   1 
ATOM   571 O O   . PRO A 1 87  ? -9.204  -2.733  14.358  1.00 65.67  ? 79  PRO A O   1 
ATOM   572 C CB  . PRO A 1 87  ? -8.209  -3.600  17.451  1.00 58.05  ? 79  PRO A CB  1 
ATOM   573 C CG  . PRO A 1 87  ? -7.007  -3.921  18.255  1.00 58.53  ? 79  PRO A CG  1 
ATOM   574 C CD  . PRO A 1 87  ? -5.814  -3.657  17.393  1.00 56.38  ? 79  PRO A CD  1 
ATOM   575 N N   . GLN A 1 88  ? -7.553  -1.477  15.240  1.00 58.91  ? 80  GLN A N   1 
ATOM   576 C CA  . GLN A 1 88  ? -7.846  -0.346  14.363  1.00 57.42  ? 80  GLN A CA  1 
ATOM   577 C C   . GLN A 1 88  ? -7.773  -0.756  12.895  1.00 56.42  ? 80  GLN A C   1 
ATOM   578 O O   . GLN A 1 88  ? -8.698  -0.491  12.116  1.00 56.03  ? 80  GLN A O   1 
ATOM   579 C CB  . GLN A 1 88  ? -6.884  0.812   14.652  1.00 58.82  ? 80  GLN A CB  1 
ATOM   580 C CG  . GLN A 1 88  ? -7.014  1.387   16.051  1.00 59.28  ? 80  GLN A CG  1 
ATOM   581 C CD  . GLN A 1 88  ? -8.434  1.773   16.366  1.00 61.17  ? 80  GLN A CD  1 
ATOM   582 O OE1 . GLN A 1 88  ? -9.018  2.596   15.675  1.00 75.27  ? 80  GLN A OE1 1 
ATOM   583 N NE2 . GLN A 1 88  ? -9.003  1.172   17.392  1.00 62.82  ? 80  GLN A NE2 1 
ATOM   584 N N   . TRP A 1 89  ? -6.682  -1.418  12.499  1.00 57.55  ? 81  TRP A N   1 
ATOM   585 C CA  . TRP A 1 89  ? -6.542  -1.800  11.097  1.00 55.45  ? 81  TRP A CA  1 
ATOM   586 C C   . TRP A 1 89  ? -7.655  -2.748  10.667  1.00 55.72  ? 81  TRP A C   1 
ATOM   587 O O   . TRP A 1 89  ? -8.200  -2.614  9.566   1.00 47.15  ? 81  TRP A O   1 
ATOM   588 C CB  . TRP A 1 89  ? -5.171  -2.432  10.847  1.00 54.82  ? 81  TRP A CB  1 
ATOM   589 C CG  . TRP A 1 89  ? -4.908  -2.751  9.385   1.00 52.56  ? 81  TRP A CG  1 
ATOM   590 C CD1 . TRP A 1 89  ? -4.879  -3.986  8.813   1.00 48.94  ? 81  TRP A CD1 1 
ATOM   591 C CD2 . TRP A 1 89  ? -4.664  -1.812  8.324   1.00 45.47  ? 81  TRP A CD2 1 
ATOM   592 N NE1 . TRP A 1 89  ? -4.612  -3.877  7.471   1.00 47.33  ? 81  TRP A NE1 1 
ATOM   593 C CE2 . TRP A 1 89  ? -4.487  -2.554  7.145   1.00 44.12  ? 81  TRP A CE2 1 
ATOM   594 C CE3 . TRP A 1 89  ? -4.579  -0.416  8.261   1.00 46.51  ? 81  TRP A CE3 1 
ATOM   595 C CZ2 . TRP A 1 89  ? -4.223  -1.949  5.903   1.00 46.28  ? 81  TRP A CZ2 1 
ATOM   596 C CZ3 . TRP A 1 89  ? -4.322  0.186   7.034   1.00 46.12  ? 81  TRP A CZ3 1 
ATOM   597 C CH2 . TRP A 1 89  ? -4.141  -0.584  5.870   1.00 45.95  ? 81  TRP A CH2 1 
ATOM   598 N N   . GLN A 1 90  ? -8.016  -3.713  11.522  1.00 60.06  ? 82  GLN A N   1 
ATOM   599 C CA  . GLN A 1 90  ? -9.094  -4.626  11.154  1.00 62.51  ? 82  GLN A CA  1 
ATOM   600 C C   . GLN A 1 90  ? -10.428 -3.900  11.038  1.00 60.40  ? 82  GLN A C   1 
ATOM   601 O O   . GLN A 1 90  ? -11.279 -4.285  10.230  1.00 60.21  ? 82  GLN A O   1 
ATOM   602 C CB  . GLN A 1 90  ? -9.195  -5.757  12.169  1.00 64.78  ? 82  GLN A CB  1 
ATOM   603 C CG  . GLN A 1 90  ? -7.953  -6.587  12.287  1.00 66.58  ? 82  GLN A CG  1 
ATOM   604 C CD  . GLN A 1 90  ? -8.025  -7.518  13.471  1.00 69.94  ? 82  GLN A CD  1 
ATOM   605 O OE1 . GLN A 1 90  ? -9.081  -7.668  14.085  1.00 74.15  ? 82  GLN A OE1 1 
ATOM   606 N NE2 . GLN A 1 90  ? -6.903  -8.146  13.808  1.00 63.99  ? 82  GLN A NE2 1 
ATOM   607 N N   . ALA A 1 91  ? -10.624 -2.849  11.823  1.00 56.70  ? 83  ALA A N   1 
ATOM   608 C CA  . ALA A 1 91  ? -11.842 -2.069  11.692  1.00 60.97  ? 83  ALA A CA  1 
ATOM   609 C C   . ALA A 1 91  ? -11.842 -1.164  10.462  1.00 58.29  ? 83  ALA A C   1 
ATOM   610 O O   . ALA A 1 91  ? -12.913 -0.710  10.048  1.00 55.66  ? 83  ALA A O   1 
ATOM   611 C CB  . ALA A 1 91  ? -12.062 -1.243  12.962  1.00 64.62  ? 83  ALA A CB  1 
ATOM   612 N N   . PHE A 1 92  ? -10.679 -0.910  9.859   1.00 57.39  ? 84  PHE A N   1 
ATOM   613 C CA  . PHE A 1 92  ? -10.577 0.014   8.733   1.00 58.49  ? 84  PHE A CA  1 
ATOM   614 C C   . PHE A 1 92  ? -10.760 -0.651  7.369   1.00 59.06  ? 84  PHE A C   1 
ATOM   615 O O   . PHE A 1 92  ? -11.468 -0.113  6.511   1.00 60.43  ? 84  PHE A O   1 
ATOM   616 C CB  . PHE A 1 92  ? -9.226  0.737   8.756   1.00 60.26  ? 84  PHE A CB  1 
ATOM   617 C CG  . PHE A 1 92  ? -8.823  1.297   7.420   1.00 54.76  ? 84  PHE A CG  1 
ATOM   618 C CD1 . PHE A 1 92  ? -9.456  2.419   6.904   1.00 52.44  ? 84  PHE A CD1 1 
ATOM   619 C CD2 . PHE A 1 92  ? -7.811  0.695   6.676   1.00 52.51  ? 84  PHE A CD2 1 
ATOM   620 C CE1 . PHE A 1 92  ? -9.085  2.924   5.676   1.00 57.22  ? 84  PHE A CE1 1 
ATOM   621 C CE2 . PHE A 1 92  ? -7.442  1.193   5.444   1.00 46.42  ? 84  PHE A CE2 1 
ATOM   622 C CZ  . PHE A 1 92  ? -8.075  2.304   4.938   1.00 54.39  ? 84  PHE A CZ  1 
ATOM   623 N N   . THR A 1 93  ? -10.111 -1.792  7.140   1.00 55.29  ? 85  THR A N   1 
ATOM   624 C CA  . THR A 1 93  ? -10.130 -2.404  5.811   1.00 52.08  ? 85  THR A CA  1 
ATOM   625 C C   . THR A 1 93  ? -11.527 -2.633  5.232   1.00 51.34  ? 85  THR A C   1 
ATOM   626 O O   . THR A 1 93  ? -11.692 -2.442  4.016   1.00 49.35  ? 85  THR A O   1 
ATOM   627 C CB  . THR A 1 93  ? -9.336  -3.717  5.839   1.00 46.81  ? 85  THR A CB  1 
ATOM   628 O OG1 . THR A 1 93  ? -9.823  -4.554  6.891   1.00 50.77  ? 85  THR A OG1 1 
ATOM   629 C CG2 . THR A 1 93  ? -7.869  -3.434  6.069   1.00 43.70  ? 85  THR A CG2 1 
ATOM   630 N N   . PRO A 1 94  ? -12.554 -3.020  5.997   1.00 51.19  ? 86  PRO A N   1 
ATOM   631 C CA  . PRO A 1 94  ? -13.893 -3.112  5.395   1.00 52.76  ? 86  PRO A CA  1 
ATOM   632 C C   . PRO A 1 94  ? -14.364 -1.820  4.744   1.00 54.60  ? 86  PRO A C   1 
ATOM   633 O O   . PRO A 1 94  ? -15.237 -1.867  3.869   1.00 58.84  ? 86  PRO A O   1 
ATOM   634 C CB  . PRO A 1 94  ? -14.782 -3.493  6.580   1.00 51.19  ? 86  PRO A CB  1 
ATOM   635 C CG  . PRO A 1 94  ? -13.858 -4.164  7.525   1.00 50.11  ? 86  PRO A CG  1 
ATOM   636 C CD  . PRO A 1 94  ? -12.583 -3.427  7.415   1.00 49.58  ? 86  PRO A CD  1 
ATOM   637 N N   . ARG A 1 95  ? -13.812 -0.674  5.125   1.00 52.55  ? 87  ARG A N   1 
ATOM   638 C CA  . ARG A 1 95  ? -14.241 0.559   4.482   1.00 55.50  ? 87  ARG A CA  1 
ATOM   639 C C   . ARG A 1 95  ? -13.649 0.722   3.088   1.00 55.54  ? 87  ARG A C   1 
ATOM   640 O O   . ARG A 1 95  ? -14.300 1.300   2.214   1.00 52.15  ? 87  ARG A O   1 
ATOM   641 C CB  . ARG A 1 95  ? -13.907 1.762   5.363   1.00 55.06  ? 87  ARG A CB  1 
ATOM   642 C CG  . ARG A 1 95  ? -14.979 1.966   6.403   1.00 62.66  ? 87  ARG A CG  1 
ATOM   643 C CD  . ARG A 1 95  ? -14.870 3.251   7.200   1.00 69.07  ? 87  ARG A CD  1 
ATOM   644 N NE  . ARG A 1 95  ? -14.981 4.509   6.442   1.00 70.36  ? 87  ARG A NE  1 
ATOM   645 C CZ  . ARG A 1 95  ? -16.044 4.916   5.744   1.00 66.91  ? 87  ARG A CZ  1 
ATOM   646 N NH1 . ARG A 1 95  ? -16.015 6.097   5.143   1.00 60.77  ? 87  ARG A NH1 1 
ATOM   647 N NH2 . ARG A 1 95  ? -17.121 4.152   5.618   1.00 70.89  ? 87  ARG A NH2 1 
ATOM   648 N N   . ILE A 1 96  ? -12.450 0.209   2.838   1.00 56.75  ? 88  ILE A N   1 
ATOM   649 C CA  . ILE A 1 96  ? -11.897 0.347   1.495   1.00 53.39  ? 88  ILE A CA  1 
ATOM   650 C C   . ILE A 1 96  ? -12.231 -0.851  0.611   1.00 53.23  ? 88  ILE A C   1 
ATOM   651 O O   . ILE A 1 96  ? -12.311 -0.701  -0.608  1.00 50.03  ? 88  ILE A O   1 
ATOM   652 C CB  . ILE A 1 96  ? -10.380 0.588   1.533   1.00 44.61  ? 88  ILE A CB  1 
ATOM   653 C CG1 . ILE A 1 96  ? -9.685  -0.415  2.456   1.00 41.32  ? 88  ILE A CG1 1 
ATOM   654 C CG2 . ILE A 1 96  ? -10.078 1.999   1.959   1.00 42.73  ? 88  ILE A CG2 1 
ATOM   655 C CD1 . ILE A 1 96  ? -8.208  -0.544  2.150   1.00 43.57  ? 88  ILE A CD1 1 
ATOM   656 N N   . VAL A 1 97  ? -12.460 -2.023  1.195   1.00 53.68  ? 89  VAL A N   1 
ATOM   657 C CA  . VAL A 1 97  ? -12.678 -3.254  0.431   1.00 53.23  ? 89  VAL A CA  1 
ATOM   658 C C   . VAL A 1 97  ? -13.698 -3.100  -0.701  1.00 52.58  ? 89  VAL A C   1 
ATOM   659 O O   . VAL A 1 97  ? -13.436 -3.595  -1.811  1.00 50.00  ? 89  VAL A O   1 
ATOM   660 C CB  . VAL A 1 97  ? -13.071 -4.404  1.370   1.00 53.32  ? 89  VAL A CB  1 
ATOM   661 C CG1 . VAL A 1 97  ? -14.043 -5.339  0.680   1.00 45.36  ? 89  VAL A CG1 1 
ATOM   662 C CG2 . VAL A 1 97  ? -11.808 -5.151  1.806   1.00 48.80  ? 89  VAL A CG2 1 
ATOM   663 N N   . PRO A 1 98  ? -14.844 -2.429  -0.507  1.00 49.70  ? 90  PRO A N   1 
ATOM   664 C CA  . PRO A 1 98  ? -15.794 -2.290  -1.628  1.00 48.84  ? 90  PRO A CA  1 
ATOM   665 C C   . PRO A 1 98  ? -15.263 -1.518  -2.823  1.00 51.07  ? 90  PRO A C   1 
ATOM   666 O O   . PRO A 1 98  ? -15.834 -1.645  -3.907  1.00 52.06  ? 90  PRO A O   1 
ATOM   667 C CB  . PRO A 1 98  ? -16.997 -1.571  -0.997  1.00 49.06  ? 90  PRO A CB  1 
ATOM   668 C CG  . PRO A 1 98  ? -16.535 -1.100  0.339   1.00 55.43  ? 90  PRO A CG  1 
ATOM   669 C CD  . PRO A 1 98  ? -15.463 -2.024  0.767   1.00 54.47  ? 90  PRO A CD  1 
ATOM   670 N N   . TYR A 1 99  ? -14.203 -0.725  -2.673  1.00 53.84  ? 91  TYR A N   1 
ATOM   671 C CA  . TYR A 1 99  ? -13.602 -0.014  -3.802  1.00 51.43  ? 91  TYR A CA  1 
ATOM   672 C C   . TYR A 1 99  ? -12.584 -0.846  -4.585  1.00 50.57  ? 91  TYR A C   1 
ATOM   673 O O   . TYR A 1 99  ? -12.294 -0.513  -5.742  1.00 49.87  ? 91  TYR A O   1 
ATOM   674 C CB  . TYR A 1 99  ? -12.915 1.270   -3.311  1.00 48.23  ? 91  TYR A CB  1 
ATOM   675 C CG  . TYR A 1 99  ? -13.848 2.263   -2.656  1.00 54.32  ? 91  TYR A CG  1 
ATOM   676 C CD1 . TYR A 1 99  ? -14.467 3.260   -3.395  1.00 60.03  ? 91  TYR A CD1 1 
ATOM   677 C CD2 . TYR A 1 99  ? -14.123 2.196   -1.302  1.00 59.83  ? 91  TYR A CD2 1 
ATOM   678 C CE1 . TYR A 1 99  ? -15.330 4.167   -2.798  1.00 66.34  ? 91  TYR A CE1 1 
ATOM   679 C CE2 . TYR A 1 99  ? -14.987 3.101   -0.699  1.00 64.18  ? 91  TYR A CE2 1 
ATOM   680 C CZ  . TYR A 1 99  ? -15.583 4.085   -1.448  1.00 68.43  ? 91  TYR A CZ  1 
ATOM   681 O OH  . TYR A 1 99  ? -16.437 4.981   -0.838  1.00 77.09  ? 91  TYR A OH  1 
ATOM   682 N N   . LEU A 1 100 ? -12.041 -1.908  -3.981  1.00 46.49  ? 92  LEU A N   1 
ATOM   683 C CA  . LEU A 1 100 ? -10.913 -2.656  -4.526  1.00 45.87  ? 92  LEU A CA  1 
ATOM   684 C C   . LEU A 1 100 ? -11.402 -3.582  -5.617  1.00 52.08  ? 92  LEU A C   1 
ATOM   685 O O   . LEU A 1 100 ? -11.983 -4.631  -5.333  1.00 57.08  ? 92  LEU A O   1 
ATOM   686 C CB  . LEU A 1 100 ? -10.226 -3.474  -3.436  1.00 43.08  ? 92  LEU A CB  1 
ATOM   687 C CG  . LEU A 1 100 ? -9.588  -2.666  -2.317  1.00 41.62  ? 92  LEU A CG  1 
ATOM   688 C CD1 . LEU A 1 100 ? -8.768  -3.579  -1.437  1.00 44.27  ? 92  LEU A CD1 1 
ATOM   689 C CD2 . LEU A 1 100 ? -8.740  -1.591  -2.939  1.00 38.11  ? 92  LEU A CD2 1 
ATOM   690 N N   . GLU A 1 101 ? -11.134 -3.231  -6.865  1.00 53.77  ? 93  GLU A N   1 
ATOM   691 C CA  . GLU A 1 101 ? -11.457 -4.164  -7.931  1.00 49.11  ? 93  GLU A CA  1 
ATOM   692 C C   . GLU A 1 101 ? -10.405 -5.254  -8.075  1.00 43.68  ? 93  GLU A C   1 
ATOM   693 O O   . GLU A 1 101 ? -10.743 -6.395  -8.392  1.00 48.67  ? 93  GLU A O   1 
ATOM   694 C CB  . GLU A 1 101 ? -11.619 -3.414  -9.239  1.00 54.50  ? 93  GLU A CB  1 
ATOM   695 C CG  . GLU A 1 101 ? -12.983 -3.527  -9.807  1.00 68.85  ? 93  GLU A CG  1 
ATOM   696 C CD  . GLU A 1 101 ? -13.116 -2.690  -11.037 1.00 85.10  ? 93  GLU A CD  1 
ATOM   697 O OE1 . GLU A 1 101 ? -14.186 -2.068  -11.219 1.00 91.55  ? 93  GLU A OE1 1 
ATOM   698 O OE2 . GLU A 1 101 ? -12.128 -2.650  -11.810 1.00 89.06  ? 93  GLU A OE2 1 
ATOM   699 N N   . HIS A 1 102 ? -9.147  -4.945  -7.804  1.00 40.03  ? 94  HIS A N   1 
ATOM   700 C CA  . HIS A 1 102 ? -8.061  -5.833  -8.181  1.00 39.31  ? 94  HIS A CA  1 
ATOM   701 C C   . HIS A 1 102 ? -6.827  -5.358  -7.436  1.00 40.61  ? 94  HIS A C   1 
ATOM   702 O O   . HIS A 1 102 ? -6.609  -4.151  -7.298  1.00 42.23  ? 94  HIS A O   1 
ATOM   703 C CB  . HIS A 1 102 ? -7.876  -5.807  -9.712  1.00 47.81  ? 94  HIS A CB  1 
ATOM   704 C CG  . HIS A 1 102 ? -6.758  -6.657  -10.235 1.00 56.54  ? 94  HIS A CG  1 
ATOM   705 N ND1 . HIS A 1 102 ? -6.978  -7.853  -10.889 1.00 60.67  ? 94  HIS A ND1 1 
ATOM   706 C CD2 . HIS A 1 102 ? -5.416  -6.456  -10.260 1.00 55.87  ? 94  HIS A CD2 1 
ATOM   707 C CE1 . HIS A 1 102 ? -5.817  -8.366  -11.264 1.00 58.18  ? 94  HIS A CE1 1 
ATOM   708 N NE2 . HIS A 1 102 ? -4.856  -7.538  -10.893 1.00 55.28  ? 94  HIS A NE2 1 
ATOM   709 N N   . GLN A 1 103 ? -6.047  -6.305  -6.926  1.00 38.37  ? 95  GLN A N   1 
ATOM   710 C CA  . GLN A 1 103 ? -4.870  -5.985  -6.140  1.00 40.59  ? 95  GLN A CA  1 
ATOM   711 C C   . GLN A 1 103 ? -3.677  -6.743  -6.686  1.00 43.51  ? 95  GLN A C   1 
ATOM   712 O O   . GLN A 1 103 ? -3.800  -7.917  -7.061  1.00 47.42  ? 95  GLN A O   1 
ATOM   713 C CB  . GLN A 1 103 ? -5.081  -6.324  -4.680  1.00 35.00  ? 95  GLN A CB  1 
ATOM   714 C CG  . GLN A 1 103 ? -6.039  -5.380  -3.997  1.00 42.79  ? 95  GLN A CG  1 
ATOM   715 C CD  . GLN A 1 103 ? -6.257  -5.756  -2.545  1.00 48.81  ? 95  GLN A CD  1 
ATOM   716 O OE1 . GLN A 1 103 ? -7.115  -6.591  -2.225  1.00 47.08  ? 95  GLN A OE1 1 
ATOM   717 N NE2 . GLN A 1 103 ? -5.471  -5.152  -1.656  1.00 47.82  ? 95  GLN A NE2 1 
ATOM   718 N N   . GLU A 1 104 ? -2.519  -6.078  -6.730  1.00 36.31  ? 96  GLU A N   1 
ATOM   719 C CA  . GLU A 1 104 ? -1.314  -6.799  -7.114  1.00 37.89  ? 96  GLU A CA  1 
ATOM   720 C C   . GLU A 1 104 ? -0.081  -6.252  -6.402  1.00 39.14  ? 96  GLU A C   1 
ATOM   721 O O   . GLU A 1 104 ? -0.083  -5.159  -5.836  1.00 40.71  ? 96  GLU A O   1 
ATOM   722 C CB  . GLU A 1 104 ? -1.107  -6.790  -8.619  1.00 42.89  ? 96  GLU A CB  1 
ATOM   723 C CG  . GLU A 1 104 ? -0.924  -5.440  -9.190  1.00 57.75  ? 96  GLU A CG  1 
ATOM   724 C CD  . GLU A 1 104 ? -1.220  -5.463  -10.654 1.00 72.39  ? 96  GLU A CD  1 
ATOM   725 O OE1 . GLU A 1 104 ? -0.732  -4.565  -11.383 1.00 78.22  ? 96  GLU A OE1 1 
ATOM   726 O OE2 . GLU A 1 104 ? -1.937  -6.405  -11.063 1.00 76.00  ? 96  GLU A OE2 1 
ATOM   727 N N   . SER A 1 105 ? 0.978   -7.052  -6.443  1.00 35.28  ? 97  SER A N   1 
ATOM   728 C CA  . SER A 1 105 ? 2.134   -6.851  -5.594  1.00 32.59  ? 97  SER A CA  1 
ATOM   729 C C   . SER A 1 105 ? 3.370   -7.398  -6.288  1.00 40.21  ? 97  SER A C   1 
ATOM   730 O O   . SER A 1 105 ? 3.356   -8.536  -6.784  1.00 40.67  ? 97  SER A O   1 
ATOM   731 C CB  . SER A 1 105 ? 1.934   -7.551  -4.260  1.00 36.32  ? 97  SER A CB  1 
ATOM   732 O OG  . SER A 1 105 ? 3.157   -7.602  -3.565  1.00 43.82  ? 97  SER A OG  1 
ATOM   733 N N   . VAL A 1 106 ? 4.423   -6.571  -6.313  1.00 32.39  ? 98  VAL A N   1 
ATOM   734 C CA  A VAL A 1 106 ? 5.716   -6.942  -6.863  0.51 31.63  ? 98  VAL A CA  1 
ATOM   735 C CA  B VAL A 1 106 ? 5.724   -6.899  -6.882  0.49 31.63  ? 98  VAL A CA  1 
ATOM   736 C C   . VAL A 1 106 ? 6.792   -6.596  -5.839  1.00 35.88  ? 98  VAL A C   1 
ATOM   737 O O   . VAL A 1 106 ? 6.730   -5.558  -5.170  1.00 30.87  ? 98  VAL A O   1 
ATOM   738 C CB  A VAL A 1 106 ? 5.986   -6.252  -8.222  0.51 32.35  ? 98  VAL A CB  1 
ATOM   739 C CB  B VAL A 1 106 ? 5.994   -6.090  -8.169  0.49 32.30  ? 98  VAL A CB  1 
ATOM   740 C CG1 A VAL A 1 106 ? 5.866   -4.760  -8.104  0.51 32.27  ? 98  VAL A CG1 1 
ATOM   741 C CG1 B VAL A 1 106 ? 7.313   -6.533  -8.816  0.49 34.11  ? 98  VAL A CG1 1 
ATOM   742 C CG2 A VAL A 1 106 ? 7.380   -6.629  -8.758  0.51 33.55  ? 98  VAL A CG2 1 
ATOM   743 C CG2 B VAL A 1 106 ? 4.839   -6.212  -9.129  0.49 33.07  ? 98  VAL A CG2 1 
ATOM   744 N N   . PHE A 1 107 ? 7.775   -7.489  -5.701  1.00 34.75  ? 99  PHE A N   1 
ATOM   745 C CA  . PHE A 1 107 ? 8.880   -7.311  -4.767  1.00 31.33  ? 99  PHE A CA  1 
ATOM   746 C C   . PHE A 1 107 ? 10.117  -6.804  -5.498  1.00 34.35  ? 99  PHE A C   1 
ATOM   747 O O   . PHE A 1 107 ? 10.467  -7.296  -6.576  1.00 36.79  ? 99  PHE A O   1 
ATOM   748 C CB  . PHE A 1 107 ? 9.203   -8.616  -4.029  1.00 34.05  ? 99  PHE A CB  1 
ATOM   749 C CG  . PHE A 1 107 ? 8.199   -8.973  -2.978  1.00 38.44  ? 99  PHE A CG  1 
ATOM   750 C CD1 . PHE A 1 107 ? 8.059   -8.197  -1.845  1.00 44.53  ? 99  PHE A CD1 1 
ATOM   751 C CD2 . PHE A 1 107 ? 7.394   -10.080 -3.118  1.00 45.93  ? 99  PHE A CD2 1 
ATOM   752 C CE1 . PHE A 1 107 ? 7.119   -8.521  -0.862  1.00 44.25  ? 99  PHE A CE1 1 
ATOM   753 C CE2 . PHE A 1 107 ? 6.456   -10.408 -2.144  1.00 47.84  ? 99  PHE A CE2 1 
ATOM   754 C CZ  . PHE A 1 107 ? 6.321   -9.627  -1.017  1.00 46.39  ? 99  PHE A CZ  1 
ATOM   755 N N   . LEU A 1 108 ? 10.788  -5.823  -4.895  1.00 35.91  ? 100 LEU A N   1 
ATOM   756 C CA  . LEU A 1 108 ? 11.893  -5.131  -5.545  1.00 32.48  ? 100 LEU A CA  1 
ATOM   757 C C   . LEU A 1 108 ? 13.102  -5.115  -4.629  1.00 32.90  ? 100 LEU A C   1 
ATOM   758 O O   . LEU A 1 108 ? 12.979  -4.858  -3.429  1.00 34.17  ? 100 LEU A O   1 
ATOM   759 C CB  . LEU A 1 108 ? 11.498  -3.702  -5.917  1.00 33.54  ? 100 LEU A CB  1 
ATOM   760 C CG  . LEU A 1 108 ? 10.292  -3.565  -6.853  1.00 34.04  ? 100 LEU A CG  1 
ATOM   761 C CD1 . LEU A 1 108 ? 9.929   -2.087  -7.010  1.00 34.11  ? 100 LEU A CD1 1 
ATOM   762 C CD2 . LEU A 1 108 ? 10.551  -4.213  -8.210  1.00 33.39  ? 100 LEU A CD2 1 
ATOM   763 N N   . VAL A 1 109 ? 14.262  -5.417  -5.189  1.00 33.70  ? 101 VAL A N   1 
ATOM   764 C CA  . VAL A 1 109 ? 15.496  -5.347  -4.411  1.00 41.01  ? 101 VAL A CA  1 
ATOM   765 C C   . VAL A 1 109 ? 16.445  -4.379  -5.108  1.00 35.49  ? 101 VAL A C   1 
ATOM   766 O O   . VAL A 1 109 ? 16.559  -4.378  -6.343  1.00 41.02  ? 101 VAL A O   1 
ATOM   767 C CB  . VAL A 1 109 ? 16.115  -6.741  -4.201  1.00 38.65  ? 101 VAL A CB  1 
ATOM   768 C CG1 . VAL A 1 109 ? 15.145  -7.622  -3.454  1.00 34.20  ? 101 VAL A CG1 1 
ATOM   769 C CG2 . VAL A 1 109 ? 16.471  -7.370  -5.498  1.00 38.44  ? 101 VAL A CG2 1 
ATOM   770 N N   . PRO A 1 110 ? 17.110  -3.515  -4.358  1.00 36.20  ? 102 PRO A N   1 
ATOM   771 C CA  . PRO A 1 110 ? 17.888  -2.431  -4.975  1.00 42.20  ? 102 PRO A CA  1 
ATOM   772 C C   . PRO A 1 110 ? 19.070  -2.926  -5.795  1.00 42.55  ? 102 PRO A C   1 
ATOM   773 O O   . PRO A 1 110 ? 19.699  -3.937  -5.477  1.00 43.80  ? 102 PRO A O   1 
ATOM   774 C CB  . PRO A 1 110 ? 18.363  -1.611  -3.766  1.00 38.31  ? 102 PRO A CB  1 
ATOM   775 C CG  . PRO A 1 110 ? 18.300  -2.597  -2.609  1.00 37.72  ? 102 PRO A CG  1 
ATOM   776 C CD  . PRO A 1 110 ? 17.076  -3.412  -2.896  1.00 37.82  ? 102 PRO A CD  1 
ATOM   777 N N   . ALA A 1 111 ? 19.357  -2.189  -6.870  1.00 39.84  ? 103 ALA A N   1 
ATOM   778 C CA  . ALA A 1 111 ? 20.604  -2.297  -7.600  1.00 41.56  ? 103 ALA A CA  1 
ATOM   779 C C   . ALA A 1 111 ? 21.737  -1.652  -6.802  1.00 44.10  ? 103 ALA A C   1 
ATOM   780 O O   . ALA A 1 111 ? 21.517  -0.926  -5.826  1.00 42.78  ? 103 ALA A O   1 
ATOM   781 C CB  . ALA A 1 111 ? 20.481  -1.635  -8.969  1.00 45.73  ? 103 ALA A CB  1 
ATOM   782 N N   . ALA A 1 112 ? 22.970  -1.898  -7.251  1.00 46.91  ? 104 ALA A N   1 
ATOM   783 C CA  . ALA A 1 112 ? 24.128  -1.410  -6.502  1.00 52.96  ? 104 ALA A CA  1 
ATOM   784 C C   . ALA A 1 112 ? 24.073  0.102   -6.304  1.00 56.27  ? 104 ALA A C   1 
ATOM   785 O O   . ALA A 1 112 ? 24.365  0.602   -5.211  1.00 61.33  ? 104 ALA A O   1 
ATOM   786 C CB  . ALA A 1 112 ? 25.419  -1.818  -7.208  1.00 48.12  ? 104 ALA A CB  1 
ATOM   787 N N   . PHE A 1 113 ? 23.667  0.842   -7.334  1.00 53.74  ? 105 PHE A N   1 
ATOM   788 C CA  . PHE A 1 113 ? 23.624  2.298   -7.302  1.00 53.74  ? 105 PHE A CA  1 
ATOM   789 C C   . PHE A 1 113 ? 22.243  2.843   -6.929  1.00 53.72  ? 105 PHE A C   1 
ATOM   790 O O   . PHE A 1 113 ? 21.963  4.021   -7.176  1.00 53.30  ? 105 PHE A O   1 
ATOM   791 C CB  . PHE A 1 113 ? 24.055  2.856   -8.658  1.00 51.78  ? 105 PHE A CB  1 
ATOM   792 C CG  . PHE A 1 113 ? 23.328  2.231   -9.813  1.00 50.90  ? 105 PHE A CG  1 
ATOM   793 C CD1 . PHE A 1 113 ? 22.124  2.756   -10.256 1.00 52.24  ? 105 PHE A CD1 1 
ATOM   794 C CD2 . PHE A 1 113 ? 23.834  1.096   -10.438 1.00 50.89  ? 105 PHE A CD2 1 
ATOM   795 C CE1 . PHE A 1 113 ? 21.444  2.167   -11.311 1.00 54.17  ? 105 PHE A CE1 1 
ATOM   796 C CE2 . PHE A 1 113 ? 23.162  0.506   -11.492 1.00 50.44  ? 105 PHE A CE2 1 
ATOM   797 C CZ  . PHE A 1 113 ? 21.959  1.040   -11.931 1.00 49.93  ? 105 PHE A CZ  1 
ATOM   798 N N   . CYS A 1 114 ? 21.370  2.018   -6.357  1.00 53.59  ? 106 CYS A N   1 
ATOM   799 C CA  . CYS A 1 114 ? 20.062  2.514   -5.921  1.00 53.51  ? 106 CYS A CA  1 
ATOM   800 C C   . CYS A 1 114 ? 20.221  3.540   -4.807  1.00 62.02  ? 106 CYS A C   1 
ATOM   801 O O   . CYS A 1 114 ? 20.825  3.220   -3.773  1.00 67.57  ? 106 CYS A O   1 
ATOM   802 C CB  . CYS A 1 114 ? 19.185  1.374   -5.434  1.00 48.57  ? 106 CYS A CB  1 
ATOM   803 S SG  . CYS A 1 114 ? 17.530  1.908   -4.938  1.00 53.66  ? 106 CYS A SG  1 
ATOM   804 N N   . PRO A 1 115 ? 19.710  4.767   -4.963  1.00 67.46  ? 107 PRO A N   1 
ATOM   805 C CA  . PRO A 1 115 ? 19.747  5.732   -3.852  1.00 76.15  ? 107 PRO A CA  1 
ATOM   806 C C   . PRO A 1 115 ? 18.736  5.373   -2.772  1.00 83.00  ? 107 PRO A C   1 
ATOM   807 O O   . PRO A 1 115 ? 17.665  4.827   -3.051  1.00 92.57  ? 107 PRO A O   1 
ATOM   808 C CB  . PRO A 1 115 ? 19.392  7.064   -4.524  1.00 73.63  ? 107 PRO A CB  1 
ATOM   809 C CG  . PRO A 1 115 ? 18.604  6.685   -5.714  1.00 69.20  ? 107 PRO A CG  1 
ATOM   810 C CD  . PRO A 1 115 ? 19.170  5.370   -6.192  1.00 67.25  ? 107 PRO A CD  1 
ATOM   811 N N   . ASP A 1 116 ? 19.083  5.677   -1.524  1.00 81.41  ? 108 ASP A N   1 
ATOM   812 C CA  . ASP A 1 116 ? 18.238  5.253   -0.403  1.00 83.71  ? 108 ASP A CA  1 
ATOM   813 C C   . ASP A 1 116 ? 17.332  6.379   0.096   1.00 84.68  ? 108 ASP A C   1 
ATOM   814 O O   . ASP A 1 116 ? 17.067  7.343   -0.625  1.00 83.33  ? 108 ASP A O   1 
ATOM   815 C CB  . ASP A 1 116 ? 19.102  4.714   0.746   1.00 84.58  ? 108 ASP A CB  1 
HETATM 816 S S   . SO4 B 2 .   ? 1.319   -10.988 4.189   1.00 134.53 ? 201 SO4 A S   1 
HETATM 817 O O1  . SO4 B 2 .   ? 0.960   -11.905 5.270   1.00 130.65 ? 201 SO4 A O1  1 
HETATM 818 O O2  . SO4 B 2 .   ? 0.134   -10.663 3.395   1.00 134.41 ? 201 SO4 A O2  1 
HETATM 819 O O3  . SO4 B 2 .   ? 1.868   -9.761  4.751   1.00 137.82 ? 201 SO4 A O3  1 
HETATM 820 O O4  . SO4 B 2 .   ? 2.351   -11.590 3.350   1.00 135.62 ? 201 SO4 A O4  1 
HETATM 821 O O   . HOH C 3 .   ? 3.017   -3.726  2.518   1.00 70.43  ? 301 HOH A O   1 
HETATM 822 O O   . HOH C 3 .   ? 1.602   3.285   -19.344 1.00 27.40  ? 302 HOH A O   1 
HETATM 823 O O   . HOH C 3 .   ? -5.128  6.181   -12.342 1.00 38.73  ? 303 HOH A O   1 
HETATM 824 O O   . HOH C 3 .   ? 23.527  -3.409  -9.365  1.00 47.12  ? 304 HOH A O   1 
HETATM 825 O O   . HOH C 3 .   ? -6.737  -8.906  -6.761  1.00 38.59  ? 305 HOH A O   1 
HETATM 826 O O   . HOH C 3 .   ? 8.147   -10.952 3.949   1.00 47.86  ? 306 HOH A O   1 
HETATM 827 O O   . HOH C 3 .   ? 11.820  -2.811  7.995   1.00 53.33  ? 307 HOH A O   1 
HETATM 828 O O   . HOH C 3 .   ? 2.203   -3.615  -8.067  1.00 52.10  ? 308 HOH A O   1 
HETATM 829 O O   . HOH C 3 .   ? 2.217   -0.596  -11.084 1.00 43.11  ? 309 HOH A O   1 
HETATM 830 O O   . HOH C 3 .   ? -2.244  -4.468  3.051   1.00 43.32  ? 310 HOH A O   1 
HETATM 831 O O   . HOH C 3 .   ? 5.443   5.830   6.611   1.00 54.16  ? 311 HOH A O   1 
HETATM 832 O O   . HOH C 3 .   ? -0.999  -0.584  -0.017  1.00 33.30  ? 312 HOH A O   1 
HETATM 833 O O   . HOH C 3 .   ? -3.120  -0.888  2.008   1.00 25.00  ? 313 HOH A O   1 
HETATM 834 O O   . HOH C 3 .   ? -0.599  -4.596  17.016  1.00 60.97  ? 314 HOH A O   1 
HETATM 835 O O   . HOH C 3 .   ? -0.712  -0.721  -16.663 1.00 37.16  ? 315 HOH A O   1 
HETATM 836 O O   . HOH C 3 .   ? 4.136   -9.205  -11.096 1.00 38.49  ? 316 HOH A O   1 
# 
loop_
_atom_site_anisotrop.id 
_atom_site_anisotrop.type_symbol 
_atom_site_anisotrop.pdbx_label_atom_id 
_atom_site_anisotrop.pdbx_label_alt_id 
_atom_site_anisotrop.pdbx_label_comp_id 
_atom_site_anisotrop.pdbx_label_asym_id 
_atom_site_anisotrop.pdbx_label_seq_id 
_atom_site_anisotrop.pdbx_PDB_ins_code 
_atom_site_anisotrop.U[1][1] 
_atom_site_anisotrop.U[2][2] 
_atom_site_anisotrop.U[3][3] 
_atom_site_anisotrop.U[1][2] 
_atom_site_anisotrop.U[1][3] 
_atom_site_anisotrop.U[2][3] 
_atom_site_anisotrop.pdbx_auth_seq_id 
_atom_site_anisotrop.pdbx_auth_comp_id 
_atom_site_anisotrop.pdbx_auth_asym_id 
_atom_site_anisotrop.pdbx_auth_atom_id 
68  N N   . ARG A 23  ? 0.6192 0.5734 0.5534 0.0472  0.0544  -0.0090 15  ARG A N   
69  C CA  . ARG A 23  ? 0.5638 0.5022 0.5112 0.0601  0.0291  -0.0237 15  ARG A CA  
70  C C   . ARG A 23  ? 0.5347 0.4512 0.5445 0.0626  0.0418  -0.0132 15  ARG A C   
71  O O   . ARG A 23  ? 0.4836 0.4086 0.5774 0.0663  0.0500  -0.0063 15  ARG A O   
72  C CB  . ARG A 23  ? 0.6433 0.5996 0.6316 0.0821  -0.0098 -0.0539 15  ARG A CB  
73  C CG  . ARG A 23  ? 0.7801 0.7276 0.7543 0.0998  -0.0407 -0.0713 15  ARG A CG  
74  C CD  . ARG A 23  ? 0.8178 0.7748 0.8634 0.1268  -0.0852 -0.1077 15  ARG A CD  
75  N NE  . ARG A 23  ? 0.8579 0.8425 0.8886 0.1408  -0.1028 -0.1297 15  ARG A NE  
76  C CZ  . ARG A 23  ? 0.9211 0.9090 1.0328 0.1572  -0.1342 -0.1593 15  ARG A CZ  
77  N NH1 . ARG A 23  ? 0.8700 0.8385 1.0921 0.1569  -0.1503 -0.1655 15  ARG A NH1 
78  N NH2 . ARG A 23  ? 1.0214 1.0326 1.1105 0.1747  -0.1507 -0.1819 15  ARG A NH2 
79  N N   . ILE A 24  ? 0.5877 0.4782 0.5592 0.0618  0.0448  -0.0082 16  ILE A N   
80  C CA  . ILE A 24  ? 0.5937 0.4651 0.6057 0.0680  0.0606  0.0026  16  ILE A CA  
81  C C   . ILE A 24  ? 0.6933 0.5607 0.7628 0.0854  0.0298  -0.0133 16  ILE A C   
82  O O   . ILE A 24  ? 0.8008 0.6687 0.8408 0.0932  -0.0024 -0.0317 16  ILE A O   
83  C CB  . ILE A 24  ? 0.5637 0.4038 0.4947 0.0597  0.0781  0.0130  16  ILE A CB  
84  C CG1 . ILE A 24  ? 0.5381 0.3851 0.4170 0.0438  0.1014  0.0236  16  ILE A CG1 
85  C CG2 . ILE A 24  ? 0.5283 0.3482 0.4898 0.0742  0.0930  0.0200  16  ILE A CG2 
86  C CD1 . ILE A 24  ? 0.4881 0.3586 0.4178 0.0499  0.1289  0.0372  16  ILE A CD1 
87  N N   . THR A 25  ? 0.6608 0.5312 0.8153 0.0945  0.0397  -0.0047 17  THR A N   
88  C CA  . THR A 25  ? 0.6298 0.4950 0.8390 0.1110  0.0141  -0.0164 17  THR A CA  
89  C C   . THR A 25  ? 0.6395 0.4757 0.7605 0.1163  -0.0013 -0.0242 17  THR A C   
90  O O   . THR A 25  ? 0.6461 0.4561 0.6985 0.1097  0.0215  -0.0103 17  THR A O   
91  C CB  . THR A 25  ? 0.5556 0.4281 0.8417 0.1188  0.0425  0.0055  17  THR A CB  
92  O OG1 . THR A 25  ? 0.5452 0.4469 0.9114 0.1128  0.0639  0.0248  17  THR A OG1 
93  C CG2 . THR A 25  ? 0.4955 0.3713 0.8581 0.1357  0.0129  -0.0068 17  THR A CG2 
94  N N   . ALA A 26  ? 0.6399 0.4802 0.7661 0.1311  -0.0429 -0.0464 18  ALA A N   
95  C CA  . ALA A 26  ? 0.7886 0.6070 0.8347 0.1399  -0.0600 -0.0481 18  ALA A CA  
96  C C   . ALA A 26  ? 0.8389 0.6227 0.8692 0.1417  -0.0402 -0.0313 18  ALA A C   
97  O O   . ALA A 26  ? 0.9054 0.6924 1.0093 0.1514  -0.0305 -0.0287 18  ALA A O   
98  C CB  . ALA A 26  ? 0.8153 0.6492 0.8919 0.1663  -0.1085 -0.0749 18  ALA A CB  
99  N N   . GLY A 27  ? 0.7863 0.5383 0.7251 0.1334  -0.0341 -0.0182 19  GLY A N   
100 C CA  . GLY A 27  ? 0.7615 0.4714 0.6786 0.1375  -0.0207 -0.0068 19  GLY A CA  
101 C C   . GLY A 27  ? 0.8436 0.5407 0.7599 0.1283  0.0166  0.0018  19  GLY A C   
102 O O   . GLY A 27  ? 0.9169 0.5726 0.7968 0.1327  0.0256  0.0068  19  GLY A O   
103 N N   . LYS A 28  ? 0.7948 0.5252 0.7480 0.1199  0.0371  0.0030  20  LYS A N   
104 C CA  . LYS A 28  ? 0.7320 0.4611 0.6890 0.1217  0.0736  0.0125  20  LYS A CA  
105 C C   . LYS A 28  ? 0.7250 0.4432 0.6074 0.1005  0.0887  0.0166  20  LYS A C   
106 O O   . LYS A 28  ? 0.7120 0.4361 0.5893 0.1050  0.1172  0.0221  20  LYS A O   
107 C CB  . LYS A 28  ? 0.6417 0.4183 0.6982 0.1305  0.0909  0.0202  20  LYS A CB  
108 N N   . VAL A 29  ? 0.7875 0.4945 0.6123 0.0803  0.0703  0.0158  21  VAL A N   
109 C CA  . VAL A 29  ? 0.7272 0.4301 0.4929 0.0576  0.0812  0.0202  21  VAL A CA  
110 C C   . VAL A 29  ? 0.7942 0.4532 0.5147 0.0595  0.0920  0.0176  21  VAL A C   
111 O O   . VAL A 29  ? 0.7906 0.4587 0.4909 0.0561  0.1104  0.0163  21  VAL A O   
112 C CB  . VAL A 29  ? 0.6519 0.3592 0.3742 0.0372  0.0606  0.0258  21  VAL A CB  
113 C CG1 . VAL A 29  ? 0.6700 0.3659 0.3358 0.0112  0.0676  0.0328  21  VAL A CG1 
114 C CG2 . VAL A 29  ? 0.6096 0.3672 0.3666 0.0404  0.0525  0.0207  21  VAL A CG2 
115 N N   . PRO A 30  ? 0.8326 0.4420 0.5329 0.0678  0.0783  0.0147  22  PRO A N   
116 C CA  . PRO A 30  ? 0.8039 0.3665 0.4622 0.0746  0.0835  0.0045  22  PRO A CA  
117 C C   . PRO A 30  ? 0.7907 0.3754 0.4698 0.1045  0.1129  -0.0028 22  PRO A C   
118 O O   . PRO A 30  ? 0.8185 0.3940 0.4560 0.1083  0.1230  -0.0127 22  PRO A O   
119 C CB  . PRO A 30  ? 0.9043 0.4113 0.5534 0.0843  0.0616  0.0035  22  PRO A CB  
120 C CG  . PRO A 30  ? 0.9285 0.4634 0.6210 0.0911  0.0511  0.0129  22  PRO A CG  
121 C CD  . PRO A 30  ? 0.7584 0.3483 0.4650 0.0729  0.0537  0.0193  22  PRO A CD  
122 N N   . GLU A 31  ? 0.8992 0.5188 0.6445 0.1275  0.1266  0.0038  23  GLU A N   
123 C CA  . GLU A 31  ? 0.8174 0.4717 0.5906 0.1571  0.1613  0.0081  23  GLU A CA  
124 C C   . GLU A 31  ? 0.7910 0.4848 0.5537 0.1456  0.1814  0.0167  23  GLU A C   
125 O O   . GLU A 31  ? 0.7887 0.4859 0.5110 0.1637  0.2013  0.0127  23  GLU A O   
126 C CB  . GLU A 31  ? 0.7359 0.4302 0.6034 0.1771  0.1716  0.0214  23  GLU A CB  
127 N N   . PHE A 32  ? 0.7834 0.5069 0.5764 0.1197  0.1736  0.0262  24  PHE A N   
128 C CA  . PHE A 32  ? 0.6969 0.4578 0.4842 0.1092  0.1904  0.0360  24  PHE A CA  
129 C C   . PHE A 32  ? 0.7827 0.5184 0.4829 0.0990  0.1861  0.0229  24  PHE A C   
130 O O   . PHE A 32  ? 0.7349 0.4947 0.4132 0.1108  0.2076  0.0269  24  PHE A O   
131 C CB  . PHE A 32  ? 0.6305 0.4165 0.4540 0.0846  0.1739  0.0406  24  PHE A CB  
132 C CG  . PHE A 32  ? 0.6863 0.5036 0.4932 0.0710  0.1844  0.0480  24  PHE A CG  
133 C CD1 . PHE A 32  ? 0.5955 0.4553 0.4561 0.0838  0.2115  0.0681  24  PHE A CD1 
134 C CD2 . PHE A 32  ? 0.7570 0.5644 0.5023 0.0459  0.1676  0.0394  24  PHE A CD2 
135 C CE1 . PHE A 32  ? 0.6199 0.5070 0.4656 0.0744  0.2200  0.0763  24  PHE A CE1 
136 C CE2 . PHE A 32  ? 0.7608 0.6011 0.4939 0.0358  0.1761  0.0457  24  PHE A CE2 
137 C CZ  . PHE A 32  ? 0.6720 0.5499 0.4519 0.0514  0.2016  0.0627  24  PHE A CZ  
138 N N   . LEU A 33  ? 0.7184 0.4071 0.3725 0.0782  0.1566  0.0093  25  LEU A N   
139 C CA  . LEU A 33  ? 0.7559 0.4205 0.3435 0.0624  0.1452  -0.0033 25  LEU A CA  
140 C C   . LEU A 33  ? 0.8439 0.4778 0.3888 0.0930  0.1510  -0.0232 25  LEU A C   
141 O O   . LEU A 33  ? 0.8502 0.4827 0.3475 0.0929  0.1486  -0.0364 25  LEU A O   
142 C CB  . LEU A 33  ? 0.7725 0.3996 0.3384 0.0289  0.1129  -0.0038 25  LEU A CB  
143 C CG  . LEU A 33  ? 0.7438 0.4101 0.3266 0.0009  0.1061  0.0125  25  LEU A CG  
144 C CD1 . LEU A 33  ? 0.7507 0.3871 0.3102 -0.0274 0.0799  0.0208  25  LEU A CD1 
145 C CD2 . LEU A 33  ? 0.7390 0.4482 0.3108 -0.0089 0.1179  0.0144  25  LEU A CD2 
146 N N   . LYS A 34  ? 0.8479 0.4595 0.4071 0.1236  0.1563  -0.0287 26  LYS A N   
147 C CA  . LYS A 34  ? 0.9157 0.5050 0.4304 0.1630  0.1635  -0.0509 26  LYS A CA  
148 C C   . LYS A 34  ? 0.9037 0.5566 0.4201 0.1949  0.2026  -0.0392 26  LYS A C   
149 O O   . LYS A 34  ? 0.9505 0.6035 0.4072 0.2137  0.2042  -0.0570 26  LYS A O   
150 C CB  . LYS A 34  ? 0.9509 0.5064 0.4824 0.1933  0.1614  -0.0586 26  LYS A CB  
151 N N   . ILE A 35  ? 0.8452 0.5540 0.4335 0.2011  0.2319  -0.0075 27  ILE A N   
152 C CA  . ILE A 35  ? 0.9510 0.7255 0.5561 0.2295  0.2732  0.0168  27  ILE A CA  
153 C C   . ILE A 35  ? 0.8737 0.6736 0.4572 0.2024  0.2590  0.0185  27  ILE A C   
154 O O   . ILE A 35  ? 0.8352 0.6714 0.4067 0.2189  0.2609  0.0208  27  ILE A O   
155 C CB  . ILE A 35  ? 0.9385 0.7635 0.6501 0.2295  0.2974  0.0541  27  ILE A CB  
156 C CG1 . ILE A 35  ? 0.9578 0.7712 0.7119 0.2532  0.2998  0.0531  27  ILE A CG1 
157 C CG2 . ILE A 35  ? 0.9860 0.8800 0.7423 0.2431  0.3194  0.0886  27  ILE A CG2 
158 C CD1 . ILE A 35  ? 0.8747 0.7401 0.7464 0.2549  0.3199  0.0884  27  ILE A CD1 
159 N N   . TYR A 36  ? 0.7771 0.5624 0.3584 0.1622  0.2430  0.0174  28  TYR A N   
160 C CA  . TYR A 36  ? 0.7555 0.5710 0.3280 0.1367  0.2256  0.0172  28  TYR A CA  
161 C C   . TYR A 36  ? 0.8194 0.6069 0.3185 0.1418  0.2037  -0.0140 28  TYR A C   
162 O O   . TYR A 36  ? 0.8279 0.6547 0.3204 0.1494  0.2010  -0.0157 28  TYR A O   
163 C CB  . TYR A 36  ? 0.7762 0.5863 0.3625 0.0949  0.2094  0.0214  28  TYR A CB  
164 C CG  . TYR A 36  ? 0.8018 0.6658 0.4125 0.0745  0.1977  0.0287  28  TYR A CG  
165 C CD1 . TYR A 36  ? 0.7445 0.6540 0.4214 0.0732  0.2083  0.0512  28  TYR A CD1 
166 C CD2 . TYR A 36  ? 0.8427 0.7079 0.4107 0.0591  0.1760  0.0119  28  TYR A CD2 
167 C CE1 . TYR A 36  ? 0.5833 0.5333 0.2759 0.0579  0.1972  0.0545  28  TYR A CE1 
168 C CE2 . TYR A 36  ? 0.7969 0.7152 0.3886 0.0438  0.1673  0.0178  28  TYR A CE2 
169 C CZ  . TYR A 36  ? 0.7456 0.7038 0.3961 0.0428  0.1775  0.0381  28  TYR A CZ  
170 O OH  . TYR A 36  ? 0.6003 0.5987 0.2651 0.0274  0.1681  0.0404  28  TYR A OH  
171 N N   . GLN A 37  ? 0.6932 0.4997 0.5031 0.1047  0.1691  -0.0148 29  GLN A N   
172 C CA  . GLN A 37  ? 0.7900 0.5206 0.5444 0.1133  0.1670  -0.0463 29  GLN A CA  
173 C C   . GLN A 37  ? 0.8738 0.5820 0.5723 0.1489  0.1899  -0.0552 29  GLN A C   
174 O O   . GLN A 37  ? 0.9316 0.5910 0.5722 0.1444  0.1795  -0.0804 29  GLN A O   
175 C CB  . GLN A 37  ? 0.8172 0.5058 0.5758 0.1209  0.1664  -0.0492 29  GLN A CB  
176 C CG  . GLN A 37  ? 0.8608 0.4599 0.5616 0.1267  0.1585  -0.0795 29  GLN A CG  
177 C CD  . GLN A 37  ? 1.0140 0.5723 0.7298 0.1192  0.1489  -0.0789 29  GLN A CD  
178 O OE1 . GLN A 37  ? 0.9675 0.5659 0.7322 0.1110  0.1497  -0.0563 29  GLN A OE1 
179 N NE2 . GLN A 37  ? 0.9507 0.4239 0.6195 0.1194  0.1363  -0.1023 29  GLN A NE2 
180 N N   . ASP A 38  ? 0.8428 0.5862 0.5564 0.1862  0.2216  -0.0319 30  ASP A N   
181 C CA  . ASP A 38  ? 0.9655 0.6846 0.6192 0.2303  0.2537  -0.0378 30  ASP A CA  
182 C C   . ASP A 38  ? 1.0555 0.8111 0.6906 0.2246  0.2590  -0.0313 30  ASP A C   
183 O O   . ASP A 38  ? 1.2463 0.9587 0.8036 0.2533  0.2779  -0.0468 30  ASP A O   
184 C CB  . ASP A 38  ? 1.0826 0.8420 0.7720 0.2766  0.2919  -0.0061 30  ASP A CB  
185 C CG  . ASP A 38  ? 1.2636 0.9745 0.9599 0.2900  0.2891  -0.0124 30  ASP A CG  
186 O OD1 . ASP A 38  ? 1.2339 0.8979 0.9247 0.2550  0.2557  -0.0338 30  ASP A OD1 
187 O OD2 . ASP A 38  ? 1.3500 1.0724 1.0615 0.3371  0.3219  0.0083  30  ASP A OD2 
188 N N   . GLU A 39  ? 0.9949 0.8195 0.6898 0.1890  0.2419  -0.0094 31  GLU A N   
189 C CA  . GLU A 39  ? 0.9397 0.8115 0.6305 0.1888  0.2527  0.0091  31  GLU A CA  
190 C C   . GLU A 39  ? 0.8867 0.7604 0.5804 0.1437  0.2171  -0.0002 31  GLU A C   
191 O O   . GLU A 39  ? 0.8624 0.7355 0.5164 0.1435  0.2190  -0.0012 31  GLU A O   
192 C CB  . GLU A 39  ? 0.7886 0.7555 0.5584 0.1984  0.2740  0.0601  31  GLU A CB  
193 C CG  . GLU A 39  ? 0.8344 0.8114 0.6134 0.2494  0.3137  0.0774  31  GLU A CG  
194 C CD  . GLU A 39  ? 0.8763 0.9588 0.7460 0.2583  0.3331  0.1368  31  GLU A CD  
195 O OE1 . GLU A 39  ? 0.8233 0.9637 0.7240 0.2357  0.3278  0.1639  31  GLU A OE1 
196 O OE2 . GLU A 39  ? 0.8940 1.0021 0.8084 0.2864  0.3511  0.1600  31  GLU A OE2 
197 N N   . GLY A 40  ? 0.8224 0.6965 0.5585 0.1089  0.1871  -0.0053 32  GLY A N   
198 C CA  . GLY A 40  ? 0.8111 0.6907 0.5572 0.0727  0.1584  -0.0097 32  GLY A CA  
199 C C   . GLY A 40  ? 0.8233 0.6431 0.5352 0.0554  0.1330  -0.0423 32  GLY A C   
200 O O   . GLY A 40  ? 0.7714 0.5875 0.4700 0.0379  0.1150  -0.0471 32  GLY A O   
201 N N   . LEU A 41  ? 0.8815 0.6566 0.5852 0.0589  0.1294  -0.0600 33  LEU A N   
202 C CA  . LEU A 41  ? 0.8554 0.5842 0.5498 0.0354  0.1015  -0.0817 33  LEU A CA  
203 C C   . LEU A 41  ? 0.8804 0.5695 0.5149 0.0321  0.0847  -0.0990 33  LEU A C   
204 O O   . LEU A 41  ? 0.7836 0.4736 0.4319 0.0054  0.0574  -0.1012 33  LEU A O   
205 C CB  . LEU A 41  ? 0.8343 0.5160 0.5229 0.0421  0.1021  -0.0937 33  LEU A CB  
206 C CG  . LEU A 41  ? 0.7669 0.4168 0.4711 0.0120  0.0732  -0.1045 33  LEU A CG  
207 C CD1 . LEU A 41  ? 0.6895 0.3925 0.4548 -0.0105 0.0681  -0.0877 33  LEU A CD1 
208 C CD2 . LEU A 41  ? 0.7964 0.4026 0.5005 0.0168  0.0747  -0.1100 33  LEU A CD2 
209 N N   . GLY A 42  ? 0.9302 0.5814 0.4939 0.0614  0.1006  -0.1100 34  GLY A N   
210 C CA  . GLY A 42  ? 0.9869 0.5858 0.4726 0.0598  0.0819  -0.1286 34  GLY A CA  
211 C C   . GLY A 42  ? 0.9998 0.6438 0.4937 0.0452  0.0728  -0.1132 34  GLY A C   
212 O O   . GLY A 42  ? 1.0768 0.6903 0.5380 0.0255  0.0400  -0.1234 34  GLY A O   
213 N N   . ILE A 43  ? 0.9343 0.6497 0.4741 0.0520  0.0973  -0.0854 35  ILE A N   
214 C CA  . ILE A 43  ? 0.8472 0.6020 0.3963 0.0378  0.0884  -0.0674 35  ILE A CA  
215 C C   . ILE A 43  ? 0.9031 0.6731 0.5119 0.0026  0.0555  -0.0652 35  ILE A C   
216 O O   . ILE A 43  ? 0.9643 0.7200 0.5570 -0.0141 0.0275  -0.0685 35  ILE A O   
217 C CB  . ILE A 43  ? 0.8078 0.6314 0.3949 0.0506  0.1195  -0.0337 35  ILE A CB  
218 C CG1 . ILE A 43  ? 0.8764 0.6957 0.4100 0.0917  0.1594  -0.0282 35  ILE A CG1 
219 C CG2 . ILE A 43  ? 0.7840 0.6429 0.3870 0.0317  0.1066  -0.0127 35  ILE A CG2 
220 C CD1 . ILE A 43  ? 0.8292 0.7251 0.4272 0.1029  0.1893  0.0110  35  ILE A CD1 
221 N N   . ILE A 44  ? 0.7721 0.5696 0.4478 -0.0064 0.0594  -0.0577 36  ILE A N   
222 C CA  . ILE A 44  ? 0.6625 0.4791 0.3927 -0.0311 0.0390  -0.0508 36  ILE A CA  
223 C C   . ILE A 44  ? 0.7892 0.5721 0.5215 -0.0472 0.0116  -0.0659 36  ILE A C   
224 O O   . ILE A 44  ? 0.7723 0.5678 0.5349 -0.0635 -0.0089 -0.0582 36  ILE A O   
225 C CB  . ILE A 44  ? 0.6049 0.4480 0.3878 -0.0335 0.0512  -0.0401 36  ILE A CB  
226 C CG1 . ILE A 44  ? 0.5869 0.4380 0.4127 -0.0510 0.0365  -0.0353 36  ILE A CG1 
227 C CG2 . ILE A 44  ? 0.6108 0.4337 0.3942 -0.0240 0.0629  -0.0506 36  ILE A CG2 
228 C CD1 . ILE A 44  ? 0.5315 0.3964 0.3876 -0.0528 0.0459  -0.0254 36  ILE A CD1 
229 N N   . THR A 45  ? 0.7763 0.5153 0.4801 -0.0433 0.0083  -0.0838 37  THR A N   
230 C CA  . THR A 45  ? 0.7679 0.4773 0.4830 -0.0652 -0.0239 -0.0917 37  THR A CA  
231 C C   . THR A 45  ? 0.8416 0.5251 0.5094 -0.0758 -0.0561 -0.0965 37  THR A C   
232 O O   . THR A 45  ? 0.8254 0.4959 0.5153 -0.0997 -0.0914 -0.0950 37  THR A O   
233 C CB  . THR A 45  ? 0.8076 0.4691 0.5069 -0.0632 -0.0241 -0.1070 37  THR A CB  
234 O OG1 . THR A 45  ? 0.8593 0.4726 0.4767 -0.0392 -0.0127 -0.1247 37  THR A OG1 
235 C CG2 . THR A 45  ? 0.7420 0.4325 0.4953 -0.0579 0.0016  -0.0972 37  THR A CG2 
236 N N   . GLN A 46  ? 0.9245 0.6048 0.5318 -0.0598 -0.0464 -0.0972 38  GLN A N   
237 C CA  . GLN A 46  ? 1.0028 0.6669 0.5686 -0.0717 -0.0785 -0.0956 38  GLN A CA  
238 C C   . GLN A 46  ? 0.9249 0.6416 0.5650 -0.0903 -0.0950 -0.0717 38  GLN A C   
239 O O   . GLN A 46  ? 0.9728 0.6805 0.6025 -0.1069 -0.1317 -0.0660 38  GLN A O   
240 C CB  . GLN A 46  ? 1.0982 0.7511 0.5801 -0.0472 -0.0575 -0.0964 38  GLN A CB  
241 C CG  . GLN A 46  ? 1.2790 0.8719 0.6755 -0.0201 -0.0372 -0.1196 38  GLN A CG  
242 C CD  . GLN A 46  ? 1.4395 1.0324 0.7597 0.0117  -0.0040 -0.1139 38  GLN A CD  
243 O OE1 . GLN A 46  ? 1.4405 1.0699 0.7610 0.0074  -0.0050 -0.0933 38  GLN A OE1 
244 N NE2 . GLN A 46  ? 1.5494 1.1013 0.8047 0.0466  0.0284  -0.1288 38  GLN A NE2 
245 N N   . TYR A 47  ? 0.8179 0.5831 0.5286 -0.0869 -0.0711 -0.0575 39  TYR A N   
246 C CA  . TYR A 47  ? 0.7789 0.5841 0.5483 -0.0961 -0.0803 -0.0359 39  TYR A CA  
247 C C   . TYR A 47  ? 0.7781 0.6065 0.6295 -0.1029 -0.0778 -0.0278 39  TYR A C   
248 O O   . TYR A 47  ? 0.8660 0.7179 0.7661 -0.1093 -0.0915 -0.0104 39  TYR A O   
249 C CB  . TYR A 47  ? 0.7386 0.5720 0.5046 -0.0841 -0.0560 -0.0221 39  TYR A CB  
250 C CG  . TYR A 47  ? 0.8204 0.6425 0.5120 -0.0732 -0.0488 -0.0220 39  TYR A CG  
251 C CD1 . TYR A 47  ? 0.8604 0.6699 0.5088 -0.0792 -0.0735 -0.0158 39  TYR A CD1 
252 C CD2 . TYR A 47  ? 0.8435 0.6688 0.5072 -0.0545 -0.0158 -0.0247 39  TYR A CD2 
253 C CE1 . TYR A 47  ? 0.9282 0.7248 0.4985 -0.0654 -0.0616 -0.0138 39  TYR A CE1 
254 C CE2 . TYR A 47  ? 0.9042 0.7241 0.5012 -0.0384 -0.0008 -0.0198 39  TYR A CE2 
255 C CZ  . TYR A 47  ? 0.9491 0.7526 0.4948 -0.0433 -0.0218 -0.0152 39  TYR A CZ  
256 O OH  . TYR A 47  ? 0.9790 0.7751 0.4491 -0.0239 -0.0018 -0.0083 39  TYR A OH  
257 N N   . ALA A 48  ? 0.6830 0.5054 0.5502 -0.0988 -0.0585 -0.0368 40  ALA A N   
258 C CA  . ALA A 48  ? 0.6022 0.4455 0.5385 -0.1017 -0.0498 -0.0264 40  ALA A CA  
259 C C   . ALA A 48  ? 0.6511 0.4743 0.5979 -0.1107 -0.0539 -0.0338 40  ALA A C   
260 O O   . ALA A 48  ? 0.7675 0.5554 0.6632 -0.1080 -0.0531 -0.0513 40  ALA A O   
261 C CB  . ALA A 48  ? 0.5562 0.4127 0.5024 -0.0871 -0.0182 -0.0235 40  ALA A CB  
262 N N   . ARG A 49  ? 0.5883 0.4337 0.6032 -0.1195 -0.0560 -0.0173 41  ARG A N   
263 C CA  . ARG A 49  ? 0.6850 0.5157 0.7219 -0.1320 -0.0605 -0.0166 41  ARG A CA  
264 C C   . ARG A 49  ? 0.7028 0.5371 0.7467 -0.1169 -0.0216 -0.0176 41  ARG A C   
265 O O   . ARG A 49  ? 0.7261 0.5895 0.8093 -0.1063 0.0024  -0.0028 41  ARG A O   
266 C CB  . ARG A 49  ? 0.6527 0.5135 0.7690 -0.1517 -0.0833 0.0104  41  ARG A CB  
267 N N   . LEU A 50  ? 0.6968 0.4958 0.6961 -0.1136 -0.0157 -0.0343 42  LEU A N   
268 C CA  . LEU A 50  ? 0.6281 0.4259 0.6315 -0.1027 0.0140  -0.0327 42  LEU A CA  
269 C C   . LEU A 50  ? 0.6157 0.4143 0.6684 -0.1174 0.0122  -0.0167 42  LEU A C   
270 O O   . LEU A 50  ? 0.6237 0.3908 0.6714 -0.1346 -0.0130 -0.0206 42  LEU A O   
271 C CB  . LEU A 50  ? 0.6912 0.4556 0.6366 -0.0906 0.0214  -0.0509 42  LEU A CB  
272 C CG  . LEU A 50  ? 0.6758 0.4430 0.6280 -0.0803 0.0481  -0.0447 42  LEU A CG  
273 C CD1 . LEU A 50  ? 0.5680 0.3618 0.5187 -0.0687 0.0655  -0.0388 42  LEU A CD1 
274 C CD2 . LEU A 50  ? 0.7618 0.4964 0.6739 -0.0692 0.0525  -0.0563 42  LEU A CD2 
275 N N   . ARG A 51  ? 0.6179 0.4469 0.7129 -0.1103 0.0389  0.0027  43  ARG A N   
276 C CA  . ARG A 51  ? 0.6251 0.4619 0.7704 -0.1225 0.0445  0.0248  43  ARG A CA  
277 C C   . ARG A 51  ? 0.6951 0.5114 0.8151 -0.1127 0.0699  0.0237  43  ARG A C   
278 O O   . ARG A 51  ? 0.7911 0.6083 0.9469 -0.1241 0.0745  0.0435  43  ARG A O   
279 C CB  . ARG A 51  ? 0.5970 0.4853 0.8130 -0.1187 0.0616  0.0552  43  ARG A CB  
280 C CG  . ARG A 51  ? 0.7744 0.6874 1.0254 -0.1288 0.0326  0.0622  43  ARG A CG  
281 C CD  . ARG A 51  ? 1.0092 0.9462 1.3383 -0.1580 0.0042  0.0919  43  ARG A CD  
282 N NE  . ARG A 51  ? 1.1893 1.1812 1.6019 -0.1500 0.0369  0.1324  43  ARG A NE  
283 C CZ  . ARG A 51  ? 1.2442 1.2895 1.7212 -0.1371 0.0484  0.1594  43  ARG A CZ  
284 N NH1 . ARG A 51  ? 1.1873 1.2363 1.6550 -0.1346 0.0249  0.1500  43  ARG A NH1 
285 N NH2 . ARG A 51  ? 1.2918 1.3872 1.8428 -0.1238 0.0863  0.1992  43  ARG A NH2 
286 N N   . GLY A 52  ? 0.7287 0.5285 0.7924 -0.0945 0.0833  0.0060  44  GLY A N   
287 C CA  . GLY A 52  ? 0.6935 0.4742 0.7330 -0.0861 0.1020  0.0081  44  GLY A CA  
288 C C   . GLY A 52  ? 0.6563 0.4278 0.6434 -0.0689 0.1100  -0.0058 44  GLY A C   
289 O O   . GLY A 52  ? 0.6282 0.4140 0.6029 -0.0612 0.1129  -0.0101 44  GLY A O   
290 N N   . CYS A 53  ? 0.6347 0.3825 0.5954 -0.0637 0.1109  -0.0094 45  CYS A N   
291 C CA  . CYS A 53  ? 0.6091 0.3559 0.5331 -0.0499 0.1155  -0.0135 45  CYS A CA  
292 C C   . CYS A 53  ? 0.5916 0.3223 0.5035 -0.0453 0.1259  -0.0011 45  CYS A C   
293 O O   . CYS A 53  ? 0.6132 0.3220 0.5312 -0.0468 0.1231  0.0014  45  CYS A O   
294 C CB  . CYS A 53  ? 0.5749 0.3174 0.4804 -0.0426 0.1037  -0.0271 45  CYS A CB  
295 S SG  . CYS A 53  ? 0.6547 0.4159 0.5388 -0.0307 0.1062  -0.0207 45  CYS A SG  
296 N N   . TRP A 54  ? 0.5945 0.3277 0.4821 -0.0399 0.1346  0.0067  46  TRP A N   
297 C CA  . TRP A 54  ? 0.6222 0.3383 0.4917 -0.0369 0.1445  0.0221  46  TRP A CA  
298 C C   . TRP A 54  ? 0.6331 0.3445 0.4628 -0.0313 0.1355  0.0253  46  TRP A C   
299 O O   . TRP A 54  ? 0.6238 0.3432 0.4387 -0.0322 0.1258  0.0183  46  TRP A O   
300 C CB  . TRP A 54  ? 0.6410 0.3555 0.5110 -0.0375 0.1673  0.0353  46  TRP A CB  
301 C CG  . TRP A 54  ? 0.6633 0.3972 0.5840 -0.0453 0.1733  0.0382  46  TRP A CG  
302 C CD1 . TRP A 54  ? 0.6813 0.4356 0.6208 -0.0449 0.1728  0.0311  46  TRP A CD1 
303 C CD2 . TRP A 54  ? 0.6359 0.3717 0.6010 -0.0574 0.1764  0.0542  46  TRP A CD2 
304 N NE1 . TRP A 54  ? 0.6379 0.4121 0.6350 -0.0560 0.1739  0.0432  46  TRP A NE1 
305 C CE2 . TRP A 54  ? 0.6409 0.4037 0.6553 -0.0660 0.1748  0.0579  46  TRP A CE2 
306 C CE3 . TRP A 54  ? 0.7053 0.4213 0.6763 -0.0638 0.1773  0.0692  46  TRP A CE3 
307 C CZ2 . TRP A 54  ? 0.6911 0.4647 0.7642 -0.0843 0.1707  0.0778  46  TRP A CZ2 
308 C CZ3 . TRP A 54  ? 0.8086 0.5291 0.8334 -0.0817 0.1750  0.0871  46  TRP A CZ3 
309 C CH2 . TRP A 54  ? 0.7559 0.5065 0.8330 -0.0935 0.1701  0.0921  46  TRP A CH2 
310 N N   . THR A 55  ? 0.7062 0.5130 0.4100 -0.0005 0.1160  -0.0280 47  THR A N   
311 C CA  . THR A 55  ? 0.6239 0.4792 0.3712 0.0020  0.1276  -0.0172 47  THR A CA  
312 C C   . THR A 55  ? 0.6251 0.4943 0.3995 -0.0210 0.1194  -0.0271 47  THR A C   
313 O O   . THR A 55  ? 0.6975 0.5435 0.4557 -0.0331 0.1120  -0.0358 47  THR A O   
314 C CB  . THR A 55  ? 0.6728 0.5212 0.3923 0.0311  0.1435  -0.0022 47  THR A CB  
315 O OG1 . THR A 55  ? 0.7131 0.5166 0.3886 0.0309  0.1384  -0.0135 47  THR A OG1 
316 C CG2 . THR A 55  ? 0.6275 0.4566 0.3063 0.0651  0.1570  0.0111  47  THR A CG2 
317 N N   . GLN A 56  ? 0.5372 0.4402 0.3500 -0.0267 0.1180  -0.0223 48  GLN A N   
318 C CA  . GLN A 56  ? 0.5339 0.4394 0.3562 -0.0388 0.1121  -0.0314 48  GLN A CA  
319 C C   . GLN A 56  ? 0.5781 0.4740 0.3855 -0.0336 0.1165  -0.0298 48  GLN A C   
320 O O   . GLN A 56  ? 0.5825 0.4883 0.3951 -0.0235 0.1194  -0.0173 48  GLN A O   
321 C CB  . GLN A 56  ? 0.4663 0.3873 0.3133 -0.0435 0.1010  -0.0298 48  GLN A CB  
322 C CG  . GLN A 56  ? 0.5269 0.4512 0.3821 -0.0484 0.0961  -0.0362 48  GLN A CG  
323 C CD  . GLN A 56  ? 0.5729 0.4918 0.4315 -0.0494 0.0809  -0.0382 48  GLN A CD  
324 O OE1 . GLN A 56  ? 0.6081 0.5118 0.4543 -0.0470 0.0722  -0.0388 48  GLN A OE1 
325 N NE2 . GLN A 56  ? 0.6392 0.5597 0.5045 -0.0513 0.0742  -0.0403 48  GLN A NE2 
326 N N   . ASP A 57  ? 0.5817 0.4634 0.3752 -0.0404 0.1174  -0.0372 49  ASP A N   
327 C CA  . ASP A 57  ? 0.5147 0.3855 0.2931 -0.0372 0.1208  -0.0370 49  ASP A CA  
328 C C   . ASP A 57  ? 0.5994 0.4765 0.3846 -0.0378 0.1185  -0.0402 49  ASP A C   
329 O O   . ASP A 57  ? 0.5326 0.3986 0.3025 -0.0344 0.1214  -0.0405 49  ASP A O   
330 C CB  . ASP A 57  ? 0.5918 0.4362 0.3449 -0.0442 0.1206  -0.0381 49  ASP A CB  
331 C CG  . ASP A 57  ? 0.7406 0.5647 0.4683 -0.0381 0.1239  -0.0371 49  ASP A CG  
332 O OD1 . ASP A 57  ? 0.8058 0.6342 0.5303 -0.0234 0.1285  -0.0338 49  ASP A OD1 
333 O OD2 . ASP A 57  ? 0.7802 0.5874 0.4952 -0.0487 0.1210  -0.0353 49  ASP A OD2 
334 N N   . SER A 58  ? 0.5025 0.3878 0.2992 -0.0378 0.1127  -0.0430 50  SER A N   
335 C CA  . SER A 58  ? 0.5403 0.4125 0.3215 -0.0290 0.1077  -0.0469 50  SER A CA  
336 C C   . SER A 58  ? 0.5391 0.4044 0.3232 -0.0278 0.0906  -0.0486 50  SER A C   
337 O O   . SER A 58  ? 0.5507 0.4320 0.3563 -0.0347 0.0887  -0.0465 50  SER A O   
338 C CB  . SER A 58  ? 0.6088 0.4850 0.3801 -0.0214 0.1229  -0.0456 50  SER A CB  
339 O OG  . SER A 58  ? 0.6208 0.5125 0.4045 -0.0190 0.1257  -0.0438 50  SER A OG  
340 N N   . GLY A 59  ? 0.5613 0.3935 0.3161 -0.0188 0.0741  -0.0520 51  GLY A N   
341 C CA  . GLY A 59  ? 0.5833 0.3919 0.3300 -0.0198 0.0475  -0.0524 51  GLY A CA  
342 C C   . GLY A 59  ? 0.5676 0.3912 0.3513 -0.0393 0.0261  -0.0366 51  GLY A C   
343 O O   . GLY A 59  ? 0.6260 0.4538 0.4200 -0.0446 0.0188  -0.0258 51  GLY A O   
344 N N   . THR A 60  ? 0.5994 0.4374 0.4081 -0.0485 0.0174  -0.0299 52  THR A N   
345 C CA  . THR A 60  ? 0.5458 0.4084 0.3983 -0.0653 -0.0012 -0.0043 52  THR A CA  
346 C C   . THR A 60  ? 0.5396 0.4525 0.4262 -0.0622 0.0292  0.0078  52  THR A C   
347 O O   . THR A 60  ? 0.4970 0.4272 0.3901 -0.0582 0.0482  0.0036  52  THR A O   
348 C CB  . THR A 60  ? 0.5891 0.4444 0.4518 -0.0753 -0.0232 0.0019  52  THR A CB  
349 O OG1 . THR A 60  ? 0.6900 0.4791 0.5035 -0.0742 -0.0595 -0.0078 52  THR A OG1 
350 C CG2 . THR A 60  ? 0.5324 0.4310 0.4547 -0.0924 -0.0363 0.0391  52  THR A CG2 
351 N N   . LEU A 61  ? 0.5324 0.4618 0.4330 -0.0604 0.0319  0.0238  53  LEU A N   
352 C CA  . LEU A 61  ? 0.5322 0.4952 0.4457 -0.0473 0.0616  0.0353  53  LEU A CA  
353 C C   . LEU A 61  ? 0.4663 0.4713 0.4222 -0.0462 0.0641  0.0667  53  LEU A C   
354 O O   . LEU A 61  ? 0.5120 0.5232 0.4944 -0.0618 0.0405  0.0799  53  LEU A O   
355 C CB  . LEU A 61  ? 0.5903 0.5569 0.5008 -0.0399 0.0657  0.0447  53  LEU A CB  
356 C CG  . LEU A 61  ? 0.5042 0.4290 0.3724 -0.0405 0.0630  0.0168  53  LEU A CG  
357 C CD1 . LEU A 61  ? 0.5159 0.4403 0.3809 -0.0353 0.0619  0.0261  53  LEU A CD1 
358 C CD2 . LEU A 61  ? 0.4987 0.4100 0.3374 -0.0338 0.0868  -0.0063 53  LEU A CD2 
359 N N   . ASN A 62  ? 0.4642 0.4928 0.4195 -0.0244 0.0926  0.0808  54  ASN A N   
360 C CA  . ASN A 62  ? 0.6150 0.6870 0.6044 -0.0132 0.1040  0.1159  54  ASN A CA  
361 C C   . ASN A 62  ? 0.5697 0.6314 0.5562 -0.0217 0.0998  0.1029  54  ASN A C   
362 O O   . ASN A 62  ? 0.5439 0.6371 0.5719 -0.0296 0.0902  0.1311  54  ASN A O   
363 C CB  . ASN A 62  ? 0.5485 0.6712 0.6050 -0.0251 0.0841  0.1650  54  ASN A CB  
364 C CG  . ASN A 62  ? 0.6285 0.7702 0.6954 -0.0144 0.0888  0.1849  54  ASN A CG  
365 O OD1 . ASN A 62  ? 0.6930 0.8698 0.7645 0.0177  0.1198  0.2131  54  ASN A OD1 
366 N ND2 . ASN A 62  ? 0.7089 0.8229 0.7721 -0.0363 0.0584  0.1716  54  ASN A ND2 
367 N N   . SER A 63  ? 0.4549 0.4755 0.3967 -0.0219 0.1050  0.0643  55  SER A N   
368 C CA  . SER A 63  ? 0.4783 0.4868 0.4166 -0.0314 0.0980  0.0489  55  SER A CA  
369 C C   . SER A 63  ? 0.5619 0.5451 0.4577 -0.0164 0.1165  0.0309  55  SER A C   
370 O O   . SER A 63  ? 0.5895 0.5441 0.4511 -0.0136 0.1212  0.0126  55  SER A O   
371 C CB  . SER A 63  ? 0.4465 0.4280 0.3765 -0.0499 0.0762  0.0245  55  SER A CB  
372 O OG  . SER A 63  ? 0.6170 0.6021 0.5715 -0.0640 0.0490  0.0410  55  SER A OG  
373 N N   . VAL A 64  ? 0.5328 0.5213 0.4283 -0.0084 0.1226  0.0390  56  VAL A N   
374 C CA  . VAL A 64  ? 0.5301 0.4822 0.3768 0.0058  0.1319  0.0242  56  VAL A CA  
375 C C   . VAL A 64  ? 0.4806 0.4228 0.3327 -0.0125 0.1175  0.0055  56  VAL A C   
376 O O   . VAL A 64  ? 0.5746 0.5392 0.4577 -0.0200 0.1110  0.0144  56  VAL A O   
377 C CB  . VAL A 64  ? 0.5256 0.4824 0.3523 0.0390  0.1528  0.0493  56  VAL A CB  
378 C CG1 . VAL A 64  ? 0.5755 0.4709 0.3313 0.0551  0.1538  0.0306  56  VAL A CG1 
379 C CG2 . VAL A 64  ? 0.5395 0.5166 0.3671 0.0625  0.1703  0.0747  56  VAL A CG2 
380 N N   . VAL A 65  ? 0.4923 0.4025 0.3172 -0.0206 0.1106  -0.0159 57  VAL A N   
381 C CA  . VAL A 65  ? 0.4813 0.3885 0.3156 -0.0362 0.0979  -0.0291 57  VAL A CA  
382 C C   . VAL A 65  ? 0.6175 0.4876 0.4126 -0.0293 0.0934  -0.0329 57  VAL A C   
383 O O   . VAL A 65  ? 0.6093 0.4371 0.3591 -0.0231 0.0896  -0.0362 57  VAL A O   
384 C CB  . VAL A 65  ? 0.4937 0.4035 0.3385 -0.0514 0.0913  -0.0397 57  VAL A CB  
385 C CG1 . VAL A 65  ? 0.5006 0.4202 0.3629 -0.0616 0.0825  -0.0451 57  VAL A CG1 
386 C CG2 . VAL A 65  ? 0.4520 0.3802 0.3154 -0.0520 0.0935  -0.0376 57  VAL A CG2 
387 N N   . PHE A 66  ? 0.5856 0.4617 0.3897 -0.0296 0.0896  -0.0322 58  PHE A N   
388 C CA  . PHE A 66  ? 0.6074 0.4431 0.3725 -0.0247 0.0797  -0.0368 58  PHE A CA  
389 C C   . PHE A 66  ? 0.5340 0.3791 0.3257 -0.0473 0.0618  -0.0453 58  PHE A C   
390 O O   . PHE A 66  ? 0.5726 0.4561 0.4063 -0.0546 0.0640  -0.0457 58  PHE A O   
391 C CB  . PHE A 66  ? 0.5659 0.4030 0.3189 -0.0029 0.0916  -0.0249 58  PHE A CB  
392 C CG  . PHE A 66  ? 0.5957 0.4288 0.3201 0.0291  0.1141  -0.0063 58  PHE A CG  
393 C CD1 . PHE A 66  ? 0.6696 0.4428 0.3157 0.0614  0.1190  -0.0044 58  PHE A CD1 
394 C CD2 . PHE A 66  ? 0.5598 0.4461 0.3316 0.0308  0.1287  0.0136  58  PHE A CD2 
395 C CE1 . PHE A 66  ? 0.7437 0.5160 0.3578 0.1020  0.1462  0.0182  58  PHE A CE1 
396 C CE2 . PHE A 66  ? 0.6178 0.5142 0.3738 0.0636  0.1524  0.0399  58  PHE A CE2 
397 C CZ  . PHE A 66  ? 0.7131 0.5553 0.3891 0.1033  0.1654  0.0429  58  PHE A CZ  
398 N N   . TRP A 67  ? 0.5848 0.3905 0.3487 -0.0567 0.0409  -0.0488 59  TRP A N   
399 C CA  . TRP A 67  ? 0.6249 0.4436 0.4179 -0.0766 0.0219  -0.0481 59  TRP A CA  
400 C C   . TRP A 67  ? 0.6052 0.3803 0.3589 -0.0701 0.0065  -0.0506 59  TRP A C   
401 O O   . TRP A 67  ? 0.7133 0.4215 0.4071 -0.0675 -0.0140 -0.0517 59  TRP A O   
402 C CB  . TRP A 67  ? 0.6301 0.4453 0.4361 -0.0997 0.0019  -0.0399 59  TRP A CB  
403 C CG  . TRP A 67  ? 0.8589 0.7196 0.7039 -0.1038 0.0184  -0.0351 59  TRP A CG  
404 C CD1 . TRP A 67  ? 0.8492 0.7518 0.7215 -0.0921 0.0419  -0.0391 59  TRP A CD1 
405 C CD2 . TRP A 67  ? 0.9464 0.8062 0.7992 -0.1197 0.0094  -0.0238 59  TRP A CD2 
406 N NE1 . TRP A 67  ? 0.7988 0.7233 0.6889 -0.0954 0.0503  -0.0332 59  TRP A NE1 
407 C CE2 . TRP A 67  ? 0.8531 0.7586 0.7370 -0.1122 0.0338  -0.0226 59  TRP A CE2 
408 C CE3 . TRP A 67  ? 0.9691 0.7870 0.8016 -0.1407 -0.0217 -0.0124 59  TRP A CE3 
409 C CZ2 . TRP A 67  ? 0.7999 0.7195 0.6993 -0.1219 0.0350  -0.0099 59  TRP A CZ2 
410 C CZ3 . TRP A 67  ? 0.9651 0.7988 0.8190 -0.1555 -0.0239 0.0026  59  TRP A CZ3 
411 C CH2 . TRP A 67  ? 0.8846 0.7736 0.7740 -0.1445 0.0079  0.0040  59  TRP A CH2 
412 N N   . TRP A 68  ? 0.5887 0.3907 0.3667 -0.0667 0.0123  -0.0515 60  TRP A N   
413 C CA  . TRP A 68  ? 0.7004 0.4636 0.4429 -0.0597 -0.0015 -0.0537 60  TRP A CA  
414 C C   . TRP A 68  ? 0.7170 0.4988 0.4968 -0.0819 -0.0247 -0.0506 60  TRP A C   
415 O O   . TRP A 68  ? 0.7211 0.5615 0.5581 -0.0888 -0.0150 -0.0474 60  TRP A O   
416 C CB  . TRP A 68  ? 0.6024 0.3820 0.3442 -0.0383 0.0214  -0.0517 60  TRP A CB  
417 C CG  . TRP A 68  ? 0.6649 0.4366 0.3780 -0.0135 0.0451  -0.0436 60  TRP A CG  
418 C CD1 . TRP A 68  ? 0.6121 0.4321 0.3648 -0.0109 0.0659  -0.0338 60  TRP A CD1 
419 C CD2 . TRP A 68  ? 0.7304 0.4400 0.3652 0.0161  0.0490  -0.0402 60  TRP A CD2 
420 N NE1 . TRP A 68  ? 0.6085 0.4148 0.3260 0.0170  0.0854  -0.0202 60  TRP A NE1 
421 C CE2 . TRP A 68  ? 0.7367 0.4739 0.3765 0.0384  0.0788  -0.0247 60  TRP A CE2 
422 C CE3 . TRP A 68  ? 0.8693 0.4947 0.4221 0.0289  0.0273  -0.0470 60  TRP A CE3 
423 C CZ2 . TRP A 68  ? 0.8235 0.5148 0.3902 0.0798  0.0954  -0.0137 60  TRP A CZ2 
424 C CZ3 . TRP A 68  ? 0.9152 0.4779 0.3799 0.0708  0.0396  -0.0412 60  TRP A CZ3 
425 C CH2 . TRP A 68  ? 0.8434 0.4437 0.3166 0.0991  0.0774  -0.0238 60  TRP A CH2 
426 N N   . ALA A 69  ? 0.7291 0.4562 0.4709 -0.0902 -0.0571 -0.0491 61  ALA A N   
427 C CA  . ALA A 69  ? 0.7015 0.4464 0.4824 -0.1139 -0.0854 -0.0384 61  ALA A CA  
428 C C   . ALA A 69  ? 0.6865 0.4028 0.4401 -0.1045 -0.0958 -0.0443 61  ALA A C   
429 O O   . ALA A 69  ? 0.7556 0.3972 0.4316 -0.0873 -0.1047 -0.0527 61  ALA A O   
430 C CB  . ALA A 69  ? 0.7166 0.4192 0.4837 -0.1408 -0.1281 -0.0247 61  ALA A CB  
431 N N   . TYR A 70  ? 0.6432 0.4140 0.4532 -0.1110 -0.0939 -0.0387 62  TYR A N   
432 C CA  . TYR A 70  ? 0.7078 0.4579 0.5005 -0.1052 -0.1060 -0.0426 62  TYR A CA  
433 C C   . TYR A 70  ? 0.6903 0.4770 0.5395 -0.1283 -0.1336 -0.0241 62  TYR A C   
434 O O   . TYR A 70  ? 0.7251 0.5757 0.6392 -0.1404 -0.1286 -0.0063 62  TYR A O   
435 C CB  . TYR A 70  ? 0.6750 0.4579 0.4789 -0.0840 -0.0720 -0.0520 62  TYR A CB  
436 C CG  . TYR A 70  ? 0.6875 0.4545 0.4562 -0.0629 -0.0439 -0.0583 62  TYR A CG  
437 C CD1 . TYR A 70  ? 0.7869 0.4940 0.4860 -0.0413 -0.0425 -0.0607 62  TYR A CD1 
438 C CD2 . TYR A 70  ? 0.5892 0.4020 0.3931 -0.0609 -0.0190 -0.0574 62  TYR A CD2 
439 C CE1 . TYR A 70  ? 0.8392 0.5464 0.5161 -0.0175 -0.0125 -0.0562 62  TYR A CE1 
440 C CE2 . TYR A 70  ? 0.6015 0.4099 0.3856 -0.0444 0.0035  -0.0551 62  TYR A CE2 
441 C CZ  . TYR A 70  ? 0.7879 0.5509 0.5148 -0.0223 0.0090  -0.0516 62  TYR A CZ  
442 O OH  . TYR A 70  ? 0.8246 0.5969 0.5413 -0.0018 0.0355  -0.0395 62  TYR A OH  
443 N N   . ASP A 71  ? 0.6306 0.6839 0.6363 -0.0743 -0.0775 0.1696  63  ASP A N   
444 C CA  . ASP A 71  ? 0.6783 0.8203 0.7526 -0.0813 -0.0978 0.1865  63  ASP A CA  
445 C C   . ASP A 71  ? 0.6195 0.8089 0.7606 -0.0420 -0.0742 0.2002  63  ASP A C   
446 O O   . ASP A 71  ? 0.5769 0.8348 0.7876 -0.0438 -0.0697 0.2142  63  ASP A O   
447 C CB  . ASP A 71  ? 0.7272 0.8913 0.7833 -0.0905 -0.1377 0.1976  63  ASP A CB  
448 C CG  . ASP A 71  ? 0.8633 0.9787 0.8468 -0.1392 -0.1591 0.1812  63  ASP A CG  
449 O OD1 . ASP A 71  ? 0.9983 1.0695 0.9167 -0.1401 -0.1759 0.1786  63  ASP A OD1 
450 O OD2 . ASP A 71  ? 0.8828 0.9963 0.8683 -0.1779 -0.1544 0.1704  63  ASP A OD2 
451 N N   . ASP A 72  ? 0.6161 0.7662 0.7365 -0.0083 -0.0543 0.1967  64  ASP A N   
452 C CA  . ASP A 72  ? 0.6355 0.8097 0.8043 0.0267  -0.0226 0.2058  64  ASP A CA  
453 C C   . ASP A 72  ? 0.5649 0.6737 0.6882 0.0489  -0.0001 0.1914  64  ASP A C   
454 O O   . ASP A 72  ? 0.5744 0.6305 0.6393 0.0407  -0.0113 0.1795  64  ASP A O   
455 C CB  . ASP A 72  ? 0.6696 0.9138 0.8985 0.0481  -0.0335 0.2384  64  ASP A CB  
456 C CG  . ASP A 72  ? 0.6995 0.9403 0.8938 0.0531  -0.0687 0.2510  64  ASP A CG  
457 O OD1 . ASP A 72  ? 0.7284 0.8964 0.8556 0.0575  -0.0675 0.2353  64  ASP A OD1 
458 O OD2 . ASP A 72  ? 0.7611 1.0779 0.9964 0.0524  -0.0977 0.2795  64  ASP A OD2 
459 N N   . TYR A 73  ? 0.5400 0.6493 0.6907 0.0757  0.0369  0.1931  65  TYR A N   
460 C CA  . TYR A 73  ? 0.6047 0.6544 0.7164 0.0893  0.0638  0.1754  65  TYR A CA  
461 C C   . TYR A 73  ? 0.6503 0.6663 0.7284 0.1063  0.0489  0.1836  65  TYR A C   
462 O O   . TYR A 73  ? 0.6587 0.6208 0.6904 0.1043  0.0553  0.1669  65  TYR A O   
463 C CB  . TYR A 73  ? 0.5793 0.6256 0.7199 0.1089  0.1137  0.1728  65  TYR A CB  
464 C CG  . TYR A 73  ? 0.5769 0.6252 0.7166 0.0876  0.1378  0.1519  65  TYR A CG  
465 C CD1 . TYR A 73  ? 0.5801 0.5969 0.6726 0.0670  0.1428  0.1248  65  TYR A CD1 
466 C CD2 . TYR A 73  ? 0.5432 0.6300 0.7292 0.0887  0.1560  0.1623  65  TYR A CD2 
467 C CE1 . TYR A 73  ? 0.5377 0.5634 0.6217 0.0464  0.1610  0.1082  65  TYR A CE1 
468 C CE2 . TYR A 73  ? 0.5440 0.6270 0.7183 0.0690  0.1794  0.1433  65  TYR A CE2 
469 C CZ  . TYR A 73  ? 0.5700 0.6232 0.6893 0.0471  0.1797  0.1159  65  TYR A CZ  
470 O OH  . TYR A 73  ? 0.5940 0.6505 0.6948 0.0267  0.1992  0.0996  65  TYR A OH  
471 N N   . SER A 74  ? 0.6489 0.7000 0.7494 0.1233  0.0289  0.2117  66  SER A N   
472 C CA  . SER A 74  ? 0.6966 0.7098 0.7557 0.1423  0.0188  0.2205  66  SER A CA  
473 C C   . SER A 74  ? 0.6915 0.6737 0.6894 0.1145  -0.0195 0.2106  66  SER A C   
474 O O   . SER A 74  ? 0.7597 0.6787 0.7040 0.1223  -0.0147 0.2030  66  SER A O   
475 C CB  . SER A 74  ? 0.7396 0.8038 0.8372 0.1752  0.0120  0.2597  66  SER A CB  
476 O OG  . SER A 74  ? 0.8217 0.9512 0.9304 0.1549  -0.0391 0.2786  66  SER A OG  
477 N N   . HIS A 75  ? 0.6483 0.6647 0.6494 0.0809  -0.0509 0.2100  67  HIS A N   
478 C CA  . HIS A 75  ? 0.6940 0.6591 0.6270 0.0511  -0.0723 0.1955  67  HIS A CA  
479 C C   . HIS A 75  ? 0.7349 0.6376 0.6368 0.0501  -0.0435 0.1739  67  HIS A C   
480 O O   . HIS A 75  ? 0.7788 0.6164 0.6211 0.0486  -0.0422 0.1672  67  HIS A O   
481 C CB  . HIS A 75  ? 0.7491 0.7526 0.6898 0.0097  -0.1006 0.1945  67  HIS A CB  
482 C CG  . HIS A 75  ? 0.8675 0.9211 0.8076 -0.0049 -0.1423 0.2125  67  HIS A CG  
483 N ND1 . HIS A 75  ? 0.8834 1.0344 0.8989 0.0075  -0.1556 0.2399  67  HIS A ND1 
484 C CD2 . HIS A 75  ? 0.9643 0.9892 0.8358 -0.0327 -0.1737 0.2092  67  HIS A CD2 
485 C CE1 . HIS A 75  ? 0.9367 1.1306 0.9355 -0.0124 -0.1993 0.2550  67  HIS A CE1 
486 N NE2 . HIS A 75  ? 0.9904 1.1051 0.8959 -0.0402 -0.2117 0.2338  67  HIS A NE2 
487 N N   . ARG A 76  ? 0.6034 0.5290 0.5444 0.0512  -0.0190 0.1655  68  ARG A N   
488 C CA  . ARG A 76  ? 0.6667 0.5542 0.5847 0.0506  0.0046  0.1502  68  ARG A CA  
489 C C   . ARG A 76  ? 0.7030 0.5476 0.6001 0.0734  0.0235  0.1461  68  ARG A C   
490 O O   . ARG A 76  ? 0.7224 0.5208 0.5808 0.0732  0.0298  0.1415  68  ARG A O   
491 C CB  . ARG A 76  ? 0.5834 0.5104 0.5405 0.0451  0.0250  0.1421  68  ARG A CB  
492 C CG  . ARG A 76  ? 0.6185 0.5259 0.5550 0.0428  0.0441  0.1301  68  ARG A CG  
493 C CD  . ARG A 76  ? 0.6426 0.5885 0.6059 0.0353  0.0647  0.1195  68  ARG A CD  
494 N NE  . ARG A 76  ? 0.5152 0.4579 0.4585 0.0295  0.0766  0.1109  68  ARG A NE  
495 C CZ  . ARG A 76  ? 0.6196 0.5550 0.5612 0.0312  0.0960  0.0967  68  ARG A CZ  
496 N NH1 . ARG A 76  ? 0.5546 0.4719 0.5085 0.0425  0.1126  0.0899  68  ARG A NH1 
497 N NH2 . ARG A 76  ? 0.6118 0.5610 0.5413 0.0208  0.1015  0.0916  68  ARG A NH2 
498 N N   . ALA A 77  ? 0.6966 0.5527 0.6206 0.0953  0.0386  0.1505  69  ALA A N   
499 C CA  . ALA A 77  ? 0.7100 0.5194 0.6150 0.1150  0.0642  0.1450  69  ALA A CA  
500 C C   . ALA A 77  ? 0.7657 0.5237 0.6183 0.1234  0.0484  0.1539  69  ALA A C   
501 O O   . ALA A 77  ? 0.8163 0.5252 0.6393 0.1277  0.0651  0.1461  69  ALA A O   
502 C CB  . ALA A 77  ? 0.6548 0.4745 0.5940 0.1395  0.0923  0.1511  69  ALA A CB  
503 N N   . ALA A 78  ? 0.7362 0.5073 0.5744 0.1216  0.0158  0.1699  70  ALA A N   
504 C CA  . ALA A 78  ? 0.7698 0.4866 0.5439 0.1255  0.0006  0.1770  70  ALA A CA  
505 C C   . ALA A 78  ? 0.8578 0.5228 0.5818 0.1029  -0.0010 0.1653  70  ALA A C   
506 O O   . ALA A 78  ? 0.9552 0.5522 0.6285 0.1122  0.0120  0.1644  70  ALA A O   
507 C CB  . ALA A 78  ? 0.7634 0.5197 0.5310 0.1216  -0.0380 0.1968  70  ALA A CB  
508 N N   . GLN A 79  ? 0.8358 0.5266 0.5727 0.0765  -0.0104 0.1594  71  GLN A N   
509 C CA  . GLN A 79  ? 0.7918 0.4275 0.4817 0.0608  -0.0021 0.1541  71  GLN A CA  
510 C C   . GLN A 79  ? 0.7213 0.3400 0.4236 0.0761  0.0309  0.1512  71  GLN A C   
511 O O   . GLN A 79  ? 0.7831 0.3431 0.4439 0.0787  0.0473  0.1550  71  GLN A O   
512 C CB  . GLN A 79  ? 0.7457 0.4087 0.4450 0.0307  -0.0143 0.1515  71  GLN A CB  
513 C CG  . GLN A 79  ? 0.7859 0.4661 0.4677 0.0042  -0.0485 0.1531  71  GLN A CG  
514 C CD  . GLN A 79  ? 0.8946 0.6253 0.6134 -0.0242 -0.0572 0.1503  71  GLN A CD  
515 O OE1 . GLN A 79  ? 0.9039 0.7119 0.6836 -0.0251 -0.0723 0.1561  71  GLN A OE1 
516 N NE2 . GLN A 79  ? 0.8690 0.5522 0.5523 -0.0445 -0.0416 0.1445  71  GLN A NE2 
517 N N   . ARG A 80  ? 0.8135 0.4834 0.5712 0.0842  0.0435  0.1456  72  ARG A N   
518 C CA  . ARG A 80  ? 0.8012 0.4718 0.5735 0.0905  0.0696  0.1420  72  ARG A CA  
519 C C   . ARG A 80  ? 0.7892 0.4084 0.5402 0.1097  0.0888  0.1422  72  ARG A C   
520 O O   . ARG A 80  ? 0.8522 0.4631 0.6043 0.1114  0.1057  0.1415  72  ARG A O   
521 C CB  . ARG A 80  ? 0.8146 0.5509 0.6398 0.0835  0.0782  0.1306  72  ARG A CB  
522 C CG  . ARG A 80  ? 0.8322 0.6203 0.6797 0.0657  0.0667  0.1310  72  ARG A CG  
523 C CD  . ARG A 80  ? 0.8828 0.6950 0.7332 0.0584  0.0750  0.1369  72  ARG A CD  
524 N NE  . ARG A 80  ? 0.9004 0.7443 0.7714 0.0561  0.0914  0.1282  72  ARG A NE  
525 C CZ  . ARG A 80  ? 0.9301 0.8040 0.8060 0.0539  0.0976  0.1396  72  ARG A CZ  
526 N NH1 . ARG A 80  ? 0.9516 0.8166 0.8121 0.0609  0.0955  0.1628  72  ARG A NH1 
527 N NH2 . ARG A 80  ? 0.8920 0.8067 0.7884 0.0438  0.1083  0.1301  72  ARG A NH2 
528 N N   . GLU A 81  ? 0.5938 0.7247 0.5054 -0.0627 0.1639  0.1564  73  GLU A N   
529 C CA  . GLU A 81  ? 0.6169 0.7300 0.5289 -0.0378 0.1829  0.1679  73  GLU A CA  
530 C C   . GLU A 81  ? 0.6509 0.7251 0.5018 -0.0224 0.1754  0.1741  73  GLU A C   
531 O O   . GLU A 81  ? 0.6666 0.7283 0.5122 -0.0049 0.1918  0.1793  73  GLU A O   
532 C CB  . GLU A 81  ? 0.5740 0.7007 0.5087 -0.0288 0.1882  0.1786  73  GLU A CB  
533 C CG  . GLU A 81  ? 0.6446 0.7580 0.5822 -0.0049 0.2073  0.1962  73  GLU A CG  
534 C CD  . GLU A 81  ? 0.8188 0.9400 0.7666 0.0047  0.2069  0.2111  73  GLU A CD  
535 O OE1 . GLU A 81  ? 0.8797 1.0227 0.8522 -0.0066 0.1972  0.2046  73  GLU A OE1 
536 O OE2 . GLU A 81  ? 0.8906 0.9994 0.8215 0.0247  0.2164  0.2305  73  GLU A OE2 
537 N N   . ARG A 82  ? 0.6463 0.7027 0.4514 -0.0278 0.1495  0.1734  74  ARG A N   
538 C CA  . ARG A 82  ? 0.7379 0.7533 0.4805 -0.0103 0.1385  0.1742  74  ARG A CA  
539 C C   . ARG A 82  ? 0.7159 0.7117 0.4437 -0.0102 0.1373  0.1644  74  ARG A C   
540 O O   . ARG A 82  ? 0.7517 0.7228 0.4454 0.0141  0.1439  0.1650  74  ARG A O   
541 C CB  . ARG A 82  ? 0.7527 0.7498 0.4527 -0.0190 0.1054  0.1735  74  ARG A CB  
542 N N   . LEU A 83  ? 0.6902 0.7016 0.4447 -0.0350 0.1305  0.1561  75  LEU A N   
543 C CA  . LEU A 83  ? 0.6972 0.6948 0.4461 -0.0363 0.1301  0.1486  75  LEU A CA  
544 C C   . LEU A 83  ? 0.6908 0.7027 0.4727 -0.0197 0.1621  0.1518  75  LEU A C   
545 O O   . LEU A 83  ? 0.7025 0.6947 0.4639 -0.0019 0.1680  0.1511  75  LEU A O   
546 C CB  . LEU A 83  ? 0.6608 0.6794 0.4327 -0.0684 0.1154  0.1426  75  LEU A CB  
547 C CG  . LEU A 83  ? 0.6528 0.6679 0.4318 -0.0736 0.1167  0.1367  75  LEU A CG  
548 C CD1 . LEU A 83  ? 0.7041 0.6691 0.4299 -0.0636 0.0950  0.1341  75  LEU A CD1 
549 C CD2 . LEU A 83  ? 0.6039 0.6545 0.4136 -0.1045 0.1082  0.1337  75  LEU A CD2 
550 N N   . ALA A 84  ? 0.6404 0.6869 0.4763 -0.0249 0.1814  0.1553  76  ALA A N   
551 C CA  . ALA A 84  ? 0.6029 0.6631 0.4773 -0.0126 0.2085  0.1610  76  ALA A CA  
552 C C   . ALA A 84  ? 0.6474 0.6913 0.4950 0.0178  0.2230  0.1754  76  ALA A C   
553 O O   . ALA A 84  ? 0.6936 0.7385 0.5483 0.0314  0.2386  0.1802  76  ALA A O   
554 C CB  . ALA A 84  ? 0.5587 0.6512 0.4936 -0.0216 0.2217  0.1620  76  ALA A CB  
555 N N   . ALA A 85  ? 0.7268 0.7596 0.5418 0.0296  0.2175  0.1831  77  ALA A N   
556 C CA  . ALA A 85  ? 0.6904 0.7150 0.4765 0.0602  0.2321  0.1985  77  ALA A CA  
557 C C   . ALA A 85  ? 0.7365 0.7297 0.4587 0.0800  0.2219  0.1904  77  ALA A C   
558 O O   . ALA A 85  ? 0.9516 0.9420 0.6441 0.1095  0.2351  0.2010  77  ALA A O   
559 C CB  . ALA A 85  ? 0.7072 0.7331 0.4790 0.0660  0.2278  0.2095  77  ALA A CB  
560 N N   . ASP A 86  ? 0.7554 0.7262 0.4564 0.0661  0.1983  0.1727  78  ASP A N   
561 C CA  . ASP A 86  ? 0.8866 0.8196 0.5256 0.0860  0.1827  0.1619  78  ASP A CA  
562 C C   . ASP A 86  ? 0.8824 0.8228 0.5313 0.1064  0.2045  0.1643  78  ASP A C   
563 O O   . ASP A 86  ? 0.7568 0.7132 0.4497 0.0898  0.2105  0.1626  78  ASP A O   
564 C CB  . ASP A 86  ? 0.9113 0.8156 0.5296 0.0617  0.1467  0.1457  78  ASP A CB  
565 C CG  . ASP A 86  ? 0.9782 0.8323 0.5283 0.0822  0.1223  0.1322  78  ASP A CG  
566 O OD1 . ASP A 86  ? 0.9929 0.8387 0.5254 0.1110  0.1355  0.1294  78  ASP A OD1 
567 O OD2 . ASP A 86  ? 1.0113 0.8342 0.5261 0.0705  0.0884  0.1240  78  ASP A OD2 
568 N N   . PRO A 87  ? 0.9076 0.8406 0.5163 0.1433  0.2162  0.1684  79  PRO A N   
569 C CA  . PRO A 87  ? 0.9050 0.8522 0.5261 0.1649  0.2381  0.1726  79  PRO A CA  
570 C C   . PRO A 87  ? 0.9304 0.8503 0.5400 0.1592  0.2179  0.1541  79  PRO A C   
571 O O   . PRO A 87  ? 0.9678 0.9084 0.6191 0.1550  0.2315  0.1577  79  PRO A O   
572 C CB  . PRO A 87  ? 0.8977 0.8427 0.4651 0.2084  0.2505  0.1783  79  PRO A CB  
573 C CG  . PRO A 87  ? 0.9168 0.8527 0.4544 0.2066  0.2394  0.1813  79  PRO A CG  
574 C CD  . PRO A 87  ? 0.8939 0.8075 0.4407 0.1686  0.2083  0.1679  79  PRO A CD  
575 N N   . GLN A 88  ? 0.9365 0.8093 0.4924 0.1579  0.1833  0.1354  80  GLN A N   
576 C CA  . GLN A 88  ? 0.9301 0.7730 0.4785 0.1479  0.1589  0.1204  80  GLN A CA  
577 C C   . GLN A 88  ? 0.8879 0.7574 0.4983 0.1083  0.1596  0.1253  80  GLN A C   
578 O O   . GLN A 88  ? 0.8718 0.7496 0.5075 0.1065  0.1644  0.1246  80  GLN A O   
579 C CB  . GLN A 88  ? 0.9860 0.7730 0.4759 0.1437  0.1162  0.1033  80  GLN A CB  
580 C CG  . GLN A 88  ? 1.0262 0.7800 0.4463 0.1862  0.1097  0.0918  80  GLN A CG  
581 C CD  . GLN A 88  ? 1.0540 0.8094 0.4610 0.2264  0.1282  0.0872  80  GLN A CD  
582 O OE1 . GLN A 88  ? 1.2383 0.9726 0.6490 0.2258  0.1147  0.0776  80  GLN A OE1 
583 N NE2 . GLN A 88  ? 1.0691 0.8541 0.4636 0.2617  0.1596  0.0962  80  GLN A NE2 
584 N N   . TRP A 89  ? 0.8883 0.7747 0.5237 0.0780  0.1549  0.1297  81  TRP A N   
585 C CA  . TRP A 89  ? 0.8344 0.7492 0.5234 0.0430  0.1545  0.1312  81  TRP A CA  
586 C C   . TRP A 89  ? 0.8059 0.7609 0.5502 0.0472  0.1868  0.1401  81  TRP A C   
587 O O   . TRP A 89  ? 0.6826 0.6511 0.4578 0.0315  0.1854  0.1374  81  TRP A O   
588 C CB  . TRP A 89  ? 0.8151 0.7470 0.5209 0.0159  0.1469  0.1336  81  TRP A CB  
589 C CG  . TRP A 89  ? 0.7597 0.7238 0.5134 -0.0182 0.1445  0.1321  81  TRP A CG  
590 C CD1 . TRP A 89  ? 0.6817 0.6880 0.4897 -0.0295 0.1651  0.1350  81  TRP A CD1 
591 C CD2 . TRP A 89  ? 0.6734 0.6310 0.4232 -0.0432 0.1191  0.1270  81  TRP A CD2 
592 N NE1 . TRP A 89  ? 0.6453 0.6740 0.4791 -0.0578 0.1550  0.1293  81  TRP A NE1 
593 C CE2 . TRP A 89  ? 0.6248 0.6272 0.4242 -0.0676 0.1279  0.1268  81  TRP A CE2 
594 C CE3 . TRP A 89  ? 0.7136 0.6309 0.4228 -0.0470 0.0879  0.1234  81  TRP A CE3 
595 C CZ2 . TRP A 89  ? 0.6451 0.6605 0.4527 -0.0955 0.1093  0.1251  81  TRP A CZ2 
596 C CZ3 . TRP A 89  ? 0.7014 0.6277 0.4233 -0.0772 0.0680  0.1248  81  TRP A CZ3 
597 C CH2 . TRP A 89  ? 0.6658 0.6445 0.4357 -0.1012 0.0800  0.1267  81  TRP A CH2 
598 N N   . GLN A 90  ? 0.8493 0.8249 0.6080 0.0669  0.2143  0.1527  82  GLN A N   
599 C CA  . GLN A 90  ? 0.8487 0.8617 0.6649 0.0690  0.2421  0.1642  82  GLN A CA  
600 C C   . GLN A 90  ? 0.8244 0.8346 0.6358 0.0879  0.2474  0.1637  82  GLN A C   
601 O O   . GLN A 90  ? 0.7967 0.8336 0.6573 0.0787  0.2585  0.1679  82  GLN A O   
602 C CB  . GLN A 90  ? 0.8643 0.8994 0.6977 0.0857  0.2682  0.1832  82  GLN A CB  
603 C CG  . GLN A 90  ? 0.8813 0.9217 0.7269 0.0693  0.2644  0.1854  82  GLN A CG  
604 C CD  . GLN A 90  ? 0.9167 0.9723 0.7684 0.0894  0.2864  0.2071  82  GLN A CD  
605 O OE1 . GLN A 90  ? 0.9633 1.0327 0.8211 0.1116  0.3043  0.2205  82  GLN A OE1 
606 N NE2 . GLN A 90  ? 0.8406 0.8968 0.6941 0.0812  0.2815  0.2106  82  GLN A NE2 
607 N N   . ALA A 91  ? 0.8075 0.7858 0.5608 0.1154  0.2379  0.1572  83  ALA A N   
608 C CA  . ALA A 91  ? 0.8651 0.8391 0.6122 0.1364  0.2405  0.1546  83  ALA A CA  
609 C C   . ALA A 91  ? 0.8367 0.7912 0.5867 0.1136  0.2137  0.1415  83  ALA A C   
610 O O   . ALA A 91  ? 0.7973 0.7570 0.5604 0.1240  0.2168  0.1417  83  ALA A O   
611 C CB  . ALA A 91  ? 0.9429 0.8880 0.6242 0.1784  0.2383  0.1485  83  ALA A CB  
612 N N   . PHE A 92  ? 0.8342 0.7712 0.5753 0.0827  0.1880  0.1333  84  PHE A N   
613 C CA  . PHE A 92  ? 0.8541 0.7740 0.5941 0.0596  0.1603  0.1252  84  PHE A CA  
614 C C   . PHE A 92  ? 0.8280 0.7892 0.6269 0.0280  0.1667  0.1292  84  PHE A C   
615 O O   . PHE A 92  ? 0.8397 0.8036 0.6526 0.0218  0.1586  0.1283  84  PHE A O   
616 C CB  . PHE A 92  ? 0.9019 0.7856 0.6020 0.0410  0.1266  0.1177  84  PHE A CB  
617 C CG  . PHE A 92  ? 0.8271 0.7117 0.5418 0.0050  0.1016  0.1171  84  PHE A CG  
618 C CD1 . PHE A 92  ? 0.8103 0.6690 0.5131 0.0070  0.0813  0.1146  84  PHE A CD1 
619 C CD2 . PHE A 92  ? 0.7796 0.6947 0.5208 -0.0295 0.0984  0.1204  84  PHE A CD2 
620 C CE1 . PHE A 92  ? 0.8644 0.7283 0.5811 -0.0272 0.0582  0.1185  84  PHE A CE1 
621 C CE2 . PHE A 92  ? 0.6950 0.6200 0.4487 -0.0617 0.0775  0.1226  84  PHE A CE2 
622 C CZ  . PHE A 92  ? 0.8083 0.7084 0.5498 -0.0621 0.0573  0.1233  84  PHE A CZ  
623 N N   . THR A 93  ? 0.7587 0.7511 0.5909 0.0091  0.1788  0.1322  85  THR A N   
624 C CA  . THR A 93  ? 0.6892 0.7185 0.5709 -0.0203 0.1807  0.1308  85  THR A CA  
625 C C   . THR A 93  ? 0.6584 0.7118 0.5805 -0.0152 0.1946  0.1345  85  THR A C   
626 O O   . THR A 93  ? 0.6212 0.6906 0.5635 -0.0372 0.1835  0.1303  85  THR A O   
627 C CB  . THR A 93  ? 0.6029 0.6600 0.5157 -0.0326 0.1942  0.1313  85  THR A CB  
628 O OG1 . THR A 93  ? 0.6466 0.7097 0.5726 -0.0090 0.2195  0.1414  85  THR A OG1 
629 C CG2 . THR A 93  ? 0.5792 0.6214 0.4598 -0.0451 0.1760  0.1276  85  THR A CG2 
630 N N   . PRO A 94  ? 0.6490 0.7106 0.5852 0.0115  0.2178  0.1440  86  PRO A N   
631 C CA  . PRO A 94  ? 0.6472 0.7336 0.6237 0.0146  0.2275  0.1493  86  PRO A CA  
632 C C   . PRO A 94  ? 0.6837 0.7518 0.6392 0.0145  0.2061  0.1443  86  PRO A C   
633 O O   . PRO A 94  ? 0.7175 0.8091 0.7089 0.0065  0.2066  0.1464  86  PRO A O   
634 C CB  . PRO A 94  ? 0.6221 0.7179 0.6050 0.0480  0.2542  0.1640  86  PRO A CB  
635 C CG  . PRO A 94  ? 0.6153 0.7054 0.5833 0.0523  0.2631  0.1675  86  PRO A CG  
636 C CD  . PRO A 94  ? 0.6360 0.6920 0.5558 0.0396  0.2369  0.1533  86  PRO A CD  
637 N N   . ARG A 95  ? 0.5758 0.7089 0.7121 0.1559  0.2076  0.0537  87  ARG A N   
638 C CA  . ARG A 95  ? 0.6144 0.7352 0.7591 0.1653  0.1882  0.0392  87  ARG A CA  
639 C C   . ARG A 95  ? 0.6203 0.7246 0.7656 0.1526  0.1594  0.0415  87  ARG A C   
640 O O   . ARG A 95  ? 0.5675 0.6748 0.7393 0.1574  0.1442  0.0375  87  ARG A O   
641 C CB  . ARG A 95  ? 0.6286 0.7291 0.7345 0.1803  0.1876  0.0246  87  ARG A CB  
642 C CG  . ARG A 95  ? 0.7122 0.8367 0.8320 0.1990  0.2126  0.0157  87  ARG A CG  
643 C CD  . ARG A 95  ? 0.8084 0.9165 0.8996 0.2170  0.2113  -0.0067 87  ARG A CD  
644 N NE  . ARG A 95  ? 0.8294 0.9095 0.9347 0.2238  0.1873  -0.0197 87  ARG A NE  
645 C CZ  . ARG A 95  ? 0.7674 0.8551 0.9199 0.2328  0.1814  -0.0215 87  ARG A CZ  
646 N NH1 . ARG A 95  ? 0.6962 0.7550 0.8577 0.2404  0.1595  -0.0295 87  ARG A NH1 
647 N NH2 . ARG A 95  ? 0.7914 0.9159 0.9860 0.2342  0.1964  -0.0140 87  ARG A NH2 
648 N N   . ILE A 96  ? 0.6491 0.7403 0.7669 0.1374  0.1517  0.0490  88  ILE A N   
649 C CA  . ILE A 96  ? 0.6100 0.6914 0.7272 0.1257  0.1268  0.0513  88  ILE A CA  
650 C C   . ILE A 96  ? 0.5868 0.6943 0.7411 0.1131  0.1263  0.0552  88  ILE A C   
651 O O   . ILE A 96  ? 0.5403 0.6542 0.7065 0.1082  0.1068  0.0538  88  ILE A O   
652 C CB  . ILE A 96  ? 0.5231 0.5776 0.5943 0.1160  0.1161  0.0541  88  ILE A CB  
653 C CG1 . ILE A 96  ? 0.4859 0.5448 0.5392 0.1101  0.1328  0.0603  88  ILE A CG1 
654 C CG2 . ILE A 96  ? 0.5172 0.5438 0.5625 0.1262  0.1075  0.0457  88  ILE A CG2 
655 C CD1 . ILE A 96  ? 0.5304 0.5728 0.5525 0.0968  0.1202  0.0643  88  ILE A CD1 
656 N N   . VAL A 97  ? 0.5801 0.7046 0.7550 0.1082  0.1474  0.0600  89  VAL A N   
657 C CA  . VAL A 97  ? 0.5534 0.6997 0.7694 0.0945  0.1480  0.0603  89  VAL A CA  
658 C C   . VAL A 97  ? 0.5230 0.6936 0.7810 0.0955  0.1330  0.0499  89  VAL A C   
659 O O   . VAL A 97  ? 0.4827 0.6645 0.7527 0.0840  0.1176  0.0442  89  VAL A O   
660 C CB  . VAL A 97  ? 0.5402 0.7007 0.7851 0.0922  0.1768  0.0692  89  VAL A CB  
661 C CG1 . VAL A 97  ? 0.4071 0.5972 0.7191 0.0839  0.1801  0.0631  89  VAL A CG1 
662 C CG2 . VAL A 97  ? 0.4976 0.6421 0.7144 0.0831  0.1828  0.0808  89  VAL A CG2 
663 N N   . PRO A 98  ? 0.4747 0.6578 0.7559 0.1098  0.1355  0.0456  90  PRO A N   
664 C CA  . PRO A 98  ? 0.4409 0.6518 0.7630 0.1120  0.1181  0.0364  90  PRO A CA  
665 C C   . PRO A 98  ? 0.4809 0.6839 0.7754 0.1116  0.0877  0.0363  90  PRO A C   
666 O O   . PRO A 98  ? 0.4746 0.7062 0.7973 0.1105  0.0705  0.0296  90  PRO A O   
667 C CB  . PRO A 98  ? 0.4318 0.6534 0.7789 0.1306  0.1281  0.0337  90  PRO A CB  
668 C CG  . PRO A 98  ? 0.5344 0.7296 0.8421 0.1391  0.1469  0.0392  90  PRO A CG  
669 C CD  . PRO A 98  ? 0.5352 0.7176 0.8168 0.1246  0.1578  0.0476  90  PRO A CD  
670 N N   . TYR A 99  ? 0.5452 0.7134 0.7873 0.1125  0.0806  0.0443  91  TYR A N   
671 C CA  . TYR A 99  ? 0.5260 0.6863 0.7419 0.1105  0.0548  0.0495  91  TYR A CA  
672 C C   . TYR A 99  ? 0.5185 0.6849 0.7181 0.0921  0.0475  0.0490  91  TYR A C   
673 O O   . TYR A 99  ? 0.5108 0.6864 0.6976 0.0894  0.0270  0.0521  91  TYR A O   
674 C CB  . TYR A 99  ? 0.5127 0.6322 0.6876 0.1182  0.0511  0.0578  91  TYR A CB  
675 C CG  . TYR A 99  ? 0.5875 0.6985 0.7779 0.1383  0.0554  0.0552  91  TYR A CG  
676 C CD1 . TYR A 99  ? 0.6547 0.7670 0.8593 0.1514  0.0370  0.0603  91  TYR A CD1 
677 C CD2 . TYR A 99  ? 0.6590 0.7634 0.8508 0.1458  0.0783  0.0479  91  TYR A CD2 
678 C CE1 . TYR A 99  ? 0.7305 0.8348 0.9551 0.1714  0.0412  0.0558  91  TYR A CE1 
679 C CE2 . TYR A 99  ? 0.7104 0.8103 0.9181 0.1655  0.0837  0.0415  91  TYR A CE2 
680 C CZ  . TYR A 99  ? 0.7584 0.8568 0.9849 0.1783  0.0650  0.0443  91  TYR A CZ  
681 O OH  . TYR A 99  ? 0.8628 0.9560 1.1102 0.1993  0.0708  0.0360  91  TYR A OH  
682 N N   . LEU A 100 ? 0.4675 0.6307 0.6680 0.0811  0.0644  0.0461  92  LEU A N   
683 C CA  . LEU A 100 ? 0.4653 0.6286 0.6491 0.0654  0.0603  0.0447  92  LEU A CA  
684 C C   . LEU A 100 ? 0.5186 0.7201 0.7402 0.0574  0.0518  0.0302  92  LEU A C   
685 O O   . LEU A 100 ? 0.5616 0.7798 0.8274 0.0529  0.0651  0.0207  92  LEU A O   
686 C CB  . LEU A 100 ? 0.4374 0.5843 0.6149 0.0591  0.0812  0.0481  92  LEU A CB  
687 C CG  . LEU A 100 ? 0.4437 0.5579 0.5798 0.0661  0.0883  0.0581  92  LEU A CG  
688 C CD1 . LEU A 100 ? 0.4834 0.5887 0.6101 0.0596  0.1046  0.0634  92  LEU A CD1 
689 C CD2 . LEU A 100 ? 0.4181 0.5139 0.5160 0.0647  0.0690  0.0624  92  LEU A CD2 
690 N N   . GLU A 101 ? 0.5399 0.7573 0.7457 0.0551  0.0303  0.0280  93  GLU A N   
691 C CA  . GLU A 101 ? 0.4568 0.7150 0.6939 0.0471  0.0207  0.0089  93  GLU A CA  
692 C C   . GLU A 101 ? 0.3893 0.6464 0.6240 0.0319  0.0276  -0.0008 93  GLU A C   
693 O O   . GLU A 101 ? 0.4297 0.7116 0.7080 0.0239  0.0308  -0.0210 93  GLU A O   
694 C CB  . GLU A 101 ? 0.5226 0.8065 0.7415 0.0523  -0.0050 0.0104  93  GLU A CB  
695 C CG  . GLU A 101 ? 0.6761 1.0013 0.9384 0.0598  -0.0166 -0.0027 93  GLU A CG  
696 C CD  . GLU A 101 ? 0.8813 1.2327 1.1194 0.0680  -0.0429 0.0047  93  GLU A CD  
697 O OE1 . GLU A 101 ? 0.9505 1.3194 1.2086 0.0823  -0.0542 0.0088  93  GLU A OE1 
698 O OE2 . GLU A 101 ? 0.9427 1.2990 1.1420 0.0610  -0.0515 0.0083  93  GLU A OE2 
699 N N   . HIS A 102 ? 0.3673 0.5959 0.5579 0.0279  0.0305  0.0116  94  HIS A N   
700 C CA  . HIS A 102 ? 0.3585 0.5910 0.5440 0.0152  0.0328  0.0022  94  HIS A CA  
701 C C   . HIS A 102 ? 0.4015 0.5973 0.5443 0.0136  0.0397  0.0199  94  HIS A C   
702 O O   . HIS A 102 ? 0.4402 0.6168 0.5475 0.0194  0.0331  0.0356  94  HIS A O   
703 C CB  . HIS A 102 ? 0.4576 0.7268 0.6323 0.0113  0.0130  -0.0106 94  HIS A CB  
704 C CG  . HIS A 102 ? 0.5667 0.8456 0.7360 -0.0003 0.0148  -0.0243 94  HIS A CG  
705 N ND1 . HIS A 102 ? 0.5946 0.9061 0.8044 -0.0073 0.0138  -0.0539 94  HIS A ND1 
706 C CD2 . HIS A 102 ? 0.5759 0.8393 0.7079 -0.0058 0.0167  -0.0148 94  HIS A CD2 
707 C CE1 . HIS A 102 ? 0.5665 0.8807 0.7631 -0.0153 0.0161  -0.0623 94  HIS A CE1 
708 N NE2 . HIS A 102 ? 0.5548 0.8415 0.7043 -0.0147 0.0181  -0.0379 94  HIS A NE2 
709 N N   . GLN A 103 ? 0.3738 0.5595 0.5246 0.0063  0.0526  0.0170  95  GLN A N   
710 C CA  . GLN A 103 ? 0.4237 0.5794 0.5390 0.0050  0.0587  0.0317  95  GLN A CA  
711 C C   . GLN A 103 ? 0.4588 0.6230 0.5715 -0.0055 0.0580  0.0233  95  GLN A C   
712 O O   . GLN A 103 ? 0.4896 0.6719 0.6402 -0.0105 0.0625  0.0066  95  GLN A O   
713 C CB  . GLN A 103 ? 0.3565 0.4912 0.4821 0.0106  0.0769  0.0417  95  GLN A CB  
714 C CG  . GLN A 103 ? 0.4609 0.5851 0.5798 0.0225  0.0792  0.0500  95  GLN A CG  
715 C CD  . GLN A 103 ? 0.5396 0.6502 0.6649 0.0289  0.0995  0.0600  95  GLN A CD  
716 O OE1 . GLN A 103 ? 0.4997 0.6225 0.6664 0.0298  0.1134  0.0587  95  GLN A OE1 
717 N NE2 . GLN A 103 ? 0.5476 0.6360 0.6334 0.0330  0.1015  0.0701  95  GLN A NE2 
718 N N   . GLU A 104 ? 0.3850 0.5365 0.4583 -0.0087 0.0527  0.0331  96  GLU A N   
719 C CA  . GLU A 104 ? 0.4023 0.5621 0.4751 -0.0174 0.0544  0.0257  96  GLU A CA  
720 C C   . GLU A 104 ? 0.4369 0.5730 0.4770 -0.0192 0.0558  0.0406  96  GLU A C   
721 O O   . GLU A 104 ? 0.4729 0.5878 0.4862 -0.0151 0.0523  0.0540  96  GLU A O   
722 C CB  . GLU A 104 ? 0.4565 0.6495 0.5237 -0.0236 0.0428  0.0123  96  GLU A CB  
723 C CG  . GLU A 104 ? 0.6579 0.8508 0.6854 -0.0233 0.0307  0.0271  96  GLU A CG  
724 C CD  . GLU A 104 ? 0.8306 1.0643 0.8555 -0.0252 0.0193  0.0157  96  GLU A CD  
725 O OE1 . GLU A 104 ? 0.9129 1.1548 0.9042 -0.0275 0.0110  0.0292  96  GLU A OE1 
726 O OE2 . GLU A 104 ? 0.8566 1.1159 0.9151 -0.0246 0.0191  -0.0068 96  GLU A OE2 
727 N N   . SER A 105 ? 0.3838 0.5254 0.4313 -0.0249 0.0602  0.0351  97  SER A N   
728 C CA  . SER A 105 ? 0.3622 0.4857 0.3902 -0.0256 0.0627  0.0465  97  SER A CA  
729 C C   . SER A 105 ? 0.4515 0.5928 0.4836 -0.0337 0.0619  0.0377  97  SER A C   
730 O O   . SER A 105 ? 0.4405 0.5996 0.5053 -0.0353 0.0670  0.0220  97  SER A O   
731 C CB  . SER A 105 ? 0.4095 0.5169 0.4536 -0.0177 0.0748  0.0543  97  SER A CB  
732 O OG  . SER A 105 ? 0.5121 0.6110 0.5420 -0.0179 0.0753  0.0625  97  SER A OG  
733 N N   . VAL A 106 ? 0.3634 0.5004 0.3669 -0.0390 0.0560  0.0461  98  VAL A N   
734 C CA  A VAL A 106 ? 0.3469 0.5021 0.3528 -0.0467 0.0564  0.0398  98  VAL A CA  
735 C CA  B VAL A 106 ? 0.3473 0.5025 0.3521 -0.0469 0.0560  0.0400  98  VAL A CA  
736 C C   . VAL A 106 ? 0.4107 0.5492 0.4036 -0.0469 0.0555  0.0513  98  VAL A C   
737 O O   . VAL A 106 ? 0.3621 0.4796 0.3313 -0.0458 0.0503  0.0628  98  VAL A O   
738 C CB  A VAL A 106 ? 0.3544 0.5331 0.3416 -0.0555 0.0499  0.0377  98  VAL A CB  
739 C CB  B VAL A 106 ? 0.3559 0.5317 0.3394 -0.0556 0.0491  0.0400  98  VAL A CB  
740 C CG1 A VAL A 106 ? 0.3699 0.5297 0.3263 -0.0575 0.0421  0.0563  98  VAL A CG1 
741 C CG1 B VAL A 106 ? 0.3685 0.5702 0.3572 -0.0635 0.0523  0.0316  98  VAL A CG1 
742 C CG2 A VAL A 106 ? 0.3607 0.5623 0.3517 -0.0634 0.0529  0.0308  98  VAL A CG2 
743 C CG2 B VAL A 106 ? 0.3574 0.5528 0.3463 -0.0534 0.0460  0.0304  98  VAL A CG2 
744 N N   . PHE A 107 ? 0.3862 0.5358 0.3983 -0.0474 0.0599  0.0460  99  PHE A N   
745 C CA  . PHE A 107 ? 0.3482 0.4897 0.3526 -0.0467 0.0574  0.0549  99  PHE A CA  
746 C C   . PHE A 107 ? 0.3826 0.5426 0.3800 -0.0583 0.0531  0.0523  99  PHE A C   
747 O O   . PHE A 107 ? 0.4002 0.5864 0.4112 -0.0635 0.0571  0.0406  99  PHE A O   
748 C CB  . PHE A 107 ? 0.3725 0.5150 0.4063 -0.0374 0.0644  0.0551  99  PHE A CB  
749 C CG  . PHE A 107 ? 0.4334 0.5563 0.4708 -0.0259 0.0701  0.0657  99  PHE A CG  
750 C CD1 . PHE A 107 ? 0.5260 0.6319 0.5340 -0.0202 0.0661  0.0786  99  PHE A CD1 
751 C CD2 . PHE A 107 ? 0.5163 0.6400 0.5888 -0.0212 0.0803  0.0615  99  PHE A CD2 
752 C CE1 . PHE A 107 ? 0.5264 0.6195 0.5355 -0.0089 0.0739  0.0896  99  PHE A CE1 
753 C CE2 . PHE A 107 ? 0.5436 0.6516 0.6224 -0.0115 0.0884  0.0746  99  PHE A CE2 
754 C CZ  . PHE A 107 ? 0.5412 0.6354 0.5858 -0.0049 0.0860  0.0898  99  PHE A CZ  
755 N N   . LEU A 108 ? 0.4125 0.5612 0.3906 -0.0625 0.0457  0.0615  100 LEU A N   
756 C CA  . LEU A 108 ? 0.3655 0.5297 0.3390 -0.0759 0.0424  0.0623  100 LEU A CA  
757 C C   . LEU A 108 ? 0.3681 0.5341 0.3479 -0.0764 0.0372  0.0637  100 LEU A C   
758 O O   . LEU A 108 ? 0.3939 0.5410 0.3635 -0.0691 0.0311  0.0680  100 LEU A O   
759 C CB  . LEU A 108 ? 0.3916 0.5410 0.3418 -0.0841 0.0367  0.0722  100 LEU A CB  
760 C CG  . LEU A 108 ? 0.4001 0.5512 0.3420 -0.0824 0.0387  0.0736  100 LEU A CG  
761 C CD1 . LEU A 108 ? 0.4144 0.5450 0.3367 -0.0878 0.0320  0.0880  100 LEU A CD1 
762 C CD2 . LEU A 108 ? 0.3767 0.5651 0.3271 -0.0875 0.0451  0.0651  100 LEU A CD2 
763 N N   . VAL A 109 ? 0.3634 0.5566 0.3605 -0.0837 0.0396  0.0585  101 VAL A N   
764 C CA  . VAL A 109 ? 0.4500 0.6511 0.4573 -0.0851 0.0329  0.0588  101 VAL A CA  
765 C C   . VAL A 109 ? 0.3745 0.5908 0.3832 -0.1031 0.0314  0.0606  101 VAL A C   
766 O O   . VAL A 109 ? 0.4366 0.6735 0.4485 -0.1118 0.0401  0.0596  101 VAL A O   
767 C CB  . VAL A 109 ? 0.4034 0.6246 0.4407 -0.0747 0.0374  0.0524  101 VAL A CB  
768 C CG1 . VAL A 109 ? 0.3523 0.5551 0.3919 -0.0582 0.0403  0.0560  101 VAL A CG1 
769 C CG2 . VAL A 109 ? 0.3837 0.6343 0.4423 -0.0799 0.0481  0.0410  101 VAL A CG2 
770 N N   . PRO A 110 ? 0.3868 0.5952 0.3935 -0.1094 0.0208  0.0631  102 PRO A N   
771 C CA  . PRO A 110 ? 0.4580 0.6748 0.4705 -0.1289 0.0201  0.0677  102 PRO A CA  
772 C C   . PRO A 110 ? 0.4398 0.6979 0.4788 -0.1374 0.0287  0.0638  102 PRO A C   
773 O O   . PRO A 110 ? 0.4418 0.7211 0.5014 -0.1286 0.0291  0.0549  102 PRO A O   
774 C CB  . PRO A 110 ? 0.4140 0.6148 0.4268 -0.1315 0.0050  0.0646  102 PRO A CB  
775 C CG  . PRO A 110 ? 0.4065 0.6089 0.4176 -0.1122 -0.0010 0.0581  102 PRO A CG  
776 C CD  . PRO A 110 ? 0.4157 0.6069 0.4142 -0.0991 0.0090  0.0617  102 PRO A CD  
777 N N   . ALA A 111 ? 0.4010 0.6719 0.4407 -0.1539 0.0364  0.0726  103 ALA A N   
778 C CA  . ALA A 111 ? 0.4005 0.7125 0.4658 -0.1661 0.0454  0.0712  103 ALA A CA  
779 C C   . ALA A 111 ? 0.4238 0.7385 0.5133 -0.1768 0.0350  0.0698  103 ALA A C   
780 O O   . ALA A 111 ? 0.4197 0.7034 0.5024 -0.1772 0.0209  0.0699  103 ALA A O   
781 C CB  . ALA A 111 ? 0.4523 0.7784 0.5069 -0.1801 0.0583  0.0857  103 ALA A CB  
782 N N   . ALA A 112 ? 0.4352 0.7911 0.5559 -0.1858 0.0421  0.0660  104 ALA A N   
783 C CA  . ALA A 112 ? 0.4982 0.8645 0.6496 -0.1957 0.0312  0.0612  104 ALA A CA  
784 C C   . ALA A 112 ? 0.5500 0.8877 0.7004 -0.2141 0.0241  0.0713  104 ALA A C   
785 O O   . ALA A 112 ? 0.6158 0.9385 0.7760 -0.2154 0.0068  0.0622  104 ALA A O   
786 C CB  . ALA A 112 ? 0.4068 0.8257 0.5957 -0.2047 0.0432  0.0572  104 ALA A CB  
787 N N   . PHE A 113 ? 0.5240 0.8540 0.6637 -0.2270 0.0366  0.0898  105 PHE A N   
788 C CA  . PHE A 113 ? 0.5314 0.8323 0.6781 -0.2452 0.0326  0.1032  105 PHE A CA  
789 C C   . PHE A 113 ? 0.5596 0.8090 0.6727 -0.2358 0.0244  0.1082  105 PHE A C   
790 O O   . PHE A 113 ? 0.5625 0.7842 0.6787 -0.2485 0.0245  0.1236  105 PHE A O   
791 C CB  . PHE A 113 ? 0.4949 0.8192 0.6535 -0.2648 0.0523  0.1268  105 PHE A CB  
792 C CG  . PHE A 113 ? 0.4888 0.8305 0.6146 -0.2553 0.0681  0.1375  105 PHE A CG  
793 C CD1 . PHE A 113 ? 0.5270 0.8381 0.6199 -0.2513 0.0690  0.1548  105 PHE A CD1 
794 C CD2 . PHE A 113 ? 0.4708 0.8617 0.6009 -0.2489 0.0808  0.1270  105 PHE A CD2 
795 C CE1 . PHE A 113 ? 0.5543 0.8870 0.6171 -0.2419 0.0809  0.1614  105 PHE A CE1 
796 C CE2 . PHE A 113 ? 0.4685 0.8789 0.5693 -0.2399 0.0938  0.1307  105 PHE A CE2 
797 C CZ  . PHE A 113 ? 0.4828 0.8656 0.5486 -0.2366 0.0931  0.1477  105 PHE A CZ  
798 N N   . CYS A 114 ? 0.5714 0.8080 0.6568 -0.2137 0.0183  0.0968  106 CYS A N   
799 C CA  . CYS A 114 ? 0.5948 0.7863 0.6519 -0.2038 0.0111  0.0994  106 CYS A CA  
800 C C   . CYS A 114 ? 0.7089 0.8696 0.7779 -0.2092 -0.0053 0.0892  106 CYS A C   
801 O O   . CYS A 114 ? 0.7726 0.9434 0.8515 -0.2044 -0.0176 0.0702  106 CYS A O   
802 C CB  . CYS A 114 ? 0.5417 0.7300 0.5736 -0.1803 0.0093  0.0890  106 CYS A CB  
803 S SG  . CYS A 114 ? 0.6332 0.7727 0.6332 -0.1669 0.0031  0.0916  106 CYS A SG  
804 N N   . PRO A 115 ? 0.7893 0.9143 0.8596 -0.2181 -0.0070 0.0999  107 PRO A N   
805 C CA  . PRO A 115 ? 0.9056 0.9988 0.9887 -0.2213 -0.0234 0.0835  107 PRO A CA  
806 C C   . PRO A 115 ? 1.0102 1.0824 1.0611 -0.1980 -0.0334 0.0666  107 PRO A C   
807 O O   . PRO A 115 ? 1.1434 1.2084 1.1653 -0.1828 -0.0264 0.0748  107 PRO A O   
808 C CB  . PRO A 115 ? 0.8802 0.9398 0.9777 -0.2359 -0.0190 0.1037  107 PRO A CB  
809 C CG  . PRO A 115 ? 0.8306 0.8963 0.9024 -0.2297 -0.0039 0.1295  107 PRO A CG  
810 C CD  . PRO A 115 ? 0.7919 0.9068 0.8565 -0.2260 0.0055  0.1275  107 PRO A CD  
811 N N   . ASP A 116 ? 0.9897 1.0564 1.0471 -0.1953 -0.0497 0.0420  108 ASP A N   
812 C CA  . ASP A 116 ? 1.0334 1.0893 1.0580 -0.1720 -0.0578 0.0261  108 ASP A CA  
813 C C   . ASP A 116 ? 1.0621 1.0746 1.0806 -0.1687 -0.0642 0.0166  108 ASP A C   
814 O O   . ASP A 116 ? 1.0484 1.0338 1.0839 -0.1809 -0.0598 0.0293  108 ASP A O   
815 C CB  . ASP A 116 ? 1.0339 1.1192 1.0604 -0.1653 -0.0720 0.0043  108 ASP A CB  
# 
loop_
_pdbx_poly_seq_scheme.asym_id 
_pdbx_poly_seq_scheme.entity_id 
_pdbx_poly_seq_scheme.seq_id 
_pdbx_poly_seq_scheme.mon_id 
_pdbx_poly_seq_scheme.ndb_seq_num 
_pdbx_poly_seq_scheme.pdb_seq_num 
_pdbx_poly_seq_scheme.auth_seq_num 
_pdbx_poly_seq_scheme.pdb_mon_id 
_pdbx_poly_seq_scheme.auth_mon_id 
_pdbx_poly_seq_scheme.pdb_strand_id 
_pdbx_poly_seq_scheme.pdb_ins_code 
_pdbx_poly_seq_scheme.hetero 
A 1 1   MET 1   -7  ?   ?   ?   A . n 
A 1 2   ALA 2   -6  ?   ?   ?   A . n 
A 1 3   HIS 3   -5  ?   ?   ?   A . n 
A 1 4   HIS 4   -4  ?   ?   ?   A . n 
A 1 5   HIS 5   -3  ?   ?   ?   A . n 
A 1 6   HIS 6   -2  ?   ?   ?   A . n 
A 1 7   HIS 7   -1  ?   ?   ?   A . n 
A 1 8   HIS 8   0   ?   ?   ?   A . n 
A 1 9   MET 9   1   ?   ?   ?   A . n 
A 1 10  ARG 10  2   ?   ?   ?   A . n 
A 1 11  GLY 11  3   ?   ?   ?   A . n 
A 1 12  GLU 12  4   ?   ?   ?   A . n 
A 1 13  ASP 13  5   ?   ?   ?   A . n 
A 1 14  ASN 14  6   ?   ?   ?   A . n 
A 1 15  MET 15  7   7   MET MET A . n 
A 1 16  LEU 16  8   8   LEU LEU A . n 
A 1 17  VAL 17  9   9   VAL VAL A . n 
A 1 18  GLU 18  10  10  GLU GLU A . n 
A 1 19  MET 19  11  11  MET MET A . n 
A 1 20  ARG 20  12  12  ARG ARG A . n 
A 1 21  THR 21  13  13  THR THR A . n 
A 1 22  TYR 22  14  14  TYR TYR A . n 
A 1 23  ARG 23  15  15  ARG ARG A . n 
A 1 24  ILE 24  16  16  ILE ILE A . n 
A 1 25  THR 25  17  17  THR THR A . n 
A 1 26  ALA 26  18  18  ALA ALA A . n 
A 1 27  GLY 27  19  19  GLY GLY A . n 
A 1 28  LYS 28  20  20  LYS LYS A . n 
A 1 29  VAL 29  21  21  VAL VAL A . n 
A 1 30  PRO 30  22  22  PRO PRO A . n 
A 1 31  GLU 31  23  23  GLU GLU A . n 
A 1 32  PHE 32  24  24  PHE PHE A . n 
A 1 33  LEU 33  25  25  LEU LEU A . n 
A 1 34  LYS 34  26  26  LYS LYS A . n 
A 1 35  ILE 35  27  27  ILE ILE A . n 
A 1 36  TYR 36  28  28  TYR TYR A . n 
A 1 37  GLN 37  29  29  GLN GLN A . n 
A 1 38  ASP 38  30  30  ASP ASP A . n 
A 1 39  GLU 39  31  31  GLU GLU A . n 
A 1 40  GLY 40  32  32  GLY GLY A . n 
A 1 41  LEU 41  33  33  LEU LEU A . n 
A 1 42  GLY 42  34  34  GLY GLY A . n 
A 1 43  ILE 43  35  35  ILE ILE A . n 
A 1 44  ILE 44  36  36  ILE ILE A . n 
A 1 45  THR 45  37  37  THR THR A . n 
A 1 46  GLN 46  38  38  GLN GLN A . n 
A 1 47  TYR 47  39  39  TYR TYR A . n 
A 1 48  ALA 48  40  40  ALA ALA A . n 
A 1 49  ARG 49  41  41  ARG ARG A . n 
A 1 50  LEU 50  42  42  LEU LEU A . n 
A 1 51  ARG 51  43  43  ARG ARG A . n 
A 1 52  GLY 52  44  44  GLY GLY A . n 
A 1 53  CYS 53  45  45  CYS CYS A . n 
A 1 54  TRP 54  46  46  TRP TRP A . n 
A 1 55  THR 55  47  47  THR THR A . n 
A 1 56  GLN 56  48  48  GLN GLN A . n 
A 1 57  ASP 57  49  49  ASP ASP A . n 
A 1 58  SER 58  50  50  SER SER A . n 
A 1 59  GLY 59  51  51  GLY GLY A . n 
A 1 60  THR 60  52  52  THR THR A . n 
A 1 61  LEU 61  53  53  LEU LEU A . n 
A 1 62  ASN 62  54  54  ASN ASN A . n 
A 1 63  SER 63  55  55  SER SER A . n 
A 1 64  VAL 64  56  56  VAL VAL A . n 
A 1 65  VAL 65  57  57  VAL VAL A . n 
A 1 66  PHE 66  58  58  PHE PHE A . n 
A 1 67  TRP 67  59  59  TRP TRP A . n 
A 1 68  TRP 68  60  60  TRP TRP A . n 
A 1 69  ALA 69  61  61  ALA ALA A . n 
A 1 70  TYR 70  62  62  TYR TYR A . n 
A 1 71  ASP 71  63  63  ASP ASP A . n 
A 1 72  ASP 72  64  64  ASP ASP A . n 
A 1 73  TYR 73  65  65  TYR TYR A . n 
A 1 74  SER 74  66  66  SER SER A . n 
A 1 75  HIS 75  67  67  HIS HIS A . n 
A 1 76  ARG 76  68  68  ARG ARG A . n 
A 1 77  ALA 77  69  69  ALA ALA A . n 
A 1 78  ALA 78  70  70  ALA ALA A . n 
A 1 79  GLN 79  71  71  GLN GLN A . n 
A 1 80  ARG 80  72  72  ARG ARG A . n 
A 1 81  GLU 81  73  73  GLU GLU A . n 
A 1 82  ARG 82  74  74  ARG ARG A . n 
A 1 83  LEU 83  75  75  LEU LEU A . n 
A 1 84  ALA 84  76  76  ALA ALA A . n 
A 1 85  ALA 85  77  77  ALA ALA A . n 
A 1 86  ASP 86  78  78  ASP ASP A . n 
A 1 87  PRO 87  79  79  PRO PRO A . n 
A 1 88  GLN 88  80  80  GLN GLN A . n 
A 1 89  TRP 89  81  81  TRP TRP A . n 
A 1 90  GLN 90  82  82  GLN GLN A . n 
A 1 91  ALA 91  83  83  ALA ALA A . n 
A 1 92  PHE 92  84  84  PHE PHE A . n 
A 1 93  THR 93  85  85  THR THR A . n 
A 1 94  PRO 94  86  86  PRO PRO A . n 
A 1 95  ARG 95  87  87  ARG ARG A . n 
A 1 96  ILE 96  88  88  ILE ILE A . n 
A 1 97  VAL 97  89  89  VAL VAL A . n 
A 1 98  PRO 98  90  90  PRO PRO A . n 
A 1 99  TYR 99  91  91  TYR TYR A . n 
A 1 100 LEU 100 92  92  LEU LEU A . n 
A 1 101 GLU 101 93  93  GLU GLU A . n 
A 1 102 HIS 102 94  94  HIS HIS A . n 
A 1 103 GLN 103 95  95  GLN GLN A . n 
A 1 104 GLU 104 96  96  GLU GLU A . n 
A 1 105 SER 105 97  97  SER SER A . n 
A 1 106 VAL 106 98  98  VAL VAL A . n 
A 1 107 PHE 107 99  99  PHE PHE A . n 
A 1 108 LEU 108 100 100 LEU LEU A . n 
A 1 109 VAL 109 101 101 VAL VAL A . n 
A 1 110 PRO 110 102 102 PRO PRO A . n 
A 1 111 ALA 111 103 103 ALA ALA A . n 
A 1 112 ALA 112 104 104 ALA ALA A . n 
A 1 113 PHE 113 105 105 PHE PHE A . n 
A 1 114 CYS 114 106 106 CYS CYS A . n 
A 1 115 PRO 115 107 107 PRO PRO A . n 
A 1 116 ASP 116 108 108 ASP ASP A . n 
A 1 117 VAL 117 109 ?   ?   ?   A . n 
# 
_pdbx_SG_project.id                    1 
_pdbx_SG_project.project_name          'NIAID, National Institute of Allergy and Infectious Diseases' 
_pdbx_SG_project.full_name_of_center   'Seattle Structural Genomics Center for Infectious Disease' 
_pdbx_SG_project.initial_of_center     SSGCID 
# 
loop_
_pdbx_nonpoly_scheme.asym_id 
_pdbx_nonpoly_scheme.entity_id 
_pdbx_nonpoly_scheme.mon_id 
_pdbx_nonpoly_scheme.ndb_seq_num 
_pdbx_nonpoly_scheme.pdb_seq_num 
_pdbx_nonpoly_scheme.auth_seq_num 
_pdbx_nonpoly_scheme.pdb_mon_id 
_pdbx_nonpoly_scheme.auth_mon_id 
_pdbx_nonpoly_scheme.pdb_strand_id 
_pdbx_nonpoly_scheme.pdb_ins_code 
B 2 SO4 1  201 1  SO4 SO4 A . 
C 3 HOH 1  301 7  HOH HOH A . 
C 3 HOH 2  302 11 HOH HOH A . 
C 3 HOH 3  303 10 HOH HOH A . 
C 3 HOH 4  304 18 HOH HOH A . 
C 3 HOH 5  305 15 HOH HOH A . 
C 3 HOH 6  306 23 HOH HOH A . 
C 3 HOH 7  307 16 HOH HOH A . 
C 3 HOH 8  308 6  HOH HOH A . 
C 3 HOH 9  309 8  HOH HOH A . 
C 3 HOH 10 310 21 HOH HOH A . 
C 3 HOH 11 311 22 HOH HOH A . 
C 3 HOH 12 312 19 HOH HOH A . 
C 3 HOH 13 313 5  HOH HOH A . 
C 3 HOH 14 314 9  HOH HOH A . 
C 3 HOH 15 315 14 HOH HOH A . 
C 3 HOH 16 316 13 HOH HOH A . 
# 
loop_
_pdbx_struct_assembly.id 
_pdbx_struct_assembly.details 
_pdbx_struct_assembly.method_details 
_pdbx_struct_assembly.oligomeric_details 
_pdbx_struct_assembly.oligomeric_count 
1 author_and_software_defined_assembly PISA dimeric   2 
2 author_and_software_defined_assembly PISA octameric 8 
# 
loop_
_pdbx_struct_assembly_gen.assembly_id 
_pdbx_struct_assembly_gen.oper_expression 
_pdbx_struct_assembly_gen.asym_id_list 
1 1,5             A,B,C 
2 1,2,3,4,5,6,7,8 A,B,C 
# 
loop_
_pdbx_struct_assembly_prop.biol_id 
_pdbx_struct_assembly_prop.type 
_pdbx_struct_assembly_prop.value 
_pdbx_struct_assembly_prop.details 
1 'ABSA (A^2)' 2890  ? 
1 MORE         -46   ? 
1 'SSA (A^2)'  10150 ? 
2 'ABSA (A^2)' 19670 ? 
2 MORE         -247  ? 
2 'SSA (A^2)'  32490 ? 
# 
loop_
_pdbx_struct_oper_list.id 
_pdbx_struct_oper_list.type 
_pdbx_struct_oper_list.name 
_pdbx_struct_oper_list.symmetry_operation 
_pdbx_struct_oper_list.matrix[1][1] 
_pdbx_struct_oper_list.matrix[1][2] 
_pdbx_struct_oper_list.matrix[1][3] 
_pdbx_struct_oper_list.vector[1] 
_pdbx_struct_oper_list.matrix[2][1] 
_pdbx_struct_oper_list.matrix[2][2] 
_pdbx_struct_oper_list.matrix[2][3] 
_pdbx_struct_oper_list.vector[2] 
_pdbx_struct_oper_list.matrix[3][1] 
_pdbx_struct_oper_list.matrix[3][2] 
_pdbx_struct_oper_list.matrix[3][3] 
_pdbx_struct_oper_list.vector[3] 
1 'identity operation'         1_555  x,y,z      1.0000000000  0.0000000000  0.0000000000  0.0000000000   0.0000000000  1.0000000000  0.0000000000  0.0000000000   0.0000000000  0.0000000000  1.0000000000  0.0000000000   
2 'crystal symmetry operation' 2_555  -x,-y,z    0.4744478027  -0.3067515188 -0.8251077434 -21.0650770875 -0.3067515188 -0.9361818749 0.1716595548  -16.5942658828 -0.8251077434 0.1716595548  -0.5382659278 -31.4735143025 
3 'crystal symmetry operation' 3_556  -x,y,-z+1  -0.5590446225 -0.0957838253 0.8235864064  13.2274351661  -0.0957838253 -0.9791939465 -0.1788985020 -23.8828666079 0.8235864064  -0.1788985020 0.5382385690  -9.8596831200  
4 'crystal symmetry operation' 4_556  x,-y,-z+1  -0.9154031802 0.4025353441  0.0015213370  0.6720569577   0.4025353441  0.9153758214  0.0072389471  0.0143963145   0.0015213370  0.0072389471  -0.9999726412 -41.1801642514 
5 'crystal symmetry operation' 13_556 y,x,-z+1   -0.5440829616 0.5919081539  0.5946582785  15.4883048574  0.5919081539  -0.2315372466 0.7720331863  4.5282637487   0.5946582785  0.7720331863  -0.2243797918 -16.3820107580 
6 'crystal symmetry operation' 14_556 -y,-x,-z+1 -0.9303648411 -0.2851566351 0.2304494648  -1.5888127337  -0.2851566351 0.1677191215  -0.9436927412 -28.3967340422 0.2304494648  -0.9436927412 -0.2373542804 -34.6578366133 
7 'crystal symmetry operation' 15_555 y,-x,z     0.7372239014  -0.6338620091 -0.2339227923 -11.7081229171 0.3271104903  0.0319090625  0.9444472134  10.2754610785  -0.5911849511 -0.7727876586 0.2308670361  -24.7422588925 
8 'crystal symmetry operation' 16_555 -y,x,z     0.7372239014  0.3271104903  -0.5911849511 -9.3569541704  -0.6338620091 0.0319090625  -0.7727876586 -26.8697269614 -0.2339227923 0.9444472134  0.2308670361  -6.7312554100  
# 
loop_
_pdbx_audit_revision_history.ordinal 
_pdbx_audit_revision_history.data_content_type 
_pdbx_audit_revision_history.major_revision 
_pdbx_audit_revision_history.minor_revision 
_pdbx_audit_revision_history.revision_date 
1 'Structure model' 1 0 2016-03-30 
2 'Structure model' 1 1 2023-09-27 
# 
_pdbx_audit_revision_details.ordinal             1 
_pdbx_audit_revision_details.revision_ordinal    1 
_pdbx_audit_revision_details.data_content_type   'Structure model' 
_pdbx_audit_revision_details.provider            repository 
_pdbx_audit_revision_details.type                'Initial release' 
_pdbx_audit_revision_details.description         ? 
_pdbx_audit_revision_details.details             ? 
# 
loop_
_pdbx_audit_revision_group.ordinal 
_pdbx_audit_revision_group.revision_ordinal 
_pdbx_audit_revision_group.data_content_type 
_pdbx_audit_revision_group.group 
1 2 'Structure model' 'Data collection'        
2 2 'Structure model' 'Database references'    
3 2 'Structure model' 'Derived calculations'   
4 2 'Structure model' 'Refinement description' 
# 
loop_
_pdbx_audit_revision_category.ordinal 
_pdbx_audit_revision_category.revision_ordinal 
_pdbx_audit_revision_category.data_content_type 
_pdbx_audit_revision_category.category 
1 2 'Structure model' chem_comp_atom                
2 2 'Structure model' chem_comp_bond                
3 2 'Structure model' database_2                    
4 2 'Structure model' pdbx_initial_refinement_model 
5 2 'Structure model' pdbx_prerelease_seq           
6 2 'Structure model' pdbx_struct_oper_list         
# 
loop_
_pdbx_audit_revision_item.ordinal 
_pdbx_audit_revision_item.revision_ordinal 
_pdbx_audit_revision_item.data_content_type 
_pdbx_audit_revision_item.item 
1 2 'Structure model' '_database_2.pdbx_DOI'                      
2 2 'Structure model' '_database_2.pdbx_database_accession'       
3 2 'Structure model' '_pdbx_struct_oper_list.symmetry_operation' 
# 
loop_
_pdbx_refine_tls.pdbx_refine_id 
_pdbx_refine_tls.id 
_pdbx_refine_tls.details 
_pdbx_refine_tls.method 
_pdbx_refine_tls.origin_x 
_pdbx_refine_tls.origin_y 
_pdbx_refine_tls.origin_z 
_pdbx_refine_tls.T[1][1] 
_pdbx_refine_tls.T[2][2] 
_pdbx_refine_tls.T[3][3] 
_pdbx_refine_tls.T[1][2] 
_pdbx_refine_tls.T[1][3] 
_pdbx_refine_tls.T[2][3] 
_pdbx_refine_tls.L[1][1] 
_pdbx_refine_tls.L[2][2] 
_pdbx_refine_tls.L[3][3] 
_pdbx_refine_tls.L[1][2] 
_pdbx_refine_tls.L[1][3] 
_pdbx_refine_tls.L[2][3] 
_pdbx_refine_tls.S[1][1] 
_pdbx_refine_tls.S[2][2] 
_pdbx_refine_tls.S[3][3] 
_pdbx_refine_tls.S[1][2] 
_pdbx_refine_tls.S[1][3] 
_pdbx_refine_tls.S[2][3] 
_pdbx_refine_tls.S[2][1] 
_pdbx_refine_tls.S[3][1] 
_pdbx_refine_tls.S[3][2] 
'X-RAY DIFFRACTION' 1 ? refined -10.1710 4.9073  -4.4846 0.5915 0.3644 0.4156 0.0686  0.1419  0.0320  8.3344 4.9160 3.9912 -4.2907 2.2010  -1.2219 -0.1823 0.1769  0.1116  -0.3610 -0.3180 1.2258  0.2058 -0.9920 0.0064  
'X-RAY DIFFRACTION' 2 ? refined 0.3639   5.1238  5.1787  0.6482 0.3894 0.4416 -0.0347 0.0488  -0.0797 3.8608 7.9356 6.0802 -0.7780 1.3476  -4.3931 -0.0639 0.0964  -0.0362 -0.5262 0.4272  -0.4293 0.9160 -0.8991 -0.2367 
'X-RAY DIFFRACTION' 3 ? refined 0.3932   3.0548  -7.6257 0.4744 0.3855 0.3138 -0.0408 0.0985  -0.0316 1.4402 6.5109 6.7495 -2.8745 2.8491  -5.4230 -0.1367 0.3005  -0.2613 -0.0730 -0.0930 0.0484  0.4093 -0.4896 -0.2380 
'X-RAY DIFFRACTION' 4 ? refined 9.3729   -7.7874 6.8876  0.5946 0.5111 0.5362 0.0572  -0.0062 0.1607  4.5032 5.8530 7.3663 0.9018  -5.5371 -2.5968 -0.3713 -0.0974 0.4536  -0.1382 -0.3641 -0.8249 0.7366 -0.1742 1.1476  
'X-RAY DIFFRACTION' 5 ? refined -6.0446  -3.7821 11.2122 0.6946 0.6626 0.4437 0.0335  0.1865  0.1457  4.6131 2.1979 3.1233 -0.8362 2.0128  -1.1998 -0.7337 0.4435  0.3068  -0.4376 -0.2394 0.2643  0.7845 -0.7789 -0.1263 
'X-RAY DIFFRACTION' 6 ? refined 2.1691   -2.3502 -4.4755 0.4013 0.4581 0.3367 -0.0202 0.0390  0.0809  6.1557 2.6533 1.9917 -0.7904 -0.2153 0.4040  -0.2282 0.0800  0.1347  0.3154  -0.0092 0.2258  0.0880 -0.3805 0.0039 
# 
loop_
_pdbx_refine_tls_group.pdbx_refine_id 
_pdbx_refine_tls_group.id 
_pdbx_refine_tls_group.refine_tls_id 
_pdbx_refine_tls_group.beg_auth_asym_id 
_pdbx_refine_tls_group.beg_auth_seq_id 
_pdbx_refine_tls_group.end_auth_asym_id 
_pdbx_refine_tls_group.end_auth_seq_id 
_pdbx_refine_tls_group.selection_details 
_pdbx_refine_tls_group.beg_label_asym_id 
_pdbx_refine_tls_group.beg_label_seq_id 
_pdbx_refine_tls_group.end_label_asym_id 
_pdbx_refine_tls_group.end_label_seq_id 
_pdbx_refine_tls_group.selection 
'X-RAY DIFFRACTION' 1 1 A 15 A 28  
;chain 'A' and (resid 15 through 28 )
;
? ? ? ? ? 
'X-RAY DIFFRACTION' 2 2 A 29 A 46  
;chain 'A' and (resid 29 through 46 )
;
? ? ? ? ? 
'X-RAY DIFFRACTION' 3 3 A 47 A 62  
;chain 'A' and (resid 47 through 62 )
;
? ? ? ? ? 
'X-RAY DIFFRACTION' 4 4 A 63 A 72  
;chain 'A' and (resid 63 through 72 )
;
? ? ? ? ? 
'X-RAY DIFFRACTION' 5 5 A 73 A 86  
;chain 'A' and (resid 73 through 86 )
;
? ? ? ? ? 
'X-RAY DIFFRACTION' 6 6 A 87 A 116 
;chain 'A' and (resid 87 through 116 )
;
? ? ? ? ? 
# 
_phasing.method   MR 
# 
loop_
_software.citation_id 
_software.classification 
_software.compiler_name 
_software.compiler_version 
_software.contact_author 
_software.contact_author_email 
_software.date 
_software.description 
_software.dependencies 
_software.hardware 
_software.language 
_software.location 
_software.mods 
_software.name 
_software.os 
_software.os_version 
_software.type 
_software.version 
_software.pdbx_ordinal 
? 'data scaling'    ? ? ? ? ? ? ? ? ? ? ? XSCALE      ? ? ? .    1 
? phasing           ? ? ? ? ? ? ? ? ? ? ? MOLREP      ? ? ? .    2 
? refinement        ? ? ? ? ? ? ? ? ? ? ? PHENIX      ? ? ? .    3 
? 'data extraction' ? ? ? ? ? ? ? ? ? ? ? PDB_EXTRACT ? ? ? 3.20 4 
? 'model building'  ? ? ? ? ? ? ? ? ? ? ? Coot        ? ? ? .    5 
? 'data reduction'  ? ? ? ? ? ? ? ? ? ? ? XDS         ? ? ? .    6 
# 
loop_
_pdbx_unobs_or_zero_occ_atoms.id 
_pdbx_unobs_or_zero_occ_atoms.PDB_model_num 
_pdbx_unobs_or_zero_occ_atoms.polymer_flag 
_pdbx_unobs_or_zero_occ_atoms.occupancy_flag 
_pdbx_unobs_or_zero_occ_atoms.auth_asym_id 
_pdbx_unobs_or_zero_occ_atoms.auth_comp_id 
_pdbx_unobs_or_zero_occ_atoms.auth_seq_id 
_pdbx_unobs_or_zero_occ_atoms.PDB_ins_code 
_pdbx_unobs_or_zero_occ_atoms.auth_atom_id 
_pdbx_unobs_or_zero_occ_atoms.label_alt_id 
_pdbx_unobs_or_zero_occ_atoms.label_asym_id 
_pdbx_unobs_or_zero_occ_atoms.label_comp_id 
_pdbx_unobs_or_zero_occ_atoms.label_seq_id 
_pdbx_unobs_or_zero_occ_atoms.label_atom_id 
1  1 Y 1 A MET 7   ? CG  ? A MET 15  CG  
2  1 Y 1 A MET 7   ? SD  ? A MET 15  SD  
3  1 Y 1 A MET 7   ? CE  ? A MET 15  CE  
4  1 Y 1 A LYS 20  ? CG  ? A LYS 28  CG  
5  1 Y 1 A LYS 20  ? CD  ? A LYS 28  CD  
6  1 Y 1 A LYS 20  ? CE  ? A LYS 28  CE  
7  1 Y 1 A LYS 20  ? NZ  ? A LYS 28  NZ  
8  1 Y 1 A GLU 23  ? CG  ? A GLU 31  CG  
9  1 Y 1 A GLU 23  ? CD  ? A GLU 31  CD  
10 1 Y 1 A GLU 23  ? OE1 ? A GLU 31  OE1 
11 1 Y 1 A GLU 23  ? OE2 ? A GLU 31  OE2 
12 1 Y 1 A LYS 26  ? CG  ? A LYS 34  CG  
13 1 Y 1 A LYS 26  ? CD  ? A LYS 34  CD  
14 1 Y 1 A LYS 26  ? CE  ? A LYS 34  CE  
15 1 Y 1 A LYS 26  ? NZ  ? A LYS 34  NZ  
16 1 Y 1 A ARG 41  ? CG  ? A ARG 49  CG  
17 1 Y 1 A ARG 41  ? CD  ? A ARG 49  CD  
18 1 Y 1 A ARG 41  ? NE  ? A ARG 49  NE  
19 1 Y 1 A ARG 41  ? CZ  ? A ARG 49  CZ  
20 1 Y 1 A ARG 41  ? NH1 ? A ARG 49  NH1 
21 1 Y 1 A ARG 41  ? NH2 ? A ARG 49  NH2 
22 1 Y 1 A ARG 74  ? CG  ? A ARG 82  CG  
23 1 Y 1 A ARG 74  ? CD  ? A ARG 82  CD  
24 1 Y 1 A ARG 74  ? NE  ? A ARG 82  NE  
25 1 Y 1 A ARG 74  ? CZ  ? A ARG 82  CZ  
26 1 Y 1 A ARG 74  ? NH1 ? A ARG 82  NH1 
27 1 Y 1 A ARG 74  ? NH2 ? A ARG 82  NH2 
28 1 Y 1 A ASP 108 ? CG  ? A ASP 116 CG  
29 1 Y 1 A ASP 108 ? OD1 ? A ASP 116 OD1 
30 1 Y 1 A ASP 108 ? OD2 ? A ASP 116 OD2 
# 
loop_
_pdbx_unobs_or_zero_occ_residues.id 
_pdbx_unobs_or_zero_occ_residues.PDB_model_num 
_pdbx_unobs_or_zero_occ_residues.polymer_flag 
_pdbx_unobs_or_zero_occ_residues.occupancy_flag 
_pdbx_unobs_or_zero_occ_residues.auth_asym_id 
_pdbx_unobs_or_zero_occ_residues.auth_comp_id 
_pdbx_unobs_or_zero_occ_residues.auth_seq_id 
_pdbx_unobs_or_zero_occ_residues.PDB_ins_code 
_pdbx_unobs_or_zero_occ_residues.label_asym_id 
_pdbx_unobs_or_zero_occ_residues.label_comp_id 
_pdbx_unobs_or_zero_occ_residues.label_seq_id 
1  1 Y 1 A MET -7  ? A MET 1   
2  1 Y 1 A ALA -6  ? A ALA 2   
3  1 Y 1 A HIS -5  ? A HIS 3   
4  1 Y 1 A HIS -4  ? A HIS 4   
5  1 Y 1 A HIS -3  ? A HIS 5   
6  1 Y 1 A HIS -2  ? A HIS 6   
7  1 Y 1 A HIS -1  ? A HIS 7   
8  1 Y 1 A HIS 0   ? A HIS 8   
9  1 Y 1 A MET 1   ? A MET 9   
10 1 Y 1 A ARG 2   ? A ARG 10  
11 1 Y 1 A GLY 3   ? A GLY 11  
12 1 Y 1 A GLU 4   ? A GLU 12  
13 1 Y 1 A ASP 5   ? A ASP 13  
14 1 Y 1 A ASN 6   ? A ASN 14  
15 1 Y 1 A VAL 109 ? A VAL 117 
# 
loop_
_chem_comp_atom.comp_id 
_chem_comp_atom.atom_id 
_chem_comp_atom.type_symbol 
_chem_comp_atom.pdbx_aromatic_flag 
_chem_comp_atom.pdbx_stereo_config 
_chem_comp_atom.pdbx_ordinal 
ALA N    N N N 1   
ALA CA   C N S 2   
ALA C    C N N 3   
ALA O    O N N 4   
ALA CB   C N N 5   
ALA OXT  O N N 6   
ALA H    H N N 7   
ALA H2   H N N 8   
ALA HA   H N N 9   
ALA HB1  H N N 10  
ALA HB2  H N N 11  
ALA HB3  H N N 12  
ALA HXT  H N N 13  
ARG N    N N N 14  
ARG CA   C N S 15  
ARG C    C N N 16  
ARG O    O N N 17  
ARG CB   C N N 18  
ARG CG   C N N 19  
ARG CD   C N N 20  
ARG NE   N N N 21  
ARG CZ   C N N 22  
ARG NH1  N N N 23  
ARG NH2  N N N 24  
ARG OXT  O N N 25  
ARG H    H N N 26  
ARG H2   H N N 27  
ARG HA   H N N 28  
ARG HB2  H N N 29  
ARG HB3  H N N 30  
ARG HG2  H N N 31  
ARG HG3  H N N 32  
ARG HD2  H N N 33  
ARG HD3  H N N 34  
ARG HE   H N N 35  
ARG HH11 H N N 36  
ARG HH12 H N N 37  
ARG HH21 H N N 38  
ARG HH22 H N N 39  
ARG HXT  H N N 40  
ASN N    N N N 41  
ASN CA   C N S 42  
ASN C    C N N 43  
ASN O    O N N 44  
ASN CB   C N N 45  
ASN CG   C N N 46  
ASN OD1  O N N 47  
ASN ND2  N N N 48  
ASN OXT  O N N 49  
ASN H    H N N 50  
ASN H2   H N N 51  
ASN HA   H N N 52  
ASN HB2  H N N 53  
ASN HB3  H N N 54  
ASN HD21 H N N 55  
ASN HD22 H N N 56  
ASN HXT  H N N 57  
ASP N    N N N 58  
ASP CA   C N S 59  
ASP C    C N N 60  
ASP O    O N N 61  
ASP CB   C N N 62  
ASP CG   C N N 63  
ASP OD1  O N N 64  
ASP OD2  O N N 65  
ASP OXT  O N N 66  
ASP H    H N N 67  
ASP H2   H N N 68  
ASP HA   H N N 69  
ASP HB2  H N N 70  
ASP HB3  H N N 71  
ASP HD2  H N N 72  
ASP HXT  H N N 73  
CYS N    N N N 74  
CYS CA   C N R 75  
CYS C    C N N 76  
CYS O    O N N 77  
CYS CB   C N N 78  
CYS SG   S N N 79  
CYS OXT  O N N 80  
CYS H    H N N 81  
CYS H2   H N N 82  
CYS HA   H N N 83  
CYS HB2  H N N 84  
CYS HB3  H N N 85  
CYS HG   H N N 86  
CYS HXT  H N N 87  
GLN N    N N N 88  
GLN CA   C N S 89  
GLN C    C N N 90  
GLN O    O N N 91  
GLN CB   C N N 92  
GLN CG   C N N 93  
GLN CD   C N N 94  
GLN OE1  O N N 95  
GLN NE2  N N N 96  
GLN OXT  O N N 97  
GLN H    H N N 98  
GLN H2   H N N 99  
GLN HA   H N N 100 
GLN HB2  H N N 101 
GLN HB3  H N N 102 
GLN HG2  H N N 103 
GLN HG3  H N N 104 
GLN HE21 H N N 105 
GLN HE22 H N N 106 
GLN HXT  H N N 107 
GLU N    N N N 108 
GLU CA   C N S 109 
GLU C    C N N 110 
GLU O    O N N 111 
GLU CB   C N N 112 
GLU CG   C N N 113 
GLU CD   C N N 114 
GLU OE1  O N N 115 
GLU OE2  O N N 116 
GLU OXT  O N N 117 
GLU H    H N N 118 
GLU H2   H N N 119 
GLU HA   H N N 120 
GLU HB2  H N N 121 
GLU HB3  H N N 122 
GLU HG2  H N N 123 
GLU HG3  H N N 124 
GLU HE2  H N N 125 
GLU HXT  H N N 126 
GLY N    N N N 127 
GLY CA   C N N 128 
GLY C    C N N 129 
GLY O    O N N 130 
GLY OXT  O N N 131 
GLY H    H N N 132 
GLY H2   H N N 133 
GLY HA2  H N N 134 
GLY HA3  H N N 135 
GLY HXT  H N N 136 
HIS N    N N N 137 
HIS CA   C N S 138 
HIS C    C N N 139 
HIS O    O N N 140 
HIS CB   C N N 141 
HIS CG   C Y N 142 
HIS ND1  N Y N 143 
HIS CD2  C Y N 144 
HIS CE1  C Y N 145 
HIS NE2  N Y N 146 
HIS OXT  O N N 147 
HIS H    H N N 148 
HIS H2   H N N 149 
HIS HA   H N N 150 
HIS HB2  H N N 151 
HIS HB3  H N N 152 
HIS HD1  H N N 153 
HIS HD2  H N N 154 
HIS HE1  H N N 155 
HIS HE2  H N N 156 
HIS HXT  H N N 157 
HOH O    O N N 158 
HOH H1   H N N 159 
HOH H2   H N N 160 
ILE N    N N N 161 
ILE CA   C N S 162 
ILE C    C N N 163 
ILE O    O N N 164 
ILE CB   C N S 165 
ILE CG1  C N N 166 
ILE CG2  C N N 167 
ILE CD1  C N N 168 
ILE OXT  O N N 169 
ILE H    H N N 170 
ILE H2   H N N 171 
ILE HA   H N N 172 
ILE HB   H N N 173 
ILE HG12 H N N 174 
ILE HG13 H N N 175 
ILE HG21 H N N 176 
ILE HG22 H N N 177 
ILE HG23 H N N 178 
ILE HD11 H N N 179 
ILE HD12 H N N 180 
ILE HD13 H N N 181 
ILE HXT  H N N 182 
LEU N    N N N 183 
LEU CA   C N S 184 
LEU C    C N N 185 
LEU O    O N N 186 
LEU CB   C N N 187 
LEU CG   C N N 188 
LEU CD1  C N N 189 
LEU CD2  C N N 190 
LEU OXT  O N N 191 
LEU H    H N N 192 
LEU H2   H N N 193 
LEU HA   H N N 194 
LEU HB2  H N N 195 
LEU HB3  H N N 196 
LEU HG   H N N 197 
LEU HD11 H N N 198 
LEU HD12 H N N 199 
LEU HD13 H N N 200 
LEU HD21 H N N 201 
LEU HD22 H N N 202 
LEU HD23 H N N 203 
LEU HXT  H N N 204 
LYS N    N N N 205 
LYS CA   C N S 206 
LYS C    C N N 207 
LYS O    O N N 208 
LYS CB   C N N 209 
LYS CG   C N N 210 
LYS CD   C N N 211 
LYS CE   C N N 212 
LYS NZ   N N N 213 
LYS OXT  O N N 214 
LYS H    H N N 215 
LYS H2   H N N 216 
LYS HA   H N N 217 
LYS HB2  H N N 218 
LYS HB3  H N N 219 
LYS HG2  H N N 220 
LYS HG3  H N N 221 
LYS HD2  H N N 222 
LYS HD3  H N N 223 
LYS HE2  H N N 224 
LYS HE3  H N N 225 
LYS HZ1  H N N 226 
LYS HZ2  H N N 227 
LYS HZ3  H N N 228 
LYS HXT  H N N 229 
MET N    N N N 230 
MET CA   C N S 231 
MET C    C N N 232 
MET O    O N N 233 
MET CB   C N N 234 
MET CG   C N N 235 
MET SD   S N N 236 
MET CE   C N N 237 
MET OXT  O N N 238 
MET H    H N N 239 
MET H2   H N N 240 
MET HA   H N N 241 
MET HB2  H N N 242 
MET HB3  H N N 243 
MET HG2  H N N 244 
MET HG3  H N N 245 
MET HE1  H N N 246 
MET HE2  H N N 247 
MET HE3  H N N 248 
MET HXT  H N N 249 
PHE N    N N N 250 
PHE CA   C N S 251 
PHE C    C N N 252 
PHE O    O N N 253 
PHE CB   C N N 254 
PHE CG   C Y N 255 
PHE CD1  C Y N 256 
PHE CD2  C Y N 257 
PHE CE1  C Y N 258 
PHE CE2  C Y N 259 
PHE CZ   C Y N 260 
PHE OXT  O N N 261 
PHE H    H N N 262 
PHE H2   H N N 263 
PHE HA   H N N 264 
PHE HB2  H N N 265 
PHE HB3  H N N 266 
PHE HD1  H N N 267 
PHE HD2  H N N 268 
PHE HE1  H N N 269 
PHE HE2  H N N 270 
PHE HZ   H N N 271 
PHE HXT  H N N 272 
PRO N    N N N 273 
PRO CA   C N S 274 
PRO C    C N N 275 
PRO O    O N N 276 
PRO CB   C N N 277 
PRO CG   C N N 278 
PRO CD   C N N 279 
PRO OXT  O N N 280 
PRO H    H N N 281 
PRO HA   H N N 282 
PRO HB2  H N N 283 
PRO HB3  H N N 284 
PRO HG2  H N N 285 
PRO HG3  H N N 286 
PRO HD2  H N N 287 
PRO HD3  H N N 288 
PRO HXT  H N N 289 
SER N    N N N 290 
SER CA   C N S 291 
SER C    C N N 292 
SER O    O N N 293 
SER CB   C N N 294 
SER OG   O N N 295 
SER OXT  O N N 296 
SER H    H N N 297 
SER H2   H N N 298 
SER HA   H N N 299 
SER HB2  H N N 300 
SER HB3  H N N 301 
SER HG   H N N 302 
SER HXT  H N N 303 
SO4 S    S N N 304 
SO4 O1   O N N 305 
SO4 O2   O N N 306 
SO4 O3   O N N 307 
SO4 O4   O N N 308 
THR N    N N N 309 
THR CA   C N S 310 
THR C    C N N 311 
THR O    O N N 312 
THR CB   C N R 313 
THR OG1  O N N 314 
THR CG2  C N N 315 
THR OXT  O N N 316 
THR H    H N N 317 
THR H2   H N N 318 
THR HA   H N N 319 
THR HB   H N N 320 
THR HG1  H N N 321 
THR HG21 H N N 322 
THR HG22 H N N 323 
THR HG23 H N N 324 
THR HXT  H N N 325 
TRP N    N N N 326 
TRP CA   C N S 327 
TRP C    C N N 328 
TRP O    O N N 329 
TRP CB   C N N 330 
TRP CG   C Y N 331 
TRP CD1  C Y N 332 
TRP CD2  C Y N 333 
TRP NE1  N Y N 334 
TRP CE2  C Y N 335 
TRP CE3  C Y N 336 
TRP CZ2  C Y N 337 
TRP CZ3  C Y N 338 
TRP CH2  C Y N 339 
TRP OXT  O N N 340 
TRP H    H N N 341 
TRP H2   H N N 342 
TRP HA   H N N 343 
TRP HB2  H N N 344 
TRP HB3  H N N 345 
TRP HD1  H N N 346 
TRP HE1  H N N 347 
TRP HE3  H N N 348 
TRP HZ2  H N N 349 
TRP HZ3  H N N 350 
TRP HH2  H N N 351 
TRP HXT  H N N 352 
TYR N    N N N 353 
TYR CA   C N S 354 
TYR C    C N N 355 
TYR O    O N N 356 
TYR CB   C N N 357 
TYR CG   C Y N 358 
TYR CD1  C Y N 359 
TYR CD2  C Y N 360 
TYR CE1  C Y N 361 
TYR CE2  C Y N 362 
TYR CZ   C Y N 363 
TYR OH   O N N 364 
TYR OXT  O N N 365 
TYR H    H N N 366 
TYR H2   H N N 367 
TYR HA   H N N 368 
TYR HB2  H N N 369 
TYR HB3  H N N 370 
TYR HD1  H N N 371 
TYR HD2  H N N 372 
TYR HE1  H N N 373 
TYR HE2  H N N 374 
TYR HH   H N N 375 
TYR HXT  H N N 376 
VAL N    N N N 377 
VAL CA   C N S 378 
VAL C    C N N 379 
VAL O    O N N 380 
VAL CB   C N N 381 
VAL CG1  C N N 382 
VAL CG2  C N N 383 
VAL OXT  O N N 384 
VAL H    H N N 385 
VAL H2   H N N 386 
VAL HA   H N N 387 
VAL HB   H N N 388 
VAL HG11 H N N 389 
VAL HG12 H N N 390 
VAL HG13 H N N 391 
VAL HG21 H N N 392 
VAL HG22 H N N 393 
VAL HG23 H N N 394 
VAL HXT  H N N 395 
# 
loop_
_chem_comp_bond.comp_id 
_chem_comp_bond.atom_id_1 
_chem_comp_bond.atom_id_2 
_chem_comp_bond.value_order 
_chem_comp_bond.pdbx_aromatic_flag 
_chem_comp_bond.pdbx_stereo_config 
_chem_comp_bond.pdbx_ordinal 
ALA N   CA   sing N N 1   
ALA N   H    sing N N 2   
ALA N   H2   sing N N 3   
ALA CA  C    sing N N 4   
ALA CA  CB   sing N N 5   
ALA CA  HA   sing N N 6   
ALA C   O    doub N N 7   
ALA C   OXT  sing N N 8   
ALA CB  HB1  sing N N 9   
ALA CB  HB2  sing N N 10  
ALA CB  HB3  sing N N 11  
ALA OXT HXT  sing N N 12  
ARG N   CA   sing N N 13  
ARG N   H    sing N N 14  
ARG N   H2   sing N N 15  
ARG CA  C    sing N N 16  
ARG CA  CB   sing N N 17  
ARG CA  HA   sing N N 18  
ARG C   O    doub N N 19  
ARG C   OXT  sing N N 20  
ARG CB  CG   sing N N 21  
ARG CB  HB2  sing N N 22  
ARG CB  HB3  sing N N 23  
ARG CG  CD   sing N N 24  
ARG CG  HG2  sing N N 25  
ARG CG  HG3  sing N N 26  
ARG CD  NE   sing N N 27  
ARG CD  HD2  sing N N 28  
ARG CD  HD3  sing N N 29  
ARG NE  CZ   sing N N 30  
ARG NE  HE   sing N N 31  
ARG CZ  NH1  sing N N 32  
ARG CZ  NH2  doub N N 33  
ARG NH1 HH11 sing N N 34  
ARG NH1 HH12 sing N N 35  
ARG NH2 HH21 sing N N 36  
ARG NH2 HH22 sing N N 37  
ARG OXT HXT  sing N N 38  
ASN N   CA   sing N N 39  
ASN N   H    sing N N 40  
ASN N   H2   sing N N 41  
ASN CA  C    sing N N 42  
ASN CA  CB   sing N N 43  
ASN CA  HA   sing N N 44  
ASN C   O    doub N N 45  
ASN C   OXT  sing N N 46  
ASN CB  CG   sing N N 47  
ASN CB  HB2  sing N N 48  
ASN CB  HB3  sing N N 49  
ASN CG  OD1  doub N N 50  
ASN CG  ND2  sing N N 51  
ASN ND2 HD21 sing N N 52  
ASN ND2 HD22 sing N N 53  
ASN OXT HXT  sing N N 54  
ASP N   CA   sing N N 55  
ASP N   H    sing N N 56  
ASP N   H2   sing N N 57  
ASP CA  C    sing N N 58  
ASP CA  CB   sing N N 59  
ASP CA  HA   sing N N 60  
ASP C   O    doub N N 61  
ASP C   OXT  sing N N 62  
ASP CB  CG   sing N N 63  
ASP CB  HB2  sing N N 64  
ASP CB  HB3  sing N N 65  
ASP CG  OD1  doub N N 66  
ASP CG  OD2  sing N N 67  
ASP OD2 HD2  sing N N 68  
ASP OXT HXT  sing N N 69  
CYS N   CA   sing N N 70  
CYS N   H    sing N N 71  
CYS N   H2   sing N N 72  
CYS CA  C    sing N N 73  
CYS CA  CB   sing N N 74  
CYS CA  HA   sing N N 75  
CYS C   O    doub N N 76  
CYS C   OXT  sing N N 77  
CYS CB  SG   sing N N 78  
CYS CB  HB2  sing N N 79  
CYS CB  HB3  sing N N 80  
CYS SG  HG   sing N N 81  
CYS OXT HXT  sing N N 82  
GLN N   CA   sing N N 83  
GLN N   H    sing N N 84  
GLN N   H2   sing N N 85  
GLN CA  C    sing N N 86  
GLN CA  CB   sing N N 87  
GLN CA  HA   sing N N 88  
GLN C   O    doub N N 89  
GLN C   OXT  sing N N 90  
GLN CB  CG   sing N N 91  
GLN CB  HB2  sing N N 92  
GLN CB  HB3  sing N N 93  
GLN CG  CD   sing N N 94  
GLN CG  HG2  sing N N 95  
GLN CG  HG3  sing N N 96  
GLN CD  OE1  doub N N 97  
GLN CD  NE2  sing N N 98  
GLN NE2 HE21 sing N N 99  
GLN NE2 HE22 sing N N 100 
GLN OXT HXT  sing N N 101 
GLU N   CA   sing N N 102 
GLU N   H    sing N N 103 
GLU N   H2   sing N N 104 
GLU CA  C    sing N N 105 
GLU CA  CB   sing N N 106 
GLU CA  HA   sing N N 107 
GLU C   O    doub N N 108 
GLU C   OXT  sing N N 109 
GLU CB  CG   sing N N 110 
GLU CB  HB2  sing N N 111 
GLU CB  HB3  sing N N 112 
GLU CG  CD   sing N N 113 
GLU CG  HG2  sing N N 114 
GLU CG  HG3  sing N N 115 
GLU CD  OE1  doub N N 116 
GLU CD  OE2  sing N N 117 
GLU OE2 HE2  sing N N 118 
GLU OXT HXT  sing N N 119 
GLY N   CA   sing N N 120 
GLY N   H    sing N N 121 
GLY N   H2   sing N N 122 
GLY CA  C    sing N N 123 
GLY CA  HA2  sing N N 124 
GLY CA  HA3  sing N N 125 
GLY C   O    doub N N 126 
GLY C   OXT  sing N N 127 
GLY OXT HXT  sing N N 128 
HIS N   CA   sing N N 129 
HIS N   H    sing N N 130 
HIS N   H2   sing N N 131 
HIS CA  C    sing N N 132 
HIS CA  CB   sing N N 133 
HIS CA  HA   sing N N 134 
HIS C   O    doub N N 135 
HIS C   OXT  sing N N 136 
HIS CB  CG   sing N N 137 
HIS CB  HB2  sing N N 138 
HIS CB  HB3  sing N N 139 
HIS CG  ND1  sing Y N 140 
HIS CG  CD2  doub Y N 141 
HIS ND1 CE1  doub Y N 142 
HIS ND1 HD1  sing N N 143 
HIS CD2 NE2  sing Y N 144 
HIS CD2 HD2  sing N N 145 
HIS CE1 NE2  sing Y N 146 
HIS CE1 HE1  sing N N 147 
HIS NE2 HE2  sing N N 148 
HIS OXT HXT  sing N N 149 
HOH O   H1   sing N N 150 
HOH O   H2   sing N N 151 
ILE N   CA   sing N N 152 
ILE N   H    sing N N 153 
ILE N   H2   sing N N 154 
ILE CA  C    sing N N 155 
ILE CA  CB   sing N N 156 
ILE CA  HA   sing N N 157 
ILE C   O    doub N N 158 
ILE C   OXT  sing N N 159 
ILE CB  CG1  sing N N 160 
ILE CB  CG2  sing N N 161 
ILE CB  HB   sing N N 162 
ILE CG1 CD1  sing N N 163 
ILE CG1 HG12 sing N N 164 
ILE CG1 HG13 sing N N 165 
ILE CG2 HG21 sing N N 166 
ILE CG2 HG22 sing N N 167 
ILE CG2 HG23 sing N N 168 
ILE CD1 HD11 sing N N 169 
ILE CD1 HD12 sing N N 170 
ILE CD1 HD13 sing N N 171 
ILE OXT HXT  sing N N 172 
LEU N   CA   sing N N 173 
LEU N   H    sing N N 174 
LEU N   H2   sing N N 175 
LEU CA  C    sing N N 176 
LEU CA  CB   sing N N 177 
LEU CA  HA   sing N N 178 
LEU C   O    doub N N 179 
LEU C   OXT  sing N N 180 
LEU CB  CG   sing N N 181 
LEU CB  HB2  sing N N 182 
LEU CB  HB3  sing N N 183 
LEU CG  CD1  sing N N 184 
LEU CG  CD2  sing N N 185 
LEU CG  HG   sing N N 186 
LEU CD1 HD11 sing N N 187 
LEU CD1 HD12 sing N N 188 
LEU CD1 HD13 sing N N 189 
LEU CD2 HD21 sing N N 190 
LEU CD2 HD22 sing N N 191 
LEU CD2 HD23 sing N N 192 
LEU OXT HXT  sing N N 193 
LYS N   CA   sing N N 194 
LYS N   H    sing N N 195 
LYS N   H2   sing N N 196 
LYS CA  C    sing N N 197 
LYS CA  CB   sing N N 198 
LYS CA  HA   sing N N 199 
LYS C   O    doub N N 200 
LYS C   OXT  sing N N 201 
LYS CB  CG   sing N N 202 
LYS CB  HB2  sing N N 203 
LYS CB  HB3  sing N N 204 
LYS CG  CD   sing N N 205 
LYS CG  HG2  sing N N 206 
LYS CG  HG3  sing N N 207 
LYS CD  CE   sing N N 208 
LYS CD  HD2  sing N N 209 
LYS CD  HD3  sing N N 210 
LYS CE  NZ   sing N N 211 
LYS CE  HE2  sing N N 212 
LYS CE  HE3  sing N N 213 
LYS NZ  HZ1  sing N N 214 
LYS NZ  HZ2  sing N N 215 
LYS NZ  HZ3  sing N N 216 
LYS OXT HXT  sing N N 217 
MET N   CA   sing N N 218 
MET N   H    sing N N 219 
MET N   H2   sing N N 220 
MET CA  C    sing N N 221 
MET CA  CB   sing N N 222 
MET CA  HA   sing N N 223 
MET C   O    doub N N 224 
MET C   OXT  sing N N 225 
MET CB  CG   sing N N 226 
MET CB  HB2  sing N N 227 
MET CB  HB3  sing N N 228 
MET CG  SD   sing N N 229 
MET CG  HG2  sing N N 230 
MET CG  HG3  sing N N 231 
MET SD  CE   sing N N 232 
MET CE  HE1  sing N N 233 
MET CE  HE2  sing N N 234 
MET CE  HE3  sing N N 235 
MET OXT HXT  sing N N 236 
PHE N   CA   sing N N 237 
PHE N   H    sing N N 238 
PHE N   H2   sing N N 239 
PHE CA  C    sing N N 240 
PHE CA  CB   sing N N 241 
PHE CA  HA   sing N N 242 
PHE C   O    doub N N 243 
PHE C   OXT  sing N N 244 
PHE CB  CG   sing N N 245 
PHE CB  HB2  sing N N 246 
PHE CB  HB3  sing N N 247 
PHE CG  CD1  doub Y N 248 
PHE CG  CD2  sing Y N 249 
PHE CD1 CE1  sing Y N 250 
PHE CD1 HD1  sing N N 251 
PHE CD2 CE2  doub Y N 252 
PHE CD2 HD2  sing N N 253 
PHE CE1 CZ   doub Y N 254 
PHE CE1 HE1  sing N N 255 
PHE CE2 CZ   sing Y N 256 
PHE CE2 HE2  sing N N 257 
PHE CZ  HZ   sing N N 258 
PHE OXT HXT  sing N N 259 
PRO N   CA   sing N N 260 
PRO N   CD   sing N N 261 
PRO N   H    sing N N 262 
PRO CA  C    sing N N 263 
PRO CA  CB   sing N N 264 
PRO CA  HA   sing N N 265 
PRO C   O    doub N N 266 
PRO C   OXT  sing N N 267 
PRO CB  CG   sing N N 268 
PRO CB  HB2  sing N N 269 
PRO CB  HB3  sing N N 270 
PRO CG  CD   sing N N 271 
PRO CG  HG2  sing N N 272 
PRO CG  HG3  sing N N 273 
PRO CD  HD2  sing N N 274 
PRO CD  HD3  sing N N 275 
PRO OXT HXT  sing N N 276 
SER N   CA   sing N N 277 
SER N   H    sing N N 278 
SER N   H2   sing N N 279 
SER CA  C    sing N N 280 
SER CA  CB   sing N N 281 
SER CA  HA   sing N N 282 
SER C   O    doub N N 283 
SER C   OXT  sing N N 284 
SER CB  OG   sing N N 285 
SER CB  HB2  sing N N 286 
SER CB  HB3  sing N N 287 
SER OG  HG   sing N N 288 
SER OXT HXT  sing N N 289 
SO4 S   O1   doub N N 290 
SO4 S   O2   doub N N 291 
SO4 S   O3   sing N N 292 
SO4 S   O4   sing N N 293 
THR N   CA   sing N N 294 
THR N   H    sing N N 295 
THR N   H2   sing N N 296 
THR CA  C    sing N N 297 
THR CA  CB   sing N N 298 
THR CA  HA   sing N N 299 
THR C   O    doub N N 300 
THR C   OXT  sing N N 301 
THR CB  OG1  sing N N 302 
THR CB  CG2  sing N N 303 
THR CB  HB   sing N N 304 
THR OG1 HG1  sing N N 305 
THR CG2 HG21 sing N N 306 
THR CG2 HG22 sing N N 307 
THR CG2 HG23 sing N N 308 
THR OXT HXT  sing N N 309 
TRP N   CA   sing N N 310 
TRP N   H    sing N N 311 
TRP N   H2   sing N N 312 
TRP CA  C    sing N N 313 
TRP CA  CB   sing N N 314 
TRP CA  HA   sing N N 315 
TRP C   O    doub N N 316 
TRP C   OXT  sing N N 317 
TRP CB  CG   sing N N 318 
TRP CB  HB2  sing N N 319 
TRP CB  HB3  sing N N 320 
TRP CG  CD1  doub Y N 321 
TRP CG  CD2  sing Y N 322 
TRP CD1 NE1  sing Y N 323 
TRP CD1 HD1  sing N N 324 
TRP CD2 CE2  doub Y N 325 
TRP CD2 CE3  sing Y N 326 
TRP NE1 CE2  sing Y N 327 
TRP NE1 HE1  sing N N 328 
TRP CE2 CZ2  sing Y N 329 
TRP CE3 CZ3  doub Y N 330 
TRP CE3 HE3  sing N N 331 
TRP CZ2 CH2  doub Y N 332 
TRP CZ2 HZ2  sing N N 333 
TRP CZ3 CH2  sing Y N 334 
TRP CZ3 HZ3  sing N N 335 
TRP CH2 HH2  sing N N 336 
TRP OXT HXT  sing N N 337 
TYR N   CA   sing N N 338 
TYR N   H    sing N N 339 
TYR N   H2   sing N N 340 
TYR CA  C    sing N N 341 
TYR CA  CB   sing N N 342 
TYR CA  HA   sing N N 343 
TYR C   O    doub N N 344 
TYR C   OXT  sing N N 345 
TYR CB  CG   sing N N 346 
TYR CB  HB2  sing N N 347 
TYR CB  HB3  sing N N 348 
TYR CG  CD1  doub Y N 349 
TYR CG  CD2  sing Y N 350 
TYR CD1 CE1  sing Y N 351 
TYR CD1 HD1  sing N N 352 
TYR CD2 CE2  doub Y N 353 
TYR CD2 HD2  sing N N 354 
TYR CE1 CZ   doub Y N 355 
TYR CE1 HE1  sing N N 356 
TYR CE2 CZ   sing Y N 357 
TYR CE2 HE2  sing N N 358 
TYR CZ  OH   sing N N 359 
TYR OH  HH   sing N N 360 
TYR OXT HXT  sing N N 361 
VAL N   CA   sing N N 362 
VAL N   H    sing N N 363 
VAL N   H2   sing N N 364 
VAL CA  C    sing N N 365 
VAL CA  CB   sing N N 366 
VAL CA  HA   sing N N 367 
VAL C   O    doub N N 368 
VAL C   OXT  sing N N 369 
VAL CB  CG1  sing N N 370 
VAL CB  CG2  sing N N 371 
VAL CB  HB   sing N N 372 
VAL CG1 HG11 sing N N 373 
VAL CG1 HG12 sing N N 374 
VAL CG1 HG13 sing N N 375 
VAL CG2 HG21 sing N N 376 
VAL CG2 HG22 sing N N 377 
VAL CG2 HG23 sing N N 378 
VAL OXT HXT  sing N N 379 
# 
loop_
_pdbx_entity_nonpoly.entity_id 
_pdbx_entity_nonpoly.name 
_pdbx_entity_nonpoly.comp_id 
2 'SULFATE ION' SO4 
3 water         HOH 
# 
_pdbx_initial_refinement_model.id               1 
_pdbx_initial_refinement_model.entity_id_list   ? 
_pdbx_initial_refinement_model.type             'experimental model' 
_pdbx_initial_refinement_model.source_name      PDB 
_pdbx_initial_refinement_model.accession_code   1VQS 
_pdbx_initial_refinement_model.details          ? 
# 
